data_5OGW
#
_entry.id   5OGW
#
_cell.length_a   1.0
_cell.length_b   1.0
_cell.length_c   1.0
_cell.angle_alpha   90.00
_cell.angle_beta   90.00
_cell.angle_gamma   90.00
#
_symmetry.space_group_name_H-M   'P 1'
#
loop_
_entity.id
_entity.type
_entity.pdbx_description
1 polymer Actin-1
2 non-polymer "ADENOSINE-5'-DIPHOSPHATE"
3 non-polymer 'MAGNESIUM ION'
4 non-polymer Jasplakinolide
#
_entity_poly.entity_id   1
_entity_poly.type   'polypeptide(L)'
_entity_poly.pdbx_seq_one_letter_code
;GAMGEEDVQALVVDNGSGNVKAGVAGDDAPRSVFPSIVGRPKNPGIMVGMEEKDAFVGDEAQTKRGILTLKYPIEHGIVT
NWDDMEKIWHHTFYNELRAAPEEHPVLLTEAPLNPKGNRERMTQIMFESFNVPAMYVAIQAVLSLYSSGRTTGIVLDSGD
GVSHTVPIYEGYALPHAIMRLDLAGRDLTEYLMKILHERGYGFSTSAEKEIVRDIKEKLCYIALNFDEEMKTSEQSSDIE
KSYELPDGNIITVGNERFRCPEALFQPSFLGKEAAGIHTTTFNSIKKCDVDIRKDLYGNIVLSGGTTMYEGIGERLTRDI
TTLAPSTMKIKVVAPPERKYSVWIGGSILSSLSTFQQMWITKEEYDESGPSIVHRKCF
;
_entity_poly.pdbx_strand_id   A,B,C,D,E
#
loop_
_chem_comp.id
_chem_comp.type
_chem_comp.name
_chem_comp.formula
9UE non-polymer Jasplakinolide 'C36 H45 Br N4 O6'
ADP non-polymer ADENOSINE-5'-DIPHOSPHATE 'C10 H15 N5 O10 P2'
MG non-polymer 'MAGNESIUM ION' 'Mg 2'
#
# COMPACT_ATOMS: atom_id res chain seq x y z
N VAL A 8 23.75 -10.39 -29.51
CA VAL A 8 24.12 -11.54 -28.64
C VAL A 8 24.34 -11.14 -27.17
N GLN A 9 24.39 -9.85 -26.85
CA GLN A 9 24.42 -9.38 -25.48
C GLN A 9 23.07 -8.72 -25.16
N ALA A 10 22.32 -9.32 -24.24
CA ALA A 10 21.04 -8.77 -23.80
C ALA A 10 21.24 -7.91 -22.58
N LEU A 11 20.62 -6.72 -22.61
CA LEU A 11 20.78 -5.74 -21.56
C LEU A 11 19.58 -5.79 -20.60
N VAL A 12 19.83 -6.10 -19.35
CA VAL A 12 18.78 -6.39 -18.39
C VAL A 12 18.62 -5.24 -17.40
N VAL A 13 17.50 -4.55 -17.46
CA VAL A 13 17.17 -3.53 -16.47
C VAL A 13 15.85 -3.89 -15.80
N ASP A 14 15.91 -4.18 -14.52
CA ASP A 14 14.71 -4.43 -13.70
C ASP A 14 14.43 -3.21 -12.87
N ASN A 15 13.38 -2.46 -13.25
CA ASN A 15 12.95 -1.24 -12.55
C ASN A 15 12.08 -1.56 -11.38
N GLY A 16 12.66 -1.40 -10.20
CA GLY A 16 11.94 -1.56 -8.99
C GLY A 16 11.38 -0.21 -8.57
N SER A 17 10.83 -0.16 -7.38
CA SER A 17 10.53 1.11 -6.71
C SER A 17 11.54 1.27 -5.60
N GLY A 18 12.48 2.19 -5.77
CA GLY A 18 13.54 2.37 -4.79
C GLY A 18 14.80 1.54 -5.05
N ASN A 19 14.86 0.83 -6.17
CA ASN A 19 16.11 0.33 -6.70
C ASN A 19 16.02 0.18 -8.20
N VAL A 20 17.17 0.27 -8.86
CA VAL A 20 17.31 -0.03 -10.26
C VAL A 20 18.49 -0.97 -10.43
N LYS A 21 18.22 -2.20 -10.84
CA LYS A 21 19.26 -3.24 -10.94
C LYS A 21 19.47 -3.49 -12.42
N ALA A 22 20.62 -3.04 -12.93
CA ALA A 22 20.92 -3.12 -14.36
C ALA A 22 22.25 -3.78 -14.55
N GLY A 23 22.28 -4.83 -15.36
CA GLY A 23 23.51 -5.49 -15.74
C GLY A 23 23.28 -6.21 -17.07
N VAL A 24 24.34 -6.31 -17.87
CA VAL A 24 24.25 -6.97 -19.18
C VAL A 24 24.15 -8.49 -18.99
N ALA A 25 23.40 -9.14 -19.87
CA ALA A 25 23.08 -10.56 -19.76
C ALA A 25 24.33 -11.42 -19.68
N GLY A 26 24.19 -12.54 -18.98
CA GLY A 26 25.27 -13.50 -18.88
C GLY A 26 26.09 -13.38 -17.60
N ASP A 27 25.90 -12.29 -16.86
CA ASP A 27 26.59 -12.09 -15.58
C ASP A 27 25.78 -12.76 -14.46
N ASP A 28 26.46 -13.16 -13.39
CA ASP A 28 25.80 -13.87 -12.27
C ASP A 28 25.22 -12.91 -11.25
N ALA A 29 25.67 -11.66 -11.27
CA ALA A 29 25.14 -10.62 -10.39
C ALA A 29 25.21 -9.27 -11.12
N PRO A 30 24.24 -8.37 -10.86
CA PRO A 30 24.10 -7.16 -11.68
C PRO A 30 25.28 -6.20 -11.48
N ARG A 31 25.67 -5.52 -12.54
CA ARG A 31 26.78 -4.58 -12.48
C ARG A 31 26.45 -3.41 -11.61
N SER A 32 25.39 -2.68 -11.95
CA SER A 32 25.03 -1.46 -11.22
C SER A 32 23.78 -1.69 -10.37
N VAL A 33 23.93 -1.48 -9.07
CA VAL A 33 22.79 -1.48 -8.18
C VAL A 33 22.78 -0.13 -7.48
N PHE A 34 21.79 0.69 -7.77
CA PHE A 34 21.73 2.02 -7.15
C PHE A 34 20.27 2.36 -6.91
N PRO A 35 19.97 3.05 -5.82
CA PRO A 35 18.57 3.43 -5.55
C PRO A 35 18.08 4.37 -6.65
N SER A 36 16.76 4.30 -6.94
CA SER A 36 16.10 5.16 -7.94
C SER A 36 15.62 6.42 -7.28
N ILE A 37 16.39 7.49 -7.37
CA ILE A 37 16.05 8.72 -6.70
C ILE A 37 16.43 9.88 -7.57
N VAL A 38 15.55 10.86 -7.64
CA VAL A 38 15.84 12.08 -8.34
C VAL A 38 15.90 13.22 -7.33
N GLY A 39 17.11 13.63 -6.99
CA GLY A 39 17.28 14.75 -6.10
C GLY A 39 17.27 16.07 -6.86
N ARG A 40 16.60 17.08 -6.32
CA ARG A 40 16.75 18.43 -6.81
C ARG A 40 17.20 19.31 -5.65
N PRO A 41 18.41 19.90 -5.75
CA PRO A 41 18.91 20.68 -4.60
C PRO A 41 17.95 21.78 -4.25
N LYS A 42 17.55 21.83 -2.99
CA LYS A 42 16.47 22.76 -2.59
C LYS A 42 16.97 24.20 -2.48
N ASN A 43 18.10 24.39 -1.81
CA ASN A 43 18.62 25.72 -1.64
C ASN A 43 19.41 26.15 -2.88
N PRO A 44 19.69 27.45 -3.02
CA PRO A 44 20.49 27.92 -4.16
C PRO A 44 21.99 27.60 -3.98
N GLY A 45 22.67 27.25 -5.08
CA GLY A 45 24.14 27.06 -5.05
C GLY A 45 24.84 28.40 -4.96
N ILE A 46 26.01 28.44 -4.33
CA ILE A 46 26.75 29.72 -4.11
C ILE A 46 28.15 29.72 -4.75
N MET A 47 28.95 28.71 -4.41
CA MET A 47 30.36 28.71 -4.77
C MET A 47 30.47 28.73 -6.26
N VAL A 48 31.24 29.67 -6.78
CA VAL A 48 31.40 29.81 -8.23
C VAL A 48 32.42 28.78 -8.73
N GLY A 49 32.12 28.20 -9.89
CA GLY A 49 32.91 27.12 -10.46
C GLY A 49 32.40 25.72 -10.18
N MET A 50 31.58 25.53 -9.15
CA MET A 50 30.87 24.27 -8.92
C MET A 50 30.06 23.86 -10.17
N GLU A 51 29.98 22.56 -10.45
CA GLU A 51 29.15 22.03 -11.54
C GLU A 51 27.76 21.74 -11.01
N GLU A 52 26.76 22.49 -11.48
CA GLU A 52 25.40 22.37 -10.98
C GLU A 52 24.82 20.97 -11.17
N LYS A 53 24.72 20.53 -12.43
CA LYS A 53 24.02 19.31 -12.80
C LYS A 53 22.69 19.31 -12.07
N ASP A 54 21.76 20.12 -12.57
CA ASP A 54 20.62 20.54 -11.79
C ASP A 54 19.98 19.42 -10.95
N ALA A 55 19.68 18.29 -11.58
CA ALA A 55 18.99 17.19 -10.88
C ALA A 55 19.94 16.00 -10.77
N PHE A 56 20.40 15.74 -9.55
CA PHE A 56 21.20 14.55 -9.29
C PHE A 56 20.34 13.30 -9.41
N VAL A 57 20.99 12.16 -9.58
CA VAL A 57 20.27 10.90 -9.75
C VAL A 57 21.05 9.73 -9.17
N GLY A 58 20.32 8.82 -8.54
CA GLY A 58 20.88 7.61 -8.03
C GLY A 58 21.88 7.82 -6.92
N ASP A 59 22.90 7.00 -6.92
CA ASP A 59 23.81 6.91 -5.77
C ASP A 59 24.47 8.24 -5.48
N GLU A 60 24.88 8.93 -6.54
CA GLU A 60 25.45 10.26 -6.35
C GLU A 60 24.53 11.12 -5.49
N ALA A 61 23.22 11.04 -5.73
CA ALA A 61 22.27 11.88 -5.00
C ALA A 61 21.96 11.32 -3.62
N GLN A 62 22.36 10.10 -3.33
CA GLN A 62 22.22 9.61 -1.96
C GLN A 62 23.52 9.75 -1.19
N THR A 63 24.60 10.20 -1.83
CA THR A 63 25.82 10.55 -1.07
C THR A 63 25.65 11.93 -0.40
N LYS A 64 25.04 12.87 -1.10
CA LYS A 64 24.65 14.14 -0.53
C LYS A 64 23.12 14.17 -0.47
N ARG A 65 22.55 13.80 0.65
CA ARG A 65 21.11 13.91 0.85
C ARG A 65 20.73 15.09 1.71
N GLY A 66 21.70 15.79 2.29
CA GLY A 66 21.38 16.94 3.15
C GLY A 66 20.92 18.17 2.36
N ILE A 67 21.44 18.31 1.15
CA ILE A 67 21.09 19.45 0.28
C ILE A 67 19.83 19.19 -0.55
N LEU A 68 19.43 17.92 -0.68
CA LEU A 68 18.49 17.54 -1.71
C LEU A 68 17.15 17.18 -1.13
N THR A 69 16.13 17.42 -1.93
CA THR A 69 14.79 16.93 -1.66
C THR A 69 14.49 15.78 -2.61
N LEU A 70 14.48 14.58 -2.06
CA LEU A 70 14.44 13.36 -2.89
C LEU A 70 13.00 13.07 -3.23
N LYS A 71 12.78 12.66 -4.48
CA LYS A 71 11.48 12.25 -4.93
C LYS A 71 11.62 10.90 -5.66
N TYR A 72 11.08 9.85 -5.08
CA TYR A 72 11.02 8.57 -5.77
C TYR A 72 10.01 8.70 -6.93
N PRO A 73 10.44 8.41 -8.17
CA PRO A 73 9.52 8.47 -9.31
C PRO A 73 8.56 7.28 -9.40
N ILE A 74 8.84 6.19 -8.68
CA ILE A 74 7.99 5.02 -8.69
C ILE A 74 7.35 4.88 -7.31
N GLU A 75 6.03 4.86 -7.26
CA GLU A 75 5.29 4.64 -6.03
C GLU A 75 4.28 3.54 -6.26
N HIS A 76 4.50 2.42 -5.60
CA HIS A 76 3.69 1.19 -5.83
C HIS A 76 3.79 0.74 -7.27
N GLY A 77 5.02 0.65 -7.77
CA GLY A 77 5.29 0.07 -9.07
C GLY A 77 4.68 0.79 -10.28
N ILE A 78 4.07 1.96 -10.07
CA ILE A 78 3.40 2.69 -11.10
C ILE A 78 3.98 4.10 -11.22
N VAL A 79 4.58 4.39 -12.37
CA VAL A 79 5.32 5.64 -12.54
C VAL A 79 4.39 6.80 -12.27
N THR A 80 4.74 7.62 -11.28
CA THR A 80 3.97 8.81 -10.98
C THR A 80 4.43 9.95 -11.85
N ASN A 81 5.75 10.09 -12.01
CA ASN A 81 6.33 11.23 -12.72
C ASN A 81 7.33 10.75 -13.74
N TRP A 82 7.03 10.96 -15.03
CA TRP A 82 7.83 10.34 -16.08
C TRP A 82 9.19 10.99 -16.27
N ASP A 83 9.22 12.31 -16.32
CA ASP A 83 10.48 13.02 -16.54
C ASP A 83 11.55 12.43 -15.59
N ASP A 84 11.19 12.29 -14.32
CA ASP A 84 12.11 11.73 -13.37
C ASP A 84 12.64 10.37 -13.77
N MET A 85 11.74 9.44 -14.06
CA MET A 85 12.18 8.09 -14.44
C MET A 85 13.08 8.11 -15.67
N GLU A 86 12.57 8.72 -16.73
CA GLU A 86 13.34 8.87 -17.97
C GLU A 86 14.79 9.30 -17.63
N LYS A 87 14.88 10.34 -16.81
CA LYS A 87 16.19 10.76 -16.34
C LYS A 87 16.95 9.61 -15.65
N ILE A 88 16.27 8.84 -14.82
CA ILE A 88 16.95 7.72 -14.15
C ILE A 88 17.54 6.74 -15.18
N TRP A 89 16.71 6.19 -16.04
CA TRP A 89 17.24 5.29 -17.06
C TRP A 89 18.46 5.90 -17.74
N HIS A 90 18.29 7.15 -18.21
CA HIS A 90 19.41 7.84 -18.85
C HIS A 90 20.69 7.68 -17.99
N HIS A 91 20.57 7.96 -16.71
CA HIS A 91 21.69 7.74 -15.81
C HIS A 91 22.20 6.29 -15.88
N THR A 92 21.29 5.34 -15.95
CA THR A 92 21.69 3.94 -16.03
C THR A 92 22.56 3.69 -17.26
N PHE A 93 21.95 3.75 -18.45
CA PHE A 93 22.64 3.35 -19.65
C PHE A 93 23.96 4.08 -19.83
N TYR A 94 23.97 5.39 -19.61
CA TYR A 94 25.19 6.17 -19.84
C TYR A 94 26.19 6.11 -18.70
N ASN A 95 25.77 6.52 -17.50
CA ASN A 95 26.74 6.68 -16.41
C ASN A 95 27.10 5.38 -15.71
N GLU A 96 26.33 4.32 -15.85
CA GLU A 96 26.71 3.12 -15.13
C GLU A 96 26.81 1.82 -15.91
N LEU A 97 25.72 1.35 -16.51
CA LEU A 97 25.87 0.23 -17.46
C LEU A 97 26.96 0.48 -18.51
N ARG A 98 27.17 1.74 -18.93
CA ARG A 98 28.16 2.13 -19.94
C ARG A 98 27.92 1.45 -21.28
N ALA A 99 26.67 1.05 -21.51
CA ALA A 99 26.28 0.44 -22.77
C ALA A 99 25.49 1.46 -23.57
N ALA A 100 25.50 1.31 -24.88
CA ALA A 100 24.73 2.22 -25.73
C ALA A 100 23.27 1.78 -25.72
N PRO A 101 22.35 2.73 -25.94
CA PRO A 101 20.94 2.30 -26.10
C PRO A 101 20.68 1.55 -27.41
N GLU A 102 21.29 2.01 -28.50
CA GLU A 102 20.94 1.55 -29.83
C GLU A 102 21.59 0.20 -30.16
N GLU A 103 22.61 -0.18 -29.41
CA GLU A 103 23.37 -1.37 -29.75
C GLU A 103 22.66 -2.65 -29.32
N HIS A 104 22.03 -2.62 -28.15
CA HIS A 104 21.57 -3.85 -27.54
C HIS A 104 20.09 -3.89 -27.35
N PRO A 105 19.52 -5.10 -27.36
CA PRO A 105 18.14 -5.25 -26.86
C PRO A 105 18.14 -5.23 -25.32
N VAL A 106 17.07 -4.67 -24.76
CA VAL A 106 16.98 -4.46 -23.34
C VAL A 106 15.70 -5.12 -22.82
N LEU A 107 15.79 -5.64 -21.60
CA LEU A 107 14.67 -6.32 -20.96
C LEU A 107 14.21 -5.51 -19.74
N LEU A 108 13.04 -4.89 -19.86
CA LEU A 108 12.45 -4.11 -18.77
C LEU A 108 11.48 -4.99 -18.01
N THR A 109 11.38 -4.73 -16.72
CA THR A 109 10.57 -5.57 -15.84
C THR A 109 9.42 -4.77 -15.23
N GLU A 110 8.28 -5.45 -15.00
CA GLU A 110 7.04 -4.80 -14.62
C GLU A 110 6.28 -5.64 -13.63
N ALA A 111 5.36 -5.01 -12.91
CA ALA A 111 4.57 -5.65 -11.89
C ALA A 111 3.23 -6.21 -12.45
N PRO A 112 2.83 -7.39 -12.00
CA PRO A 112 1.54 -7.93 -12.42
C PRO A 112 0.39 -6.97 -12.15
N LEU A 113 -0.68 -7.09 -12.94
CA LEU A 113 -1.84 -6.21 -12.83
C LEU A 113 -1.47 -4.73 -12.83
N ASN A 114 -0.53 -4.37 -13.67
CA ASN A 114 -0.03 -3.02 -13.69
C ASN A 114 -0.71 -2.22 -14.80
N PRO A 115 -1.16 -1.02 -14.49
CA PRO A 115 -1.96 -0.26 -15.48
C PRO A 115 -1.33 -0.24 -16.85
N LYS A 116 -2.15 -0.37 -17.88
CA LYS A 116 -1.66 -0.39 -19.23
C LYS A 116 -0.73 0.78 -19.50
N GLY A 117 -1.03 1.93 -18.88
CA GLY A 117 -0.23 3.13 -19.09
C GLY A 117 1.26 2.87 -18.95
N ASN A 118 1.66 2.08 -17.95
CA ASN A 118 3.09 1.87 -17.73
C ASN A 118 3.71 1.04 -18.81
N ARG A 119 3.04 0.01 -19.28
CA ARG A 119 3.57 -0.69 -20.44
C ARG A 119 3.69 0.25 -21.65
N GLU A 120 2.53 0.73 -22.12
CA GLU A 120 2.53 1.51 -23.36
C GLU A 120 3.59 2.62 -23.29
N ARG A 121 3.44 3.50 -22.31
CA ARG A 121 4.32 4.66 -22.25
C ARG A 121 5.76 4.27 -21.94
N MET A 122 5.96 3.16 -21.25
CA MET A 122 7.32 2.70 -20.98
C MET A 122 8.06 2.36 -22.27
N THR A 123 7.48 1.44 -23.06
CA THR A 123 8.13 1.14 -24.34
C THR A 123 8.20 2.40 -25.19
N GLN A 124 7.09 3.11 -25.36
CA GLN A 124 7.10 4.30 -26.19
C GLN A 124 8.30 5.18 -25.85
N ILE A 125 8.59 5.35 -24.56
CA ILE A 125 9.76 6.10 -24.16
C ILE A 125 11.06 5.34 -24.47
N MET A 126 10.99 4.03 -24.61
CA MET A 126 12.20 3.29 -24.96
C MET A 126 12.54 3.38 -26.43
N PHE A 127 11.55 3.27 -27.31
CA PHE A 127 11.80 3.36 -28.74
C PHE A 127 11.91 4.78 -29.24
N GLU A 128 11.01 5.67 -28.83
CA GLU A 128 11.01 7.05 -29.36
C GLU A 128 12.17 7.94 -28.87
N SER A 129 12.32 8.14 -27.55
CA SER A 129 13.40 9.01 -27.01
C SER A 129 14.79 8.34 -26.97
N PHE A 130 14.93 7.24 -26.22
CA PHE A 130 16.05 6.33 -26.43
C PHE A 130 15.76 5.62 -27.77
N ASN A 131 16.79 5.05 -28.38
CA ASN A 131 16.61 4.20 -29.55
C ASN A 131 17.12 2.83 -29.20
N VAL A 132 16.24 1.83 -29.28
CA VAL A 132 16.55 0.45 -28.92
C VAL A 132 16.15 -0.50 -30.04
N PRO A 133 16.97 -1.54 -30.31
CA PRO A 133 16.59 -2.45 -31.39
C PRO A 133 15.38 -3.33 -31.06
N ALA A 134 15.33 -3.85 -29.83
CA ALA A 134 14.26 -4.70 -29.41
C ALA A 134 14.07 -4.62 -27.91
N MET A 135 12.88 -5.01 -27.45
CA MET A 135 12.48 -4.80 -26.08
C MET A 135 11.45 -5.79 -25.64
N TYR A 136 11.43 -6.09 -24.35
CA TYR A 136 10.44 -7.00 -23.83
C TYR A 136 10.29 -6.76 -22.34
N VAL A 137 9.05 -6.85 -21.84
CA VAL A 137 8.75 -6.49 -20.45
C VAL A 137 8.03 -7.65 -19.80
N ALA A 138 8.69 -8.28 -18.83
CA ALA A 138 8.16 -9.50 -18.20
C ALA A 138 7.75 -9.24 -16.76
N ILE A 139 6.76 -9.98 -16.32
CA ILE A 139 6.27 -9.91 -14.96
C ILE A 139 7.40 -10.31 -14.00
N GLN A 140 7.64 -9.50 -12.97
CA GLN A 140 8.75 -9.77 -12.06
C GLN A 140 8.65 -11.20 -11.47
N ALA A 141 7.47 -11.52 -10.94
CA ALA A 141 7.28 -12.78 -10.25
C ALA A 141 7.84 -13.93 -11.08
N VAL A 142 7.36 -14.09 -12.31
CA VAL A 142 7.74 -15.22 -13.13
C VAL A 142 9.26 -15.23 -13.33
N LEU A 143 9.84 -14.05 -13.55
CA LEU A 143 11.28 -14.01 -13.78
C LEU A 143 12.02 -14.57 -12.56
N SER A 144 11.54 -14.27 -11.35
CA SER A 144 12.20 -14.85 -10.19
C SER A 144 12.22 -16.39 -10.27
N LEU A 145 11.23 -16.95 -10.96
CA LEU A 145 11.05 -18.40 -10.96
C LEU A 145 12.09 -19.09 -11.82
N TYR A 146 12.45 -18.49 -12.95
CA TYR A 146 13.63 -18.95 -13.70
C TYR A 146 14.86 -19.01 -12.79
N SER A 147 15.13 -17.89 -12.11
CA SER A 147 16.27 -17.86 -11.19
C SER A 147 16.23 -19.06 -10.24
N SER A 148 15.08 -19.30 -9.62
CA SER A 148 15.00 -20.46 -8.73
C SER A 148 15.16 -21.78 -9.49
N GLY A 149 15.18 -21.70 -10.82
CA GLY A 149 15.52 -22.86 -11.64
C GLY A 149 14.53 -24.01 -11.58
N ARG A 150 13.40 -23.82 -10.90
CA ARG A 150 12.37 -24.86 -10.79
C ARG A 150 11.15 -24.41 -11.58
N THR A 151 10.38 -25.35 -12.12
CA THR A 151 9.31 -25.00 -13.04
C THR A 151 7.95 -24.76 -12.37
N THR A 152 7.83 -25.02 -11.07
CA THR A 152 6.53 -24.90 -10.41
C THR A 152 6.71 -24.26 -9.04
N GLY A 153 5.86 -23.29 -8.74
CA GLY A 153 5.77 -22.77 -7.39
C GLY A 153 5.12 -21.40 -7.38
N ILE A 154 4.68 -20.99 -6.21
CA ILE A 154 4.30 -19.61 -5.97
C ILE A 154 5.60 -18.82 -5.92
N VAL A 155 5.60 -17.67 -6.57
CA VAL A 155 6.70 -16.71 -6.43
C VAL A 155 6.09 -15.50 -5.79
N LEU A 156 6.34 -15.29 -4.50
CA LEU A 156 5.84 -14.08 -3.84
C LEU A 156 6.99 -13.17 -3.50
N ASP A 157 7.07 -12.05 -4.21
CA ASP A 157 8.13 -11.07 -3.96
C ASP A 157 7.52 -9.84 -3.34
N SER A 158 8.32 -9.08 -2.61
CA SER A 158 7.87 -7.77 -2.22
C SER A 158 9.03 -6.80 -2.39
N GLY A 159 8.88 -5.88 -3.34
CA GLY A 159 9.79 -4.74 -3.47
C GLY A 159 9.12 -3.52 -2.88
N ASP A 160 9.86 -2.45 -2.71
CA ASP A 160 9.32 -1.26 -2.04
C ASP A 160 7.91 -0.91 -2.51
N GLY A 161 7.65 -1.03 -3.81
CA GLY A 161 6.36 -0.62 -4.32
C GLY A 161 5.24 -1.62 -4.04
N VAL A 162 5.49 -2.89 -4.38
CA VAL A 162 4.42 -3.86 -4.61
C VAL A 162 4.87 -5.23 -4.15
N SER A 163 3.89 -6.06 -3.82
CA SER A 163 4.19 -7.45 -3.48
C SER A 163 3.28 -8.37 -4.28
N HIS A 164 3.88 -9.18 -5.15
CA HIS A 164 3.14 -10.08 -6.03
C HIS A 164 3.04 -11.45 -5.40
N THR A 165 1.94 -12.14 -5.68
CA THR A 165 1.91 -13.58 -5.59
C THR A 165 1.49 -14.11 -6.94
N VAL A 166 2.40 -14.70 -7.70
CA VAL A 166 2.02 -15.27 -8.99
C VAL A 166 2.27 -16.77 -8.96
N PRO A 167 1.22 -17.59 -8.79
CA PRO A 167 1.47 -19.02 -8.87
C PRO A 167 1.70 -19.46 -10.32
N ILE A 168 2.38 -20.59 -10.48
CA ILE A 168 2.59 -21.19 -11.78
C ILE A 168 2.61 -22.69 -11.55
N TYR A 169 2.06 -23.45 -12.47
CA TYR A 169 2.14 -24.92 -12.40
C TYR A 169 2.83 -25.48 -13.64
N GLU A 170 3.99 -26.09 -13.44
CA GLU A 170 4.70 -26.81 -14.50
C GLU A 170 4.73 -26.01 -15.81
N GLY A 171 5.18 -24.77 -15.70
CA GLY A 171 5.40 -23.96 -16.88
C GLY A 171 4.21 -23.13 -17.29
N TYR A 172 3.01 -23.51 -16.87
CA TYR A 172 1.82 -22.71 -17.21
C TYR A 172 1.51 -21.73 -16.09
N ALA A 173 1.14 -20.51 -16.48
CA ALA A 173 0.78 -19.48 -15.51
C ALA A 173 -0.73 -19.38 -15.36
N LEU A 174 -1.16 -19.07 -14.16
CA LEU A 174 -2.57 -18.94 -13.84
C LEU A 174 -2.93 -17.46 -13.73
N PRO A 175 -3.55 -16.88 -14.77
CA PRO A 175 -3.86 -15.48 -14.74
C PRO A 175 -4.90 -15.04 -13.73
N HIS A 176 -5.78 -15.94 -13.33
CA HIS A 176 -6.82 -15.58 -12.38
C HIS A 176 -6.32 -15.66 -10.93
N ALA A 177 -5.19 -16.33 -10.71
CA ALA A 177 -4.69 -16.51 -9.34
C ALA A 177 -3.88 -15.30 -8.87
N ILE A 178 -3.24 -14.59 -9.81
CA ILE A 178 -2.33 -13.51 -9.46
C ILE A 178 -2.97 -12.60 -8.42
N MET A 179 -2.18 -12.17 -7.45
CA MET A 179 -2.71 -11.34 -6.40
C MET A 179 -1.63 -10.40 -5.92
N ARG A 180 -1.96 -9.11 -5.95
CA ARG A 180 -1.04 -8.06 -5.52
C ARG A 180 -1.53 -7.38 -4.25
N LEU A 181 -0.59 -7.20 -3.34
CA LEU A 181 -0.84 -6.44 -2.17
C LEU A 181 0.14 -5.27 -2.25
N ASP A 182 -0.15 -4.16 -1.57
CA ASP A 182 0.65 -2.93 -1.64
C ASP A 182 1.58 -2.65 -0.44
N LEU A 183 1.64 -3.60 0.49
CA LEU A 183 2.55 -3.54 1.63
C LEU A 183 3.92 -3.96 1.16
N ALA A 184 4.91 -3.09 1.37
CA ALA A 184 6.23 -3.30 0.81
C ALA A 184 7.24 -2.53 1.64
N GLY A 185 8.46 -2.45 1.14
CA GLY A 185 9.51 -1.76 1.88
C GLY A 185 9.15 -0.33 2.28
N ARG A 186 8.51 0.42 1.37
CA ARG A 186 8.26 1.83 1.62
C ARG A 186 7.11 2.08 2.58
N ASP A 187 6.20 1.13 2.69
CA ASP A 187 5.16 1.23 3.73
C ASP A 187 5.68 0.79 5.06
N LEU A 188 6.70 -0.06 5.08
CA LEU A 188 7.32 -0.45 6.34
C LEU A 188 8.29 0.62 6.80
N THR A 189 8.88 1.41 5.92
CA THR A 189 9.66 2.55 6.40
C THR A 189 8.71 3.68 6.80
N GLU A 190 7.78 4.06 5.92
CA GLU A 190 6.86 5.13 6.27
C GLU A 190 6.04 4.76 7.51
N TYR A 191 5.96 3.48 7.83
CA TYR A 191 5.40 3.07 9.12
C TYR A 191 6.43 3.15 10.24
N LEU A 192 7.65 2.72 9.95
CA LEU A 192 8.68 2.69 10.99
C LEU A 192 8.89 4.09 11.58
N MET A 193 8.50 5.14 10.86
CA MET A 193 8.48 6.46 11.46
C MET A 193 7.34 6.60 12.44
N LYS A 194 6.10 6.31 12.02
CA LYS A 194 4.98 6.46 12.93
C LYS A 194 5.22 5.73 14.23
N ILE A 195 5.95 4.61 14.19
CA ILE A 195 6.27 3.90 15.42
C ILE A 195 7.48 4.58 16.08
N LEU A 196 8.49 4.95 15.31
CA LEU A 196 9.73 5.42 15.92
C LEU A 196 9.49 6.70 16.71
N HIS A 197 8.52 7.51 16.29
CA HIS A 197 8.08 8.65 17.11
C HIS A 197 7.84 8.23 18.55
N GLU A 198 7.26 7.03 18.75
CA GLU A 198 6.95 6.55 20.09
C GLU A 198 8.14 6.65 21.04
N ARG A 199 9.37 6.42 20.54
CA ARG A 199 10.61 6.45 21.36
C ARG A 199 11.18 7.82 21.58
N GLY A 200 10.57 8.82 20.96
CA GLY A 200 11.08 10.19 21.10
C GLY A 200 11.90 10.67 19.91
N TYR A 201 12.38 9.76 19.09
CA TYR A 201 13.01 10.12 17.82
C TYR A 201 11.92 10.60 16.90
N GLY A 202 12.29 11.32 15.87
CA GLY A 202 11.32 11.61 14.83
C GLY A 202 11.97 12.08 13.56
N PHE A 203 11.45 11.65 12.41
CA PHE A 203 12.05 11.94 11.12
C PHE A 203 10.94 12.48 10.21
N SER A 204 10.97 13.78 9.93
CA SER A 204 9.95 14.42 9.09
C SER A 204 10.36 14.53 7.62
N THR A 205 11.63 14.29 7.30
CA THR A 205 12.18 14.73 6.01
C THR A 205 12.61 13.54 5.16
N SER A 206 12.72 13.75 3.85
CA SER A 206 13.05 12.65 2.96
C SER A 206 14.40 12.00 3.33
N ALA A 207 15.45 12.80 3.29
CA ALA A 207 16.77 12.30 3.65
C ALA A 207 16.67 11.45 4.94
N GLU A 208 16.00 12.00 5.94
CA GLU A 208 15.80 11.29 7.17
C GLU A 208 15.03 10.01 6.93
N LYS A 209 14.10 9.99 5.97
CA LYS A 209 13.39 8.73 5.74
C LYS A 209 14.39 7.67 5.33
N GLU A 210 15.34 8.01 4.48
CA GLU A 210 16.34 7.02 4.08
C GLU A 210 17.19 6.56 5.25
N ILE A 211 17.56 7.47 6.14
CA ILE A 211 18.19 7.03 7.38
C ILE A 211 17.33 5.93 8.03
N VAL A 212 16.01 6.19 8.12
CA VAL A 212 15.15 5.15 8.63
C VAL A 212 15.38 3.85 7.88
N ARG A 213 15.23 3.87 6.57
CA ARG A 213 15.36 2.66 5.78
C ARG A 213 16.59 1.88 6.16
N ASP A 214 17.69 2.57 6.41
CA ASP A 214 18.87 1.87 6.94
C ASP A 214 18.56 1.21 8.27
N ILE A 215 17.98 1.95 9.22
CA ILE A 215 17.58 1.31 10.47
C ILE A 215 16.82 -0.01 10.21
N LYS A 216 15.83 0.09 9.34
CA LYS A 216 15.01 -1.07 9.01
C LYS A 216 15.89 -2.21 8.53
N GLU A 217 16.73 -1.96 7.53
CA GLU A 217 17.53 -3.05 6.97
C GLU A 217 18.41 -3.71 8.02
N LYS A 218 19.10 -2.89 8.82
CA LYS A 218 20.07 -3.51 9.75
C LYS A 218 19.40 -4.16 10.96
N LEU A 219 18.52 -3.44 11.66
CA LEU A 219 18.12 -3.85 13.02
C LEU A 219 16.83 -4.61 13.13
N CYS A 220 16.18 -4.91 12.01
CA CYS A 220 14.82 -5.46 12.07
C CYS A 220 14.81 -6.96 11.85
N TYR A 221 14.11 -7.69 12.71
CA TYR A 221 13.83 -9.13 12.47
C TYR A 221 12.35 -9.35 12.64
N ILE A 222 11.89 -10.51 12.19
CA ILE A 222 10.48 -10.90 12.24
C ILE A 222 10.28 -11.97 13.28
N ALA A 223 9.38 -11.73 14.22
CA ALA A 223 9.12 -12.65 15.31
C ALA A 223 8.53 -13.97 14.81
N LEU A 224 8.87 -15.07 15.47
CA LEU A 224 8.13 -16.32 15.28
C LEU A 224 6.67 -16.12 15.62
N ASN A 225 6.38 -15.88 16.92
CA ASN A 225 5.03 -15.58 17.37
C ASN A 225 5.05 -14.23 18.03
N PHE A 226 4.37 -13.27 17.41
CA PHE A 226 4.43 -11.87 17.83
C PHE A 226 3.88 -11.67 19.24
N ASP A 227 2.69 -12.20 19.50
CA ASP A 227 2.11 -12.12 20.83
C ASP A 227 3.10 -12.57 21.90
N GLU A 228 3.92 -13.56 21.58
CA GLU A 228 4.96 -13.98 22.53
C GLU A 228 5.93 -12.82 22.76
N GLU A 229 6.55 -12.31 21.70
CA GLU A 229 7.67 -11.41 21.86
C GLU A 229 7.24 -10.08 22.48
N MET A 230 6.01 -9.62 22.17
CA MET A 230 5.52 -8.42 22.85
C MET A 230 5.58 -8.57 24.37
N LYS A 231 5.43 -9.80 24.86
CA LYS A 231 5.63 -10.05 26.28
C LYS A 231 7.12 -10.21 26.59
N THR A 232 7.87 -10.86 25.71
CA THR A 232 9.28 -11.09 25.99
C THR A 232 10.09 -9.79 26.07
N SER A 233 9.56 -8.70 25.56
CA SER A 233 10.27 -7.44 25.63
C SER A 233 10.04 -6.64 26.89
N GLU A 234 9.17 -7.09 27.80
CA GLU A 234 9.02 -6.43 29.11
C GLU A 234 10.32 -6.43 29.91
N GLN A 235 11.06 -7.53 29.82
CA GLN A 235 12.39 -7.66 30.40
C GLN A 235 13.42 -7.62 29.27
N SER A 236 14.07 -6.46 29.10
CA SER A 236 14.81 -6.12 27.86
C SER A 236 16.29 -6.32 28.08
N SER A 237 16.85 -7.32 27.42
CA SER A 237 18.29 -7.61 27.52
C SER A 237 19.02 -7.32 26.23
N ASP A 238 18.90 -8.24 25.25
CA ASP A 238 19.61 -8.11 23.98
C ASP A 238 18.70 -7.58 22.88
N ILE A 239 17.43 -7.26 23.19
CA ILE A 239 16.51 -6.86 22.14
C ILE A 239 16.81 -5.47 21.63
N GLU A 240 17.26 -4.59 22.52
CA GLU A 240 17.54 -3.23 22.12
C GLU A 240 18.93 -3.15 21.53
N LYS A 241 19.01 -2.76 20.25
CA LYS A 241 20.27 -2.62 19.58
C LYS A 241 20.49 -1.16 19.28
N SER A 242 21.73 -0.74 19.46
CA SER A 242 22.09 0.64 19.35
C SER A 242 22.58 0.93 17.91
N TYR A 243 21.86 1.79 17.20
CA TYR A 243 22.22 2.19 15.84
C TYR A 243 22.86 3.56 15.92
N GLU A 244 23.86 3.79 15.07
CA GLU A 244 24.69 4.99 15.14
C GLU A 244 24.52 5.81 13.86
N LEU A 245 23.94 7.00 13.97
CA LEU A 245 23.55 7.79 12.82
C LEU A 245 24.76 8.32 12.04
N PRO A 246 24.51 8.82 10.82
CA PRO A 246 25.52 9.69 10.18
C PRO A 246 25.90 10.88 11.09
N ASP A 247 24.95 11.41 11.84
CA ASP A 247 25.22 12.46 12.79
C ASP A 247 26.30 12.06 13.78
N GLY A 248 26.28 10.82 14.23
CA GLY A 248 27.14 10.39 15.33
C GLY A 248 26.37 10.18 16.62
N ASN A 249 25.17 10.74 16.72
CA ASN A 249 24.30 10.44 17.85
C ASN A 249 23.94 8.96 17.84
N ILE A 250 23.65 8.41 19.01
CA ILE A 250 23.42 6.98 19.17
C ILE A 250 21.94 6.74 19.52
N ILE A 251 21.20 6.18 18.57
CA ILE A 251 19.82 5.78 18.76
C ILE A 251 19.80 4.43 19.47
N THR A 252 18.69 4.14 20.15
CA THR A 252 18.41 2.80 20.62
C THR A 252 16.97 2.43 20.32
N VAL A 253 16.78 1.43 19.48
CA VAL A 253 15.46 1.03 19.05
C VAL A 253 14.97 -0.16 19.87
N GLY A 254 13.73 -0.04 20.35
CA GLY A 254 13.12 -1.04 21.21
C GLY A 254 12.34 -2.11 20.45
N ASN A 255 11.14 -2.43 20.93
CA ASN A 255 10.22 -3.32 20.21
C ASN A 255 10.21 -3.02 18.73
N GLU A 256 10.41 -1.74 18.37
CA GLU A 256 10.28 -1.27 17.03
C GLU A 256 10.97 -2.22 16.04
N ARG A 257 12.00 -2.93 16.51
CA ARG A 257 12.67 -3.87 15.63
C ARG A 257 11.70 -4.90 15.03
N PHE A 258 10.99 -5.65 15.85
CA PHE A 258 10.15 -6.71 15.31
C PHE A 258 8.71 -6.32 15.06
N ARG A 259 8.25 -5.17 15.54
CA ARG A 259 6.87 -4.76 15.24
C ARG A 259 6.84 -3.90 13.99
N CYS A 260 7.98 -3.40 13.54
CA CYS A 260 8.03 -2.70 12.24
C CYS A 260 7.85 -3.66 11.06
N PRO A 261 8.67 -4.71 10.95
CA PRO A 261 8.47 -5.65 9.82
C PRO A 261 7.24 -6.52 9.96
N GLU A 262 6.64 -6.61 11.15
CA GLU A 262 5.47 -7.47 11.26
C GLU A 262 4.30 -6.91 10.46
N ALA A 263 4.30 -5.62 10.15
CA ALA A 263 3.18 -5.03 9.40
C ALA A 263 2.87 -5.85 8.14
N LEU A 264 3.89 -6.50 7.60
CA LEU A 264 3.68 -7.38 6.43
C LEU A 264 2.63 -8.45 6.74
N PHE A 265 2.76 -9.11 7.88
CA PHE A 265 1.86 -10.21 8.22
C PHE A 265 0.51 -9.73 8.75
N GLN A 266 0.51 -8.60 9.46
CA GLN A 266 -0.74 -7.93 9.81
C GLN A 266 -0.73 -6.54 9.18
N PRO A 267 -1.51 -6.33 8.11
CA PRO A 267 -1.61 -4.96 7.58
C PRO A 267 -2.48 -4.07 8.46
N SER A 268 -3.26 -4.65 9.37
CA SER A 268 -4.11 -3.84 10.25
C SER A 268 -3.32 -2.67 10.84
N PHE A 269 -2.06 -2.93 11.22
CA PHE A 269 -1.23 -1.89 11.75
C PHE A 269 -1.12 -0.71 10.80
N LEU A 270 -0.67 -0.93 9.58
CA LEU A 270 -0.61 0.18 8.62
C LEU A 270 -1.94 0.84 8.39
N GLY A 271 -3.04 0.17 8.72
CA GLY A 271 -4.34 0.75 8.56
C GLY A 271 -5.11 0.20 7.37
N LYS A 272 -4.42 -0.35 6.37
CA LYS A 272 -5.11 -0.87 5.19
C LYS A 272 -6.02 -2.01 5.57
N GLU A 273 -7.04 -2.26 4.76
CA GLU A 273 -7.96 -3.38 5.01
C GLU A 273 -7.55 -4.64 4.29
N ALA A 274 -6.45 -4.60 3.55
CA ALA A 274 -5.99 -5.79 2.85
C ALA A 274 -5.59 -6.87 3.84
N ALA A 275 -5.52 -8.10 3.35
CA ALA A 275 -5.03 -9.22 4.12
C ALA A 275 -3.49 -9.19 4.11
N GLY A 276 -2.89 -9.82 5.12
CA GLY A 276 -1.43 -9.85 5.20
C GLY A 276 -0.81 -10.67 4.10
N ILE A 277 0.49 -10.95 4.23
CA ILE A 277 1.22 -11.74 3.25
C ILE A 277 0.79 -13.21 3.30
N HIS A 278 0.54 -13.73 4.49
CA HIS A 278 0.24 -15.14 4.62
C HIS A 278 -1.10 -15.45 3.99
N THR A 279 -2.08 -14.56 4.10
CA THR A 279 -3.37 -14.82 3.50
C THR A 279 -3.43 -14.44 2.03
N THR A 280 -2.46 -13.65 1.53
CA THR A 280 -2.40 -13.45 0.09
C THR A 280 -1.69 -14.61 -0.59
N THR A 281 -0.65 -15.17 0.03
CA THR A 281 -0.10 -16.42 -0.48
C THR A 281 -1.19 -17.51 -0.41
N PHE A 282 -1.67 -17.80 0.79
CA PHE A 282 -2.61 -18.89 0.96
C PHE A 282 -3.83 -18.67 0.09
N ASN A 283 -4.31 -17.44 -0.02
CA ASN A 283 -5.49 -17.17 -0.81
C ASN A 283 -5.20 -17.33 -2.30
N SER A 284 -4.07 -16.81 -2.74
CA SER A 284 -3.66 -17.00 -4.13
C SER A 284 -3.61 -18.47 -4.48
N ILE A 285 -3.25 -19.33 -3.52
CA ILE A 285 -3.37 -20.76 -3.76
C ILE A 285 -4.82 -21.17 -3.86
N LYS A 286 -5.62 -20.81 -2.86
CA LYS A 286 -7.02 -21.29 -2.82
C LYS A 286 -7.79 -20.96 -4.07
N LYS A 287 -7.34 -19.97 -4.83
CA LYS A 287 -7.95 -19.73 -6.15
C LYS A 287 -7.46 -20.69 -7.21
N CYS A 288 -6.37 -21.40 -6.95
CA CYS A 288 -5.84 -22.40 -7.89
C CYS A 288 -6.52 -23.73 -7.70
N ASP A 289 -6.68 -24.45 -8.80
CA ASP A 289 -7.42 -25.68 -8.74
C ASP A 289 -6.85 -26.66 -7.70
N VAL A 290 -7.74 -27.48 -7.14
CA VAL A 290 -7.39 -28.41 -6.06
C VAL A 290 -6.34 -29.47 -6.43
N ASP A 291 -5.97 -29.52 -7.70
CA ASP A 291 -5.06 -30.52 -8.17
C ASP A 291 -3.60 -30.10 -8.09
N ILE A 292 -3.34 -28.81 -8.26
CA ILE A 292 -1.94 -28.31 -8.20
C ILE A 292 -1.53 -27.84 -6.81
N ARG A 293 -2.45 -27.83 -5.85
CA ARG A 293 -2.13 -27.28 -4.55
C ARG A 293 -0.91 -27.98 -3.97
N LYS A 294 -0.80 -29.29 -4.13
CA LYS A 294 0.39 -29.99 -3.66
C LYS A 294 1.64 -29.20 -4.08
N ASP A 295 1.87 -29.14 -5.39
CA ASP A 295 3.07 -28.51 -5.89
C ASP A 295 3.22 -27.07 -5.41
N LEU A 296 2.15 -26.30 -5.42
CA LEU A 296 2.29 -24.91 -4.97
C LEU A 296 2.72 -24.84 -3.51
N TYR A 297 2.00 -25.47 -2.60
CA TYR A 297 2.39 -25.47 -1.19
C TYR A 297 3.85 -25.87 -1.05
N GLY A 298 4.28 -26.85 -1.86
CA GLY A 298 5.65 -27.33 -1.72
C GLY A 298 6.68 -26.26 -2.12
N ASN A 299 6.48 -25.56 -3.23
CA ASN A 299 7.56 -24.80 -3.89
C ASN A 299 7.59 -23.31 -3.59
N ILE A 300 6.84 -22.82 -2.62
CA ILE A 300 6.78 -21.36 -2.42
C ILE A 300 8.20 -20.80 -2.44
N VAL A 301 8.43 -19.77 -3.27
CA VAL A 301 9.74 -19.16 -3.40
C VAL A 301 9.65 -17.71 -2.97
N LEU A 302 10.28 -17.35 -1.87
CA LEU A 302 10.41 -15.94 -1.54
C LEU A 302 11.29 -15.27 -2.56
N SER A 303 11.10 -13.98 -2.72
CA SER A 303 11.87 -13.21 -3.68
C SER A 303 11.78 -11.75 -3.32
N GLY A 304 12.55 -10.93 -4.02
CA GLY A 304 12.54 -9.50 -3.78
C GLY A 304 13.15 -9.12 -2.45
N GLY A 305 13.50 -7.85 -2.33
CA GLY A 305 14.23 -7.39 -1.17
C GLY A 305 13.47 -7.57 0.13
N THR A 306 12.25 -7.06 0.18
CA THR A 306 11.57 -6.88 1.47
C THR A 306 11.49 -8.15 2.29
N THR A 307 11.70 -9.30 1.66
CA THR A 307 11.69 -10.55 2.38
C THR A 307 13.07 -10.95 2.95
N MET A 308 14.05 -10.05 2.87
CA MET A 308 15.37 -10.38 3.38
C MET A 308 15.41 -10.46 4.90
N TYR A 309 14.35 -10.00 5.58
CA TYR A 309 14.36 -9.98 7.04
C TYR A 309 14.73 -11.32 7.62
N GLU A 310 15.62 -11.30 8.61
CA GLU A 310 16.02 -12.52 9.31
C GLU A 310 14.83 -13.21 9.95
N GLY A 311 14.63 -14.45 9.55
CA GLY A 311 13.60 -15.30 10.15
C GLY A 311 12.23 -15.22 9.49
N ILE A 312 12.15 -14.74 8.26
CA ILE A 312 10.85 -14.70 7.59
C ILE A 312 10.41 -16.13 7.21
N GLY A 313 11.37 -16.94 6.77
CA GLY A 313 11.04 -18.29 6.36
C GLY A 313 10.20 -19.04 7.42
N GLU A 314 10.74 -19.08 8.63
CA GLU A 314 10.07 -19.80 9.71
C GLU A 314 8.64 -19.31 9.91
N ARG A 315 8.48 -17.99 10.06
CA ARG A 315 7.17 -17.45 10.37
C ARG A 315 6.19 -17.73 9.23
N LEU A 316 6.59 -17.44 8.00
CA LEU A 316 5.70 -17.71 6.87
C LEU A 316 5.28 -19.18 6.83
N THR A 317 6.27 -20.08 6.92
CA THR A 317 5.93 -21.50 6.89
C THR A 317 4.93 -21.87 7.98
N ARG A 318 5.28 -21.63 9.25
CA ARG A 318 4.37 -22.01 10.32
C ARG A 318 3.01 -21.40 10.11
N ASP A 319 2.97 -20.21 9.56
CA ASP A 319 1.69 -19.50 9.45
C ASP A 319 0.80 -20.12 8.38
N ILE A 320 1.36 -20.36 7.21
CA ILE A 320 0.61 -21.09 6.19
C ILE A 320 0.18 -22.47 6.73
N THR A 321 1.14 -23.22 7.26
CA THR A 321 0.82 -24.53 7.82
C THR A 321 -0.39 -24.44 8.74
N THR A 322 -0.46 -23.42 9.58
CA THR A 322 -1.64 -23.21 10.39
C THR A 322 -2.87 -22.99 9.48
N LEU A 323 -2.69 -22.23 8.40
CA LEU A 323 -3.83 -21.99 7.53
C LEU A 323 -4.28 -23.23 6.75
N ALA A 324 -3.37 -23.80 5.99
CA ALA A 324 -3.71 -24.89 5.07
C ALA A 324 -3.71 -26.24 5.77
N PRO A 325 -4.40 -27.24 5.21
CA PRO A 325 -4.56 -28.51 5.95
C PRO A 325 -3.22 -29.13 6.35
N SER A 326 -3.16 -29.67 7.57
CA SER A 326 -1.90 -30.16 8.17
C SER A 326 -1.20 -31.27 7.40
N THR A 327 -1.97 -32.03 6.62
CA THR A 327 -1.42 -33.16 5.88
C THR A 327 -0.26 -32.82 4.95
N MET A 328 -0.29 -31.63 4.36
CA MET A 328 0.71 -31.24 3.39
C MET A 328 1.91 -30.58 4.02
N LYS A 329 3.07 -30.89 3.46
CA LYS A 329 4.30 -30.26 3.89
C LYS A 329 4.40 -28.94 3.15
N ILE A 330 4.60 -27.88 3.92
CA ILE A 330 4.89 -26.57 3.37
C ILE A 330 6.39 -26.31 3.44
N LYS A 331 6.98 -25.92 2.31
CA LYS A 331 8.39 -25.58 2.31
C LYS A 331 8.59 -24.27 1.55
N VAL A 332 9.10 -23.25 2.25
CA VAL A 332 9.41 -21.98 1.61
C VAL A 332 10.89 -21.96 1.26
N VAL A 333 11.20 -21.97 -0.03
CA VAL A 333 12.59 -21.89 -0.46
C VAL A 333 13.02 -20.43 -0.45
N ALA A 334 13.99 -20.10 0.39
CA ALA A 334 14.47 -18.74 0.55
C ALA A 334 15.93 -18.73 0.09
N PRO A 335 16.14 -18.73 -1.24
CA PRO A 335 17.51 -18.92 -1.74
C PRO A 335 18.43 -17.80 -1.26
N PRO A 336 19.70 -18.13 -0.96
CA PRO A 336 20.68 -17.06 -0.73
C PRO A 336 20.79 -16.17 -1.97
N GLU A 337 21.03 -14.88 -1.76
CA GLU A 337 21.06 -13.89 -2.84
C GLU A 337 19.74 -13.87 -3.61
N ARG A 338 18.65 -13.79 -2.86
CA ARG A 338 17.30 -13.58 -3.42
C ARG A 338 16.96 -12.14 -3.69
N LYS A 339 17.76 -11.22 -3.19
CA LYS A 339 17.56 -9.82 -3.47
C LYS A 339 17.64 -9.57 -4.97
N TYR A 340 18.47 -10.33 -5.67
CA TYR A 340 18.65 -10.19 -7.10
C TYR A 340 17.84 -11.17 -7.96
N SER A 341 17.01 -11.99 -7.33
CA SER A 341 16.39 -13.11 -8.03
C SER A 341 15.75 -12.65 -9.33
N VAL A 342 15.04 -11.52 -9.28
CA VAL A 342 14.37 -11.01 -10.46
C VAL A 342 15.40 -10.74 -11.55
N TRP A 343 16.52 -10.12 -11.17
CA TRP A 343 17.54 -9.82 -12.17
C TRP A 343 18.12 -11.10 -12.77
N ILE A 344 18.63 -11.97 -11.91
CA ILE A 344 19.20 -13.23 -12.39
C ILE A 344 18.23 -13.91 -13.36
N GLY A 345 16.97 -14.02 -12.96
CA GLY A 345 15.96 -14.51 -13.88
C GLY A 345 15.98 -13.73 -15.19
N GLY A 346 16.27 -12.45 -15.14
CA GLY A 346 16.42 -11.67 -16.37
C GLY A 346 17.58 -12.23 -17.18
N SER A 347 18.67 -12.61 -16.52
CA SER A 347 19.80 -13.15 -17.27
C SER A 347 19.48 -14.49 -17.93
N ILE A 348 19.05 -15.45 -17.11
CA ILE A 348 18.73 -16.77 -17.63
C ILE A 348 17.70 -16.66 -18.77
N LEU A 349 16.62 -15.94 -18.50
CA LEU A 349 15.59 -15.79 -19.53
C LEU A 349 16.18 -15.19 -20.81
N SER A 350 16.81 -14.04 -20.69
CA SER A 350 17.28 -13.35 -21.90
C SER A 350 18.35 -14.17 -22.62
N SER A 351 18.96 -15.12 -21.94
CA SER A 351 20.00 -15.92 -22.57
C SER A 351 19.50 -17.20 -23.20
N LEU A 352 18.20 -17.44 -23.12
CA LEU A 352 17.65 -18.70 -23.70
C LEU A 352 17.48 -18.60 -25.20
N SER A 353 17.81 -19.70 -25.89
CA SER A 353 17.88 -19.67 -27.34
C SER A 353 16.48 -19.50 -27.98
N THR A 354 15.47 -20.07 -27.35
CA THR A 354 14.13 -19.94 -27.89
C THR A 354 13.51 -18.57 -27.59
N PHE A 355 13.96 -17.92 -26.53
CA PHE A 355 13.37 -16.64 -26.11
C PHE A 355 13.56 -15.58 -27.21
N GLN A 356 14.64 -15.70 -27.98
CA GLN A 356 14.98 -14.70 -28.98
C GLN A 356 13.87 -14.40 -29.96
N GLN A 357 12.85 -15.23 -30.02
CA GLN A 357 11.77 -15.02 -30.97
C GLN A 357 10.78 -13.96 -30.48
N MET A 358 10.71 -13.75 -29.16
CA MET A 358 9.63 -12.97 -28.59
C MET A 358 9.87 -11.48 -28.51
N TRP A 359 11.10 -11.03 -28.75
CA TRP A 359 11.39 -9.61 -28.56
C TRP A 359 10.43 -8.74 -29.39
N ILE A 360 10.07 -7.59 -28.85
CA ILE A 360 9.31 -6.60 -29.62
C ILE A 360 10.35 -5.93 -30.49
N THR A 361 10.08 -5.86 -31.80
CA THR A 361 11.04 -5.40 -32.79
C THR A 361 10.81 -3.95 -33.15
N LYS A 362 11.91 -3.22 -33.40
CA LYS A 362 11.82 -1.83 -33.81
C LYS A 362 10.77 -1.65 -34.92
N GLU A 363 10.88 -2.47 -35.96
CA GLU A 363 9.89 -2.49 -37.01
C GLU A 363 8.47 -2.66 -36.47
N GLU A 364 8.19 -3.82 -35.89
CA GLU A 364 6.85 -4.16 -35.47
C GLU A 364 6.23 -3.02 -34.65
N TYR A 365 7.03 -2.39 -33.79
CA TYR A 365 6.54 -1.20 -33.10
C TYR A 365 6.23 -0.08 -34.10
N ASP A 366 7.14 0.18 -35.03
CA ASP A 366 6.95 1.30 -35.95
C ASP A 366 5.62 1.17 -36.71
N GLU A 367 5.31 -0.02 -37.19
CA GLU A 367 4.10 -0.17 -38.00
C GLU A 367 2.87 -0.31 -37.11
N SER A 368 3.01 -1.01 -35.99
CA SER A 368 1.83 -1.46 -35.21
C SER A 368 1.43 -0.52 -34.08
N GLY A 369 2.14 0.59 -33.92
CA GLY A 369 1.84 1.52 -32.84
C GLY A 369 2.26 0.98 -31.49
N PRO A 370 2.29 1.84 -30.46
CA PRO A 370 2.80 1.42 -29.15
C PRO A 370 1.93 0.43 -28.41
N SER A 371 0.66 0.36 -28.78
CA SER A 371 -0.28 -0.59 -28.20
C SER A 371 0.12 -2.07 -28.32
N ILE A 372 0.99 -2.43 -29.29
CA ILE A 372 1.38 -3.84 -29.45
C ILE A 372 1.99 -4.48 -28.22
N VAL A 373 2.58 -3.67 -27.36
CA VAL A 373 3.18 -4.19 -26.14
C VAL A 373 2.25 -5.18 -25.46
N HIS A 374 0.99 -4.78 -25.30
CA HIS A 374 0.00 -5.64 -24.66
C HIS A 374 -0.14 -7.04 -25.22
N ARG A 375 0.10 -7.18 -26.52
CA ARG A 375 0.02 -8.48 -27.18
C ARG A 375 1.27 -9.37 -26.99
N LYS A 376 2.47 -8.78 -26.92
CA LYS A 376 3.70 -9.54 -26.63
C LYS A 376 4.35 -9.16 -25.30
N CYS A 377 4.01 -9.92 -24.25
CA CYS A 377 4.49 -9.70 -22.88
C CYS A 377 4.93 -11.02 -22.28
N VAL B 8 40.42 43.25 -16.68
CA VAL B 8 41.20 42.06 -16.26
C VAL B 8 41.86 42.21 -14.87
N GLN B 9 41.86 43.40 -14.28
CA GLN B 9 42.30 43.62 -12.90
C GLN B 9 41.07 43.94 -12.05
N ALA B 10 40.75 43.04 -11.12
CA ALA B 10 39.64 43.23 -10.20
C ALA B 10 40.13 43.88 -8.93
N LEU B 11 39.40 44.90 -8.48
CA LEU B 11 39.76 45.69 -7.33
C LEU B 11 38.99 45.23 -6.08
N VAL B 12 39.69 44.74 -5.08
CA VAL B 12 39.07 44.09 -3.94
C VAL B 12 39.13 44.98 -2.71
N VAL B 13 37.98 45.43 -2.26
CA VAL B 13 37.87 46.18 -1.00
C VAL B 13 36.91 45.45 -0.07
N ASP B 14 37.45 44.94 1.03
CA ASP B 14 36.63 44.32 2.08
C ASP B 14 36.50 45.30 3.22
N ASN B 15 35.30 45.86 3.37
CA ASN B 15 35.00 46.83 4.44
C ASN B 15 34.64 46.13 5.72
N GLY B 16 35.55 46.21 6.65
CA GLY B 16 35.32 45.70 7.97
C GLY B 16 34.77 46.82 8.84
N SER B 17 34.65 46.53 10.12
CA SER B 17 34.44 47.56 11.13
C SER B 17 35.75 47.71 11.88
N GLY B 18 36.45 48.80 11.67
CA GLY B 18 37.76 48.99 12.29
C GLY B 18 38.95 48.49 11.47
N ASN B 19 38.71 48.03 10.25
CA ASN B 19 39.76 47.89 9.25
C ASN B 19 39.19 48.01 7.87
N VAL B 20 40.02 48.43 6.93
CA VAL B 20 39.69 48.42 5.51
C VAL B 20 40.85 47.78 4.77
N LYS B 21 40.61 46.63 4.18
CA LYS B 21 41.67 45.85 3.52
C LYS B 21 41.40 45.92 2.03
N ALA B 22 42.23 46.66 1.32
CA ALA B 22 42.04 46.90 -0.11
C ALA B 22 43.30 46.57 -0.85
N GLY B 23 43.18 45.70 -1.84
CA GLY B 23 44.27 45.39 -2.74
C GLY B 23 43.70 44.91 -4.06
N VAL B 24 44.42 45.15 -5.15
CA VAL B 24 43.99 44.73 -6.47
C VAL B 24 44.15 43.21 -6.64
N ALA B 25 43.21 42.61 -7.38
CA ALA B 25 43.13 41.16 -7.53
C ALA B 25 44.44 40.56 -8.04
N GLY B 26 44.69 39.32 -7.62
CA GLY B 26 45.85 38.58 -8.08
C GLY B 26 47.02 38.64 -7.13
N ASP B 27 46.97 39.51 -6.12
CA ASP B 27 48.02 39.60 -5.10
C ASP B 27 47.73 38.58 -3.99
N ASP B 28 48.77 38.13 -3.30
CA ASP B 28 48.63 37.11 -2.24
C ASP B 28 48.30 37.73 -0.88
N ALA B 29 48.58 39.03 -0.74
CA ALA B 29 48.26 39.77 0.47
C ALA B 29 47.91 41.22 0.10
N PRO B 30 46.99 41.84 0.85
CA PRO B 30 46.44 43.13 0.42
C PRO B 30 47.48 44.25 0.47
N ARG B 31 47.40 45.18 -0.46
CA ARG B 31 48.34 46.29 -0.52
C ARG B 31 48.19 47.20 0.67
N SER B 32 46.99 47.75 0.86
CA SER B 32 46.74 48.72 1.93
C SER B 32 45.88 48.12 3.03
N VAL B 33 46.44 48.09 4.23
CA VAL B 33 45.69 47.71 5.41
C VAL B 33 45.76 48.88 6.36
N PHE B 34 44.65 49.54 6.61
CA PHE B 34 44.63 50.68 7.52
C PHE B 34 43.30 50.69 8.26
N PRO B 35 43.32 51.08 9.54
CA PRO B 35 42.07 51.14 10.30
C PRO B 35 41.11 52.14 9.68
N SER B 36 39.80 51.87 9.80
CA SER B 36 38.73 52.75 9.29
C SER B 36 38.37 53.75 10.35
N ILE B 37 38.93 54.95 10.26
CA ILE B 37 38.69 55.96 11.26
C ILE B 37 38.59 57.31 10.62
N VAL B 38 37.63 58.10 11.06
CA VAL B 38 37.52 59.46 10.60
C VAL B 38 37.77 60.38 11.78
N GLY B 39 38.96 60.95 11.84
CA GLY B 39 39.28 61.89 12.88
C GLY B 39 38.84 63.30 12.49
N ARG B 40 38.29 64.06 13.43
CA ARG B 40 38.08 65.48 13.25
C ARG B 40 38.80 66.19 14.39
N PRO B 41 39.81 67.03 14.08
CA PRO B 41 40.58 67.65 15.18
C PRO B 41 39.68 68.47 16.05
N LYS B 42 39.72 68.19 17.35
CA LYS B 42 38.74 68.80 18.27
C LYS B 42 39.06 70.25 18.57
N ASN B 43 40.32 70.54 18.88
CA ASN B 43 40.71 71.89 19.20
C ASN B 43 40.96 72.69 17.90
N PRO B 44 41.01 74.02 18.01
CA PRO B 44 41.29 74.84 16.82
C PRO B 44 42.79 74.79 16.45
N GLY B 45 43.11 74.81 15.15
CA GLY B 45 44.50 74.93 14.67
C GLY B 45 45.02 76.34 14.87
N ILE B 46 46.33 76.48 15.11
CA ILE B 46 46.94 77.80 15.40
C ILE B 46 48.04 78.19 14.41
N MET B 47 49.02 77.30 14.21
CA MET B 47 50.22 77.64 13.44
C MET B 47 49.80 77.95 12.02
N VAL B 48 50.23 79.11 11.53
CA VAL B 48 49.86 79.54 10.19
C VAL B 48 50.75 78.82 9.18
N GLY B 49 50.15 78.42 8.06
CA GLY B 49 50.84 77.65 7.04
C GLY B 49 50.63 76.15 7.11
N MET B 50 50.23 75.63 8.28
CA MET B 50 49.80 74.22 8.39
C MET B 50 48.68 73.91 7.38
N GLU B 51 48.68 72.68 6.84
CA GLU B 51 47.60 72.22 5.97
C GLU B 51 46.52 71.57 6.82
N GLU B 52 45.33 72.19 6.87
CA GLU B 52 44.25 71.71 7.72
C GLU B 52 43.82 70.29 7.38
N LYS B 53 43.35 70.08 6.15
CA LYS B 53 42.71 68.82 5.73
C LYS B 53 41.72 68.44 6.80
N ASP B 54 40.58 69.13 6.82
CA ASP B 54 39.73 69.18 8.00
C ASP B 54 39.57 67.81 8.70
N ALA B 55 39.20 66.78 7.94
CA ALA B 55 38.94 65.47 8.53
C ALA B 55 40.00 64.48 8.06
N PHE B 56 40.89 64.10 8.98
CA PHE B 56 41.87 63.05 8.70
C PHE B 56 41.19 61.70 8.55
N VAL B 57 41.87 60.76 7.92
CA VAL B 57 41.29 59.45 7.67
C VAL B 57 42.35 58.35 7.71
N GLY B 58 42.00 57.23 8.30
CA GLY B 58 42.85 56.08 8.30
C GLY B 58 44.13 56.26 9.07
N ASP B 59 45.19 55.66 8.56
CA ASP B 59 46.44 55.55 9.32
C ASP B 59 46.99 56.90 9.70
N GLU B 60 46.92 57.85 8.77
CA GLU B 60 47.35 59.20 9.08
C GLU B 60 46.69 59.70 10.37
N ALA B 61 45.40 59.40 10.53
CA ALA B 61 44.65 59.90 11.69
C ALA B 61 44.89 59.04 12.91
N GLN B 62 45.53 57.89 12.77
CA GLN B 62 45.92 57.14 13.96
C GLN B 62 47.38 57.38 14.31
N THR B 63 48.11 58.15 13.49
CA THR B 63 49.47 58.57 13.90
C THR B 63 49.37 59.74 14.90
N LYS B 64 48.43 60.66 14.66
CA LYS B 64 48.12 61.71 15.63
C LYS B 64 46.71 61.42 16.15
N ARG B 65 46.60 60.75 17.28
CA ARG B 65 45.31 60.53 17.92
C ARG B 65 45.10 61.45 19.11
N GLY B 66 46.11 62.21 19.51
CA GLY B 66 45.96 63.09 20.68
C GLY B 66 45.11 64.33 20.37
N ILE B 67 45.18 64.79 19.13
CA ILE B 67 44.43 65.98 18.72
C ILE B 67 43.00 65.65 18.27
N LEU B 68 42.74 64.37 17.97
CA LEU B 68 41.55 64.02 17.21
C LEU B 68 40.55 63.30 18.07
N THR B 69 39.29 63.48 17.69
CA THR B 69 38.20 62.69 18.23
C THR B 69 37.75 61.70 17.17
N LEU B 70 38.07 60.44 17.39
CA LEU B 70 37.90 59.41 16.37
C LEU B 70 36.47 58.92 16.42
N LYS B 71 35.90 58.71 15.25
CA LYS B 71 34.58 58.14 15.13
C LYS B 71 34.63 57.01 14.09
N TYR B 72 34.47 55.78 14.53
CA TYR B 72 34.32 54.66 13.60
C TYR B 72 32.98 54.81 12.89
N PRO B 73 32.98 54.86 11.55
CA PRO B 73 31.72 54.96 10.80
C PRO B 73 30.94 53.64 10.72
N ILE B 74 31.57 52.51 11.03
CA ILE B 74 30.92 51.20 11.01
C ILE B 74 30.80 50.69 12.44
N GLU B 75 29.58 50.41 12.88
CA GLU B 75 29.34 49.82 14.19
C GLU B 75 28.47 48.60 14.03
N HIS B 76 29.04 47.45 14.31
CA HIS B 76 28.38 46.15 14.05
C HIS B 76 28.03 45.99 12.58
N GLY B 77 29.02 46.24 11.74
CA GLY B 77 28.89 45.97 10.32
C GLY B 77 27.83 46.78 9.55
N ILE B 78 27.19 47.74 10.21
CA ILE B 78 26.11 48.50 9.63
C ILE B 78 26.43 49.98 9.68
N VAL B 79 26.57 50.61 8.51
CA VAL B 79 27.05 51.98 8.43
C VAL B 79 26.13 52.87 9.25
N THR B 80 26.69 53.54 10.25
CA THR B 80 25.94 54.50 11.05
C THR B 80 25.93 55.85 10.36
N ASN B 81 27.09 56.26 9.85
CA ASN B 81 27.24 57.60 9.28
C ASN B 81 27.89 57.52 7.92
N TRP B 82 27.15 57.90 6.88
CA TRP B 82 27.62 57.66 5.52
C TRP B 82 28.73 58.58 5.08
N ASP B 83 28.58 59.87 5.34
CA ASP B 83 29.60 60.83 4.92
C ASP B 83 31.00 60.30 5.33
N ASP B 84 31.10 59.85 6.57
CA ASP B 84 32.36 59.32 7.04
C ASP B 84 32.88 58.18 6.17
N MET B 85 32.06 57.17 5.96
CA MET B 85 32.49 56.03 5.16
C MET B 85 32.92 56.44 3.75
N GLU B 86 32.01 57.13 3.07
CA GLU B 86 32.29 57.65 1.73
C GLU B 86 33.70 58.29 1.71
N LYS B 87 33.93 59.16 2.69
CA LYS B 87 35.27 59.73 2.82
C LYS B 87 36.34 58.64 2.95
N ILE B 88 36.09 57.60 3.74
CA ILE B 88 37.09 56.55 3.87
C ILE B 88 37.42 55.91 2.52
N TRP B 89 36.41 55.37 1.85
CA TRP B 89 36.67 54.80 0.53
C TRP B 89 37.49 55.75 -0.32
N HIS B 90 37.03 57.00 -0.41
CA HIS B 90 37.77 58.00 -1.17
C HIS B 90 39.28 57.93 -0.82
N HIS B 91 39.57 57.95 0.47
CA HIS B 91 40.94 57.78 0.91
C HIS B 91 41.57 56.50 0.34
N THR B 92 40.81 55.42 0.33
CA THR B 92 41.33 54.16 -0.20
C THR B 92 41.74 54.32 -1.65
N PHE B 93 40.78 54.47 -2.56
CA PHE B 93 41.06 54.45 -3.98
C PHE B 93 42.14 55.45 -4.36
N TYR B 94 42.06 56.68 -3.85
CA TYR B 94 43.03 57.70 -4.26
C TYR B 94 44.35 57.64 -3.52
N ASN B 95 44.33 57.72 -2.19
CA ASN B 95 45.58 57.86 -1.45
C ASN B 95 46.31 56.56 -1.22
N GLU B 96 45.67 55.40 -1.37
CA GLU B 96 46.42 54.18 -1.09
C GLU B 96 46.40 53.10 -2.17
N LEU B 97 45.25 52.54 -2.49
CA LEU B 97 45.20 51.67 -3.67
C LEU B 97 45.84 52.31 -4.93
N ARG B 98 45.73 53.64 -5.06
CA ARG B 98 46.25 54.40 -6.21
C ARG B 98 45.65 53.94 -7.53
N ALA B 99 44.46 53.35 -7.46
CA ALA B 99 43.76 52.92 -8.65
C ALA B 99 42.62 53.90 -8.91
N ALA B 100 42.20 54.00 -10.15
CA ALA B 100 41.08 54.89 -10.48
C ALA B 100 39.77 54.17 -10.13
N PRO B 101 38.72 54.95 -9.83
CA PRO B 101 37.41 54.30 -9.65
C PRO B 101 36.81 53.77 -10.96
N GLU B 102 36.95 54.54 -12.04
CA GLU B 102 36.23 54.27 -13.26
C GLU B 102 36.88 53.16 -14.08
N GLU B 103 38.15 52.85 -13.79
CA GLU B 103 38.88 51.91 -14.63
C GLU B 103 38.53 50.46 -14.31
N HIS B 104 38.34 50.15 -13.03
CA HIS B 104 38.26 48.76 -12.62
C HIS B 104 36.95 48.40 -12.01
N PRO B 105 36.56 47.13 -12.13
CA PRO B 105 35.46 46.63 -11.30
C PRO B 105 35.96 46.36 -9.87
N VAL B 106 35.10 46.59 -8.89
CA VAL B 106 35.47 46.52 -7.50
C VAL B 106 34.54 45.53 -6.80
N LEU B 107 35.10 44.83 -5.82
CA LEU B 107 34.37 43.83 -5.03
C LEU B 107 34.24 44.31 -3.59
N LEU B 108 33.04 44.69 -3.20
CA LEU B 108 32.75 45.12 -1.83
C LEU B 108 32.21 43.97 -1.04
N THR B 109 32.53 43.94 0.25
CA THR B 109 32.20 42.81 1.11
C THR B 109 31.24 43.25 2.22
N GLU B 110 30.34 42.33 2.63
CA GLU B 110 29.23 42.65 3.51
C GLU B 110 28.96 41.50 4.44
N ALA B 111 28.27 41.80 5.53
CA ALA B 111 27.95 40.84 6.56
C ALA B 111 26.61 40.14 6.33
N PRO B 112 26.52 38.84 6.58
CA PRO B 112 25.24 38.14 6.47
C PRO B 112 24.14 38.79 7.30
N LEU B 113 22.91 38.62 6.87
CA LEU B 113 21.75 39.22 7.52
C LEU B 113 21.90 40.71 7.75
N ASN B 114 22.45 41.39 6.77
CA ASN B 114 22.74 42.80 6.92
C ASN B 114 21.63 43.64 6.30
N PRO B 115 21.15 44.65 7.01
CA PRO B 115 19.99 45.42 6.52
C PRO B 115 20.11 45.81 5.07
N LYS B 116 19.01 45.71 4.33
CA LYS B 116 19.01 46.05 2.94
C LYS B 116 19.63 47.42 2.70
N GLY B 117 19.44 48.35 3.62
CA GLY B 117 19.96 49.70 3.47
C GLY B 117 21.42 49.70 3.09
N ASN B 118 22.23 48.84 3.70
CA ASN B 118 23.67 48.87 3.42
C ASN B 118 23.98 48.39 2.03
N ARG B 119 23.33 47.35 1.55
CA ARG B 119 23.50 47.00 0.16
C ARG B 119 23.09 48.14 -0.77
N GLU B 120 21.79 48.47 -0.74
CA GLU B 120 21.27 49.45 -1.69
C GLU B 120 22.15 50.71 -1.68
N ARG B 121 22.25 51.36 -0.53
CA ARG B 121 22.94 52.63 -0.45
C ARG B 121 24.42 52.47 -0.70
N MET B 122 24.98 51.32 -0.40
CA MET B 122 26.41 51.08 -0.67
C MET B 122 26.69 51.15 -2.17
N THR B 123 25.99 50.30 -2.94
CA THR B 123 26.20 50.37 -4.39
C THR B 123 25.83 51.75 -4.90
N GLN B 124 24.65 52.25 -4.54
CA GLN B 124 24.23 53.56 -5.03
C GLN B 124 25.35 54.58 -4.86
N ILE B 125 26.03 54.55 -3.73
CA ILE B 125 27.18 55.42 -3.52
C ILE B 125 28.37 55.01 -4.39
N MET B 126 28.42 53.76 -4.81
CA MET B 126 29.52 53.34 -5.68
C MET B 126 29.32 53.77 -7.12
N PHE B 127 28.12 53.62 -7.66
CA PHE B 127 27.85 54.03 -9.03
C PHE B 127 27.61 55.52 -9.17
N GLU B 128 26.81 56.12 -8.31
CA GLU B 128 26.47 57.54 -8.49
C GLU B 128 27.61 58.54 -8.17
N SER B 129 28.17 58.50 -6.95
CA SER B 129 29.24 59.45 -6.57
C SER B 129 30.62 59.07 -7.14
N PHE B 130 31.16 57.92 -6.74
CA PHE B 130 32.24 57.29 -7.50
C PHE B 130 31.60 56.80 -8.81
N ASN B 131 32.42 56.56 -9.81
CA ASN B 131 31.95 55.93 -11.03
C ASN B 131 32.72 54.64 -11.21
N VAL B 132 31.99 53.52 -11.24
CA VAL B 132 32.57 52.18 -11.33
C VAL B 132 31.93 51.39 -12.47
N PRO B 133 32.75 50.60 -13.23
CA PRO B 133 32.14 49.85 -14.34
C PRO B 133 31.23 48.70 -13.87
N ALA B 134 31.67 47.98 -12.85
CA ALA B 134 30.92 46.86 -12.33
C ALA B 134 31.23 46.63 -10.87
N MET B 135 30.33 45.95 -10.18
CA MET B 135 30.39 45.81 -8.74
C MET B 135 29.69 44.57 -8.25
N TYR B 136 30.15 44.05 -7.13
CA TYR B 136 29.53 42.88 -6.57
C TYR B 136 29.85 42.82 -5.08
N VAL B 137 28.88 42.40 -4.28
CA VAL B 137 29.04 42.42 -2.82
C VAL B 137 28.74 41.04 -2.28
N ALA B 138 29.76 40.39 -1.72
CA ALA B 138 29.64 39.01 -1.27
C ALA B 138 29.71 38.91 0.25
N ILE B 139 29.03 37.92 0.79
CA ILE B 139 29.03 37.64 2.19
C ILE B 139 30.46 37.30 2.64
N GLN B 140 30.93 37.93 3.72
CA GLN B 140 32.32 37.71 4.14
C GLN B 140 32.60 36.21 4.39
N ALA B 141 31.72 35.59 5.15
CA ALA B 141 31.92 34.20 5.56
C ALA B 141 32.30 33.34 4.34
N VAL B 142 31.45 33.32 3.32
CA VAL B 142 31.68 32.45 2.18
C VAL B 142 33.03 32.78 1.53
N LEU B 143 33.34 34.07 1.42
CA LEU B 143 34.60 34.44 0.80
C LEU B 143 35.78 33.82 1.55
N SER B 144 35.71 33.79 2.88
CA SER B 144 36.80 33.14 3.61
C SER B 144 36.97 31.67 3.16
N LEU B 145 35.87 31.07 2.70
CA LEU B 145 35.89 29.65 2.41
C LEU B 145 36.65 29.35 1.12
N TYR B 146 36.52 30.20 0.12
CA TYR B 146 37.43 30.12 -1.05
C TYR B 146 38.89 30.14 -0.60
N SER B 147 39.25 31.13 0.21
CA SER B 147 40.61 31.21 0.73
C SER B 147 41.05 29.88 1.33
N SER B 148 40.21 29.31 2.19
CA SER B 148 40.57 28.01 2.77
C SER B 148 40.62 26.92 1.71
N GLY B 149 40.18 27.24 0.49
CA GLY B 149 40.36 26.35 -0.65
C GLY B 149 39.61 25.03 -0.56
N ARG B 150 38.75 24.86 0.45
CA ARG B 150 37.97 23.64 0.61
C ARG B 150 36.50 23.98 0.37
N THR B 151 35.73 23.03 -0.12
CA THR B 151 34.37 23.34 -0.56
C THR B 151 33.30 23.19 0.53
N THR B 152 33.65 22.68 1.70
CA THR B 152 32.67 22.42 2.74
C THR B 152 33.21 22.81 4.10
N GLY B 153 32.40 23.52 4.87
CA GLY B 153 32.71 23.75 6.26
C GLY B 153 31.93 24.94 6.79
N ILE B 154 31.86 25.04 8.11
CA ILE B 154 31.42 26.24 8.76
C ILE B 154 32.56 27.25 8.61
N VAL B 155 32.20 28.47 8.28
CA VAL B 155 33.16 29.58 8.30
C VAL B 155 32.65 30.52 9.38
N LEU B 156 33.30 30.53 10.54
CA LEU B 156 32.93 31.48 11.59
C LEU B 156 34.01 32.51 11.75
N ASP B 157 33.70 33.75 11.38
CA ASP B 157 34.65 34.85 11.50
C ASP B 157 34.16 35.79 12.54
N SER B 158 35.06 36.55 13.14
CA SER B 158 34.60 37.64 13.96
C SER B 158 35.51 38.84 13.68
N GLY B 159 34.93 39.88 13.08
CA GLY B 159 35.57 41.17 12.94
C GLY B 159 35.00 42.11 13.99
N ASP B 160 35.62 43.25 14.18
CA ASP B 160 35.20 44.17 15.25
C ASP B 160 33.68 44.33 15.33
N GLY B 161 33.02 44.40 14.19
CA GLY B 161 31.59 44.65 14.22
C GLY B 161 30.76 43.41 14.56
N VAL B 162 31.04 42.29 13.87
CA VAL B 162 30.10 41.19 13.73
C VAL B 162 30.84 39.87 13.70
N SER B 163 30.15 38.82 14.09
CA SER B 163 30.70 37.48 14.00
C SER B 163 29.70 36.56 13.32
N HIS B 164 30.07 36.05 12.15
CA HIS B 164 29.19 35.20 11.35
C HIS B 164 29.47 33.74 11.65
N THR B 165 28.43 32.92 11.57
CA THR B 165 28.62 31.50 11.30
C THR B 165 27.82 31.17 10.05
N VAL B 166 28.47 30.92 8.94
CA VAL B 166 27.76 30.55 7.73
C VAL B 166 28.17 29.14 7.32
N PRO B 167 27.36 28.12 7.60
CA PRO B 167 27.73 26.80 7.10
C PRO B 167 27.51 26.69 5.60
N ILE B 168 28.22 25.77 4.97
CA ILE B 168 28.06 25.46 3.57
C ILE B 168 28.35 23.97 3.44
N TYR B 169 27.61 23.31 2.56
CA TYR B 169 27.91 21.89 2.25
C TYR B 169 28.18 21.71 0.77
N GLU B 170 29.41 21.31 0.45
CA GLU B 170 29.79 20.96 -0.93
C GLU B 170 29.26 21.98 -1.94
N GLY B 171 29.57 23.23 -1.68
CA GLY B 171 29.28 24.29 -2.63
C GLY B 171 27.93 24.93 -2.46
N TYR B 172 26.99 24.25 -1.79
CA TYR B 172 25.67 24.84 -1.55
C TYR B 172 25.64 25.52 -0.20
N ALA B 173 25.02 26.70 -0.15
CA ALA B 173 24.90 27.45 1.08
C ALA B 173 23.52 27.22 1.70
N LEU B 174 23.49 27.21 3.03
CA LEU B 174 22.27 27.00 3.79
C LEU B 174 21.80 28.36 4.33
N PRO B 175 20.79 28.96 3.71
CA PRO B 175 20.33 30.26 4.16
C PRO B 175 19.65 30.29 5.53
N HIS B 176 19.09 29.16 5.94
CA HIS B 176 18.41 29.14 7.23
C HIS B 176 19.38 28.89 8.39
N ALA B 177 20.59 28.43 8.08
CA ALA B 177 21.55 28.10 9.15
C ALA B 177 22.32 29.34 9.62
N ILE B 178 22.49 30.32 8.73
CA ILE B 178 23.33 31.47 9.04
C ILE B 178 22.98 32.04 10.41
N MET B 179 23.99 32.42 11.17
CA MET B 179 23.77 32.92 12.49
C MET B 179 24.82 33.93 12.85
N ARG B 180 24.35 35.13 13.22
CA ARG B 180 25.22 36.25 13.57
C ARG B 180 25.11 36.59 15.05
N LEU B 181 26.27 36.75 15.65
CA LEU B 181 26.36 37.23 16.99
C LEU B 181 27.12 38.56 16.91
N ASP B 182 26.93 39.44 17.88
CA ASP B 182 27.50 40.80 17.84
C ASP B 182 28.73 41.01 18.74
N LEU B 183 29.22 39.94 19.35
CA LEU B 183 30.43 39.96 20.14
C LEU B 183 31.60 39.92 19.20
N ALA B 184 32.49 40.90 19.31
CA ALA B 184 33.55 41.07 18.34
C ALA B 184 34.69 41.86 18.97
N GLY B 185 35.64 42.27 18.16
CA GLY B 185 36.79 42.98 18.68
C GLY B 185 36.41 44.23 19.50
N ARG B 186 35.42 44.98 19.03
CA ARG B 186 35.12 46.26 19.68
C ARG B 186 34.32 46.10 20.96
N ASP B 187 33.64 44.98 21.12
CA ASP B 187 33.00 44.69 22.42
C ASP B 187 34.00 44.12 23.39
N LEU B 188 35.04 43.49 22.91
CA LEU B 188 36.11 43.01 23.78
C LEU B 188 37.04 44.14 24.16
N THR B 189 37.19 45.18 23.36
CA THR B 189 37.94 46.35 23.83
C THR B 189 37.04 47.17 24.77
N GLU B 190 35.84 47.52 24.32
CA GLU B 190 34.96 48.31 25.18
C GLU B 190 34.67 47.57 26.48
N TYR B 191 34.87 46.26 26.50
CA TYR B 191 34.83 45.52 27.76
C TYR B 191 36.16 45.58 28.49
N LEU B 192 37.25 45.47 27.76
CA LEU B 192 38.56 45.44 28.39
C LEU B 192 38.80 46.72 29.20
N MET B 193 38.05 47.78 28.90
CA MET B 193 38.09 48.95 29.78
C MET B 193 37.34 48.67 31.08
N LYS B 194 36.08 48.25 31.00
CA LYS B 194 35.32 48.00 32.21
C LYS B 194 36.07 47.10 33.16
N ILE B 195 36.87 46.16 32.63
CA ILE B 195 37.68 45.32 33.50
C ILE B 195 38.95 46.08 33.90
N LEU B 196 39.57 46.78 32.97
CA LEU B 196 40.89 47.35 33.25
C LEU B 196 40.79 48.39 34.36
N HIS B 197 39.64 49.06 34.47
CA HIS B 197 39.37 49.93 35.62
C HIS B 197 39.70 49.20 36.92
N GLU B 198 39.37 47.91 37.00
CA GLU B 198 39.60 47.14 38.22
C GLU B 198 41.02 47.30 38.76
N ARG B 199 42.01 47.40 37.87
CA ARG B 199 43.44 47.50 38.26
C ARG B 199 43.87 48.89 38.62
N GLY B 200 42.99 49.86 38.46
CA GLY B 200 43.33 51.25 38.77
C GLY B 200 43.64 52.09 37.54
N TYR B 201 43.91 51.44 36.41
CA TYR B 201 44.02 52.13 35.13
C TYR B 201 42.63 52.56 34.72
N GLY B 202 42.54 53.50 33.82
CA GLY B 202 41.25 53.81 33.24
C GLY B 202 41.35 54.64 31.99
N PHE B 203 40.54 54.34 30.99
CA PHE B 203 40.62 54.98 29.69
C PHE B 203 39.21 55.46 29.32
N SER B 204 38.99 56.76 29.35
CA SER B 204 37.67 57.34 29.06
C SER B 204 37.54 57.79 27.59
N THR B 205 38.63 57.87 26.85
CA THR B 205 38.64 58.63 25.60
C THR B 205 38.90 57.72 24.41
N SER B 206 38.54 58.19 23.21
CA SER B 206 38.68 57.37 22.03
C SER B 206 40.15 56.94 21.79
N ALA B 207 41.01 57.93 21.63
CA ALA B 207 42.43 57.63 21.44
C ALA B 207 42.89 56.55 22.45
N GLU B 208 42.52 56.78 23.71
CA GLU B 208 42.86 55.82 24.74
C GLU B 208 42.20 54.48 24.45
N LYS B 209 41.01 54.46 23.85
CA LYS B 209 40.43 53.16 23.55
C LYS B 209 41.35 52.39 22.61
N GLU B 210 41.90 53.07 21.62
CA GLU B 210 42.82 52.39 20.70
C GLU B 210 44.07 51.89 21.42
N ILE B 211 44.61 52.68 22.34
CA ILE B 211 45.67 52.15 23.20
C ILE B 211 45.22 50.80 23.78
N VAL B 212 43.99 50.77 24.32
CA VAL B 212 43.48 49.51 24.82
C VAL B 212 43.60 48.43 23.75
N ARG B 213 43.03 48.68 22.59
CA ARG B 213 43.01 47.68 21.53
C ARG B 213 44.41 47.10 21.32
N ASP B 214 45.43 47.94 21.38
CA ASP B 214 46.80 47.40 21.35
C ASP B 214 47.03 46.45 22.52
N ILE B 215 46.72 46.88 23.74
CA ILE B 215 46.87 45.95 24.86
C ILE B 215 46.22 44.59 24.53
N LYS B 216 44.99 44.63 24.06
CA LYS B 216 44.26 43.43 23.73
C LYS B 216 45.05 42.59 22.74
N GLU B 217 45.47 43.18 21.62
CA GLU B 217 46.16 42.38 20.60
C GLU B 217 47.41 41.72 21.15
N LYS B 218 48.23 42.50 21.87
CA LYS B 218 49.52 41.93 22.30
C LYS B 218 49.39 40.93 23.46
N LEU B 219 48.72 41.34 24.55
CA LEU B 219 48.84 40.62 25.82
C LEU B 219 47.77 39.62 26.14
N CYS B 220 46.82 39.39 25.23
CA CYS B 220 45.65 38.60 25.58
C CYS B 220 45.75 37.18 25.01
N TYR B 221 45.48 36.18 25.84
CA TYR B 221 45.32 34.79 25.36
C TYR B 221 44.03 34.24 25.92
N ILE B 222 43.60 33.12 25.35
CA ILE B 222 42.34 32.47 25.75
C ILE B 222 42.65 31.19 26.51
N ALA B 223 42.08 31.09 27.70
CA ALA B 223 42.32 29.95 28.57
C ALA B 223 41.77 28.65 27.98
N LEU B 224 42.44 27.54 28.23
CA LEU B 224 41.84 26.23 27.97
C LEU B 224 40.57 26.08 28.79
N ASN B 225 40.73 26.01 30.13
CA ASN B 225 39.59 25.95 31.03
C ASN B 225 39.67 27.13 31.96
N PHE B 226 38.70 28.04 31.82
CA PHE B 226 38.73 29.33 32.53
C PHE B 226 38.67 29.16 34.05
N ASP B 227 37.72 28.36 34.53
CA ASP B 227 37.62 28.09 35.94
C ASP B 227 38.96 27.65 36.52
N GLU B 228 39.74 26.91 35.74
CA GLU B 228 41.08 26.54 36.19
C GLU B 228 41.92 27.78 36.38
N GLU B 229 42.07 28.60 35.34
CA GLU B 229 43.06 29.66 35.36
C GLU B 229 42.70 30.73 36.37
N MET B 230 41.41 31.00 36.57
CA MET B 230 41.03 31.92 37.63
C MET B 230 41.62 31.51 38.98
N LYS B 231 41.81 30.21 39.19
CA LYS B 231 42.51 29.75 40.39
C LYS B 231 44.01 29.83 40.18
N THR B 232 44.50 29.51 38.98
CA THR B 232 45.93 29.52 38.75
C THR B 232 46.56 30.90 38.90
N SER B 233 45.75 31.95 38.84
CA SER B 233 46.28 33.29 38.98
C SER B 233 46.40 33.79 40.41
N GLU B 234 45.95 33.03 41.40
CA GLU B 234 46.17 33.39 42.81
C GLU B 234 47.67 33.49 43.15
N GLN B 235 48.46 32.57 42.58
CA GLN B 235 49.90 32.61 42.68
C GLN B 235 50.45 33.06 41.33
N SER B 236 50.87 34.32 41.25
CA SER B 236 51.10 35.01 39.97
C SER B 236 52.59 35.07 39.68
N SER B 237 53.01 34.34 38.66
CA SER B 237 54.43 34.32 38.24
C SER B 237 54.62 34.99 36.89
N ASP B 238 54.31 34.26 35.81
CA ASP B 238 54.51 34.76 34.46
C ASP B 238 53.23 35.29 33.84
N ILE B 239 52.11 35.30 34.59
CA ILE B 239 50.84 35.70 34.01
C ILE B 239 50.78 37.20 33.78
N GLU B 240 51.40 37.96 34.67
CA GLU B 240 51.36 39.40 34.54
C GLU B 240 52.44 39.86 33.58
N LYS B 241 52.02 40.47 32.47
CA LYS B 241 52.95 40.98 31.50
C LYS B 241 52.88 42.49 31.50
N SER B 242 54.04 43.11 31.37
CA SER B 242 54.18 44.54 31.49
C SER B 242 54.11 45.16 30.09
N TYR B 243 53.10 45.99 29.86
CA TYR B 243 52.91 46.69 28.59
C TYR B 243 53.37 48.13 28.79
N GLU B 244 53.97 48.70 27.75
CA GLU B 244 54.63 50.01 27.86
C GLU B 244 53.93 51.00 26.93
N LEU B 245 53.29 52.01 27.50
CA LEU B 245 52.42 52.91 26.75
C LEU B 245 53.21 53.80 25.79
N PRO B 246 52.50 54.47 24.86
CA PRO B 246 53.13 55.61 24.16
C PRO B 246 53.65 56.67 25.16
N ASP B 247 52.95 56.85 26.27
CA ASP B 247 53.40 57.75 27.32
C ASP B 247 54.80 57.38 27.80
N GLY B 248 55.08 56.09 27.91
CA GLY B 248 56.30 55.63 28.57
C GLY B 248 56.06 55.03 29.93
N ASN B 249 54.90 55.33 30.53
CA ASN B 249 54.51 54.67 31.77
C ASN B 249 54.35 53.18 31.52
N ILE B 250 54.55 52.38 32.57
CA ILE B 250 54.56 50.94 32.44
C ILE B 250 53.34 50.34 33.16
N ILE B 251 52.40 49.83 32.37
CA ILE B 251 51.22 49.13 32.87
C ILE B 251 51.61 47.71 33.22
N THR B 252 50.85 47.09 34.12
CA THR B 252 50.91 45.65 34.32
C THR B 252 49.51 45.07 34.40
N VAL B 253 49.18 44.21 33.44
CA VAL B 253 47.85 43.65 33.34
C VAL B 253 47.82 42.28 33.97
N GLY B 254 46.81 42.05 34.81
CA GLY B 254 46.66 40.82 35.58
C GLY B 254 45.80 39.77 34.85
N ASN B 255 44.88 39.15 35.60
CA ASN B 255 43.89 38.25 35.00
C ASN B 255 43.34 38.82 33.71
N GLU B 256 43.25 40.15 33.62
CA GLU B 256 42.61 40.82 32.53
C GLU B 256 43.03 40.22 31.18
N ARG B 257 44.23 39.65 31.12
CA ARG B 257 44.68 39.03 29.89
C ARG B 257 43.70 37.98 29.39
N PHE B 258 43.40 36.96 30.19
CA PHE B 258 42.57 35.85 29.70
C PHE B 258 41.09 36.02 29.99
N ARG B 259 40.69 36.94 30.85
CA ARG B 259 39.26 37.13 31.09
C ARG B 259 38.69 38.19 30.15
N CYS B 260 39.55 38.98 29.51
CA CYS B 260 39.06 39.89 28.47
C CYS B 260 38.61 39.15 27.20
N PRO B 261 39.47 38.31 26.60
CA PRO B 261 39.01 37.56 25.40
C PRO B 261 38.02 36.46 25.70
N GLU B 262 37.87 36.04 26.95
CA GLU B 262 36.93 34.97 27.18
C GLU B 262 35.49 35.45 26.94
N ALA B 263 35.23 36.75 26.97
CA ALA B 263 33.87 37.22 26.76
C ALA B 263 33.24 36.61 25.50
N LEU B 264 34.08 36.28 24.53
CA LEU B 264 33.60 35.62 23.31
C LEU B 264 32.85 34.33 23.66
N PHE B 265 33.43 33.50 24.52
CA PHE B 265 32.84 32.20 24.83
C PHE B 265 31.71 32.31 25.86
N GLN B 266 31.83 33.27 26.76
CA GLN B 266 30.71 33.61 27.64
C GLN B 266 30.32 35.06 27.39
N PRO B 267 29.20 35.31 26.69
CA PRO B 267 28.75 36.71 26.56
C PRO B 267 28.15 37.24 27.86
N SER B 268 27.80 36.36 28.79
CA SER B 268 27.20 36.80 30.05
C SER B 268 27.99 37.99 30.63
N PHE B 269 29.32 37.90 30.53
CA PHE B 269 30.16 38.97 31.02
C PHE B 269 29.79 40.31 30.39
N LEU B 270 29.81 40.41 29.08
CA LEU B 270 29.41 41.67 28.43
C LEU B 270 28.00 42.09 28.79
N GLY B 271 27.17 41.17 29.27
CA GLY B 271 25.84 41.50 29.66
C GLY B 271 24.79 41.05 28.65
N LYS B 272 25.15 40.83 27.39
CA LYS B 272 24.17 40.41 26.40
C LYS B 272 23.60 39.06 26.76
N GLU B 273 22.40 38.77 26.26
CA GLU B 273 21.78 37.47 26.51
C GLU B 273 22.08 36.45 25.45
N ALA B 274 22.83 36.85 24.42
CA ALA B 274 23.17 35.92 23.35
C ALA B 274 24.00 34.78 23.89
N ALA B 275 24.05 33.70 23.11
CA ALA B 275 24.91 32.58 23.39
C ALA B 275 26.35 32.91 22.92
N GLY B 276 27.31 32.23 23.52
CA GLY B 276 28.70 32.47 23.14
C GLY B 276 29.02 32.00 21.74
N ILE B 277 30.30 31.96 21.39
CA ILE B 277 30.74 31.52 20.08
C ILE B 277 30.54 30.01 19.92
N HIS B 278 30.78 29.24 20.97
CA HIS B 278 30.73 27.80 20.84
C HIS B 278 29.30 27.35 20.59
N THR B 279 28.31 28.01 21.20
CA THR B 279 26.94 27.61 20.98
C THR B 279 26.33 28.25 19.74
N THR B 280 26.96 29.28 19.18
CA THR B 280 26.51 29.77 17.88
C THR B 280 27.09 28.91 16.76
N THR B 281 28.33 28.45 16.88
CA THR B 281 28.83 27.45 15.95
C THR B 281 27.97 26.17 16.08
N PHE B 282 27.97 25.57 17.26
CA PHE B 282 27.29 24.31 17.44
C PHE B 282 25.83 24.44 17.08
N ASN B 283 25.18 25.56 17.41
CA ASN B 283 23.78 25.73 17.11
C ASN B 283 23.57 25.91 15.60
N SER B 284 24.42 26.71 14.98
CA SER B 284 24.34 26.87 13.53
C SER B 284 24.46 25.53 12.84
N ILE B 285 25.22 24.59 13.41
CA ILE B 285 25.21 23.22 12.89
C ILE B 285 23.85 22.57 13.14
N LYS B 286 23.41 22.57 14.39
CA LYS B 286 22.19 21.83 14.73
C LYS B 286 21.00 22.23 13.91
N LYS B 287 21.04 23.42 13.30
CA LYS B 287 19.98 23.77 12.33
C LYS B 287 20.19 23.13 10.97
N CYS B 288 21.39 22.62 10.71
CA CYS B 288 21.68 21.92 9.45
C CYS B 288 21.29 20.48 9.51
N ASP B 289 20.87 19.95 8.37
CA ASP B 289 20.33 18.61 8.35
C ASP B 289 21.33 17.60 8.90
N VAL B 290 20.80 16.53 9.48
CA VAL B 290 21.60 15.50 10.16
C VAL B 290 22.59 14.75 9.25
N ASP B 291 22.51 15.01 7.96
CA ASP B 291 23.31 14.30 7.01
C ASP B 291 24.65 14.99 6.76
N ILE B 292 24.68 16.31 6.82
CA ILE B 292 25.93 17.06 6.57
C ILE B 292 26.74 17.35 7.83
N ARG B 293 26.21 17.01 9.00
CA ARG B 293 26.88 17.36 10.23
C ARG B 293 28.31 16.82 10.21
N LYS B 294 28.51 15.60 9.72
CA LYS B 294 29.85 15.07 9.64
C LYS B 294 30.78 16.14 9.05
N ASP B 295 30.56 16.48 7.78
CA ASP B 295 31.42 17.42 7.10
C ASP B 295 31.54 18.74 7.86
N LEU B 296 30.45 19.28 8.36
CA LEU B 296 30.56 20.55 9.07
C LEU B 296 31.45 20.43 10.28
N TYR B 297 31.17 19.52 11.20
CA TYR B 297 32.01 19.35 12.38
C TYR B 297 33.48 19.21 11.96
N GLY B 298 33.73 18.50 10.85
CA GLY B 298 35.10 18.29 10.44
C GLY B 298 35.80 19.58 10.01
N ASN B 299 35.13 20.43 9.22
CA ASN B 299 35.84 21.48 8.46
C ASN B 299 35.76 22.89 9.08
N ILE B 300 35.34 23.03 10.32
CA ILE B 300 35.16 24.38 10.87
C ILE B 300 36.41 25.20 10.56
N VAL B 301 36.21 26.39 9.96
CA VAL B 301 37.31 27.25 9.60
C VAL B 301 37.20 28.56 10.37
N LEU B 302 38.12 28.83 11.27
CA LEU B 302 38.19 30.15 11.88
C LEU B 302 38.57 31.16 10.82
N SER B 303 38.20 32.39 11.05
CA SER B 303 38.51 33.44 10.10
C SER B 303 38.39 34.77 10.81
N GLY B 304 38.75 35.84 10.11
CA GLY B 304 38.65 37.17 10.67
C GLY B 304 39.63 37.41 11.82
N GLY B 305 39.83 38.69 12.12
CA GLY B 305 40.85 39.06 13.08
C GLY B 305 40.60 38.49 14.47
N THR B 306 39.42 38.75 15.00
CA THR B 306 39.18 38.53 16.45
C THR B 306 39.56 37.15 16.92
N THR B 307 39.67 36.21 16.00
CA THR B 307 40.07 34.86 16.38
C THR B 307 41.59 34.64 16.39
N MET B 308 42.37 35.72 16.23
CA MET B 308 43.82 35.57 16.22
C MET B 308 44.38 35.20 17.59
N TYR B 309 43.57 35.33 18.64
CA TYR B 309 44.07 35.07 19.99
C TYR B 309 44.79 33.74 20.10
N GLU B 310 45.95 33.75 20.75
CA GLU B 310 46.71 32.53 20.97
C GLU B 310 45.91 31.51 21.77
N GLY B 311 45.73 30.34 21.16
CA GLY B 311 45.08 29.22 21.83
C GLY B 311 43.57 29.16 21.67
N ILE B 312 43.01 29.83 20.67
CA ILE B 312 41.57 29.72 20.45
C ILE B 312 41.22 28.34 19.90
N GLY B 313 42.06 27.83 19.00
CA GLY B 313 41.78 26.54 18.40
C GLY B 313 41.44 25.47 19.46
N GLU B 314 42.35 25.31 20.40
CA GLU B 314 42.19 24.27 21.42
C GLU B 314 40.86 24.43 22.16
N ARG B 315 40.60 25.65 22.67
CA ARG B 315 39.42 25.86 23.48
C ARG B 315 38.14 25.61 22.66
N LEU B 316 38.08 26.21 21.47
CA LEU B 316 36.89 25.97 20.63
C LEU B 316 36.67 24.48 20.38
N THR B 317 37.73 23.79 19.95
CA THR B 317 37.58 22.36 19.68
C THR B 317 37.06 21.61 20.91
N ARG B 318 37.79 21.67 22.03
CA ARG B 318 37.36 20.92 23.19
C ARG B 318 35.94 21.29 23.55
N ASP B 319 35.57 22.53 23.35
CA ASP B 319 34.26 22.99 23.82
C ASP B 319 33.13 22.41 22.95
N ILE B 320 33.28 22.51 21.63
CA ILE B 320 32.33 21.85 20.75
C ILE B 320 32.29 20.34 21.06
N THR B 321 33.45 19.70 21.07
CA THR B 321 33.50 18.28 21.37
C THR B 321 32.69 17.95 22.62
N THR B 322 32.78 18.77 23.65
CA THR B 322 31.93 18.60 24.81
C THR B 322 30.44 18.73 24.41
N LEU B 323 30.15 19.70 23.54
CA LEU B 323 28.76 19.88 23.14
C LEU B 323 28.23 18.74 22.26
N ALA B 324 28.90 18.51 21.15
CA ALA B 324 28.40 17.56 20.14
C ALA B 324 28.81 16.13 20.48
N PRO B 325 28.10 15.14 19.91
CA PRO B 325 28.35 13.75 20.34
C PRO B 325 29.80 13.33 20.16
N SER B 326 30.34 12.59 21.13
CA SER B 326 31.77 12.27 21.18
C SER B 326 32.29 11.47 20.00
N THR B 327 31.40 10.73 19.34
CA THR B 327 31.81 9.88 18.22
C THR B 327 32.53 10.61 17.09
N MET B 328 32.17 11.87 16.86
CA MET B 328 32.72 12.61 15.73
C MET B 328 33.97 13.36 16.12
N LYS B 329 34.91 13.40 15.17
CA LYS B 329 36.12 14.16 15.34
C LYS B 329 35.83 15.59 14.93
N ILE B 330 36.12 16.50 15.84
CA ILE B 330 36.04 17.93 15.54
C ILE B 330 37.42 18.45 15.21
N LYS B 331 37.54 19.15 14.09
CA LYS B 331 38.80 19.77 13.73
C LYS B 331 38.57 21.21 13.28
N VAL B 332 39.14 22.16 14.02
CA VAL B 332 39.06 23.55 13.63
C VAL B 332 40.31 23.92 12.87
N VAL B 333 40.17 24.22 11.58
CA VAL B 333 41.32 24.64 10.79
C VAL B 333 41.53 26.13 11.00
N ALA B 334 42.68 26.48 11.58
CA ALA B 334 43.03 27.85 11.89
C ALA B 334 44.23 28.22 11.02
N PRO B 335 43.98 28.51 9.73
CA PRO B 335 45.11 28.68 8.81
C PRO B 335 45.99 29.85 9.23
N PRO B 336 47.32 29.73 9.03
CA PRO B 336 48.17 30.92 9.21
C PRO B 336 47.76 32.03 8.26
N GLU B 337 47.90 33.28 8.70
CA GLU B 337 47.44 34.44 7.92
C GLU B 337 45.95 34.35 7.62
N ARG B 338 45.17 34.08 8.66
CA ARG B 338 43.70 34.12 8.60
C ARG B 338 43.11 35.49 8.78
N LYS B 339 43.92 36.44 9.22
CA LYS B 339 43.44 37.80 9.37
C LYS B 339 42.97 38.34 8.01
N TYR B 340 43.60 37.90 6.94
CA TYR B 340 43.25 38.33 5.59
C TYR B 340 42.33 37.38 4.82
N SER B 341 41.87 36.32 5.45
CA SER B 341 41.19 35.23 4.73
C SER B 341 40.10 35.79 3.83
N VAL B 342 39.32 36.73 4.36
CA VAL B 342 38.23 37.32 3.59
C VAL B 342 38.79 37.98 2.35
N TRP B 343 39.89 38.73 2.51
CA TRP B 343 40.46 39.39 1.34
C TRP B 343 40.96 38.38 0.31
N ILE B 344 41.84 37.48 0.75
CA ILE B 344 42.37 36.47 -0.16
C ILE B 344 41.21 35.81 -0.93
N GLY B 345 40.19 35.39 -0.22
CA GLY B 345 38.99 34.89 -0.87
C GLY B 345 38.46 35.88 -1.89
N GLY B 346 38.60 37.17 -1.63
CA GLY B 346 38.23 38.17 -2.61
C GLY B 346 39.09 38.00 -3.85
N SER B 347 40.38 37.73 -3.68
CA SER B 347 41.25 37.57 -4.83
C SER B 347 40.89 36.33 -5.67
N ILE B 348 40.88 35.18 -5.01
CA ILE B 348 40.57 33.93 -5.71
C ILE B 348 39.21 34.05 -6.41
N LEU B 349 38.21 34.49 -5.67
CA LEU B 349 36.88 34.62 -6.26
C LEU B 349 36.93 35.55 -7.48
N SER B 350 37.40 36.76 -7.28
CA SER B 350 37.34 37.74 -8.38
C SER B 350 38.19 37.31 -9.56
N SER B 351 39.11 36.37 -9.36
CA SER B 351 39.96 35.93 -10.45
C SER B 351 39.44 34.71 -11.19
N LEU B 352 38.28 34.20 -10.76
CA LEU B 352 37.72 33.00 -11.42
C LEU B 352 37.04 33.34 -12.73
N SER B 353 37.24 32.47 -13.74
CA SER B 353 36.82 32.79 -15.09
C SER B 353 35.28 32.79 -15.20
N THR B 354 34.62 31.93 -14.45
CA THR B 354 33.16 31.89 -14.51
C THR B 354 32.52 33.03 -13.73
N PHE B 355 33.22 33.54 -12.73
CA PHE B 355 32.65 34.59 -11.86
C PHE B 355 32.33 35.86 -12.67
N GLN B 356 33.09 36.10 -13.73
CA GLN B 356 32.95 37.31 -14.52
C GLN B 356 31.54 37.57 -15.03
N GLN B 357 30.67 36.57 -14.95
CA GLN B 357 29.31 36.74 -15.47
C GLN B 357 28.43 37.48 -14.45
N MET B 358 28.79 37.43 -13.16
CA MET B 358 27.89 37.85 -12.11
C MET B 358 27.94 39.31 -11.76
N TRP B 359 28.96 40.03 -12.24
CA TRP B 359 29.12 41.42 -11.82
C TRP B 359 27.83 42.21 -12.08
N ILE B 360 27.53 43.16 -11.20
CA ILE B 360 26.44 44.10 -11.45
C ILE B 360 27.03 45.13 -12.42
N THR B 361 26.32 45.37 -13.52
CA THR B 361 26.85 46.20 -14.61
C THR B 361 26.33 47.61 -14.53
N LYS B 362 27.17 48.58 -14.92
CA LYS B 362 26.78 49.98 -14.94
C LYS B 362 25.41 50.15 -15.61
N GLU B 363 25.26 49.57 -16.79
CA GLU B 363 23.98 49.56 -17.47
C GLU B 363 22.87 49.01 -16.57
N GLU B 364 22.94 47.73 -16.23
CA GLU B 364 21.88 47.07 -15.51
C GLU B 364 21.43 47.89 -14.30
N TYR B 365 22.39 48.49 -13.60
CA TYR B 365 22.02 49.43 -12.54
C TYR B 365 21.26 50.62 -13.09
N ASP B 366 21.77 51.23 -14.15
CA ASP B 366 21.12 52.43 -14.68
C ASP B 366 19.66 52.19 -15.01
N GLU B 367 19.34 51.08 -15.65
CA GLU B 367 17.97 50.85 -16.05
C GLU B 367 17.14 50.31 -14.90
N SER B 368 17.73 49.44 -14.07
CA SER B 368 16.96 48.65 -13.10
C SER B 368 16.85 49.27 -11.71
N GLY B 369 17.42 50.46 -11.52
CA GLY B 369 17.39 51.09 -10.22
C GLY B 369 18.32 50.41 -9.23
N PRO B 370 18.59 51.04 -8.08
CA PRO B 370 19.57 50.50 -7.13
C PRO B 370 19.13 49.22 -6.43
N SER B 371 17.83 48.98 -6.40
CA SER B 371 17.27 47.79 -5.79
C SER B 371 17.78 46.48 -6.39
N ILE B 372 18.31 46.47 -7.62
CA ILE B 372 18.77 45.21 -8.22
C ILE B 372 19.84 44.48 -7.42
N VAL B 373 20.59 45.21 -6.63
CA VAL B 373 21.63 44.60 -5.81
C VAL B 373 21.11 43.35 -5.14
N HIS B 374 19.95 43.46 -4.50
CA HIS B 374 19.36 42.31 -3.81
C HIS B 374 19.21 41.05 -4.62
N ARG B 375 19.02 41.20 -5.93
CA ARG B 375 18.88 40.06 -6.82
C ARG B 375 20.20 39.40 -7.23
N LYS B 376 21.27 40.18 -7.40
CA LYS B 376 22.60 39.63 -7.69
C LYS B 376 23.62 39.88 -6.56
N CYS B 377 23.75 38.89 -5.68
CA CYS B 377 24.65 38.95 -4.51
C CYS B 377 25.44 37.65 -4.40
N VAL C 8 1.76 -63.05 -37.02
CA VAL C 8 1.61 -63.99 -35.88
C VAL C 8 1.42 -63.29 -34.53
N GLN C 9 1.64 -61.97 -34.45
CA GLN C 9 1.32 -61.19 -33.27
C GLN C 9 0.11 -60.31 -33.58
N ALA C 10 -1.00 -60.57 -32.89
CA ALA C 10 -2.23 -59.79 -33.02
C ALA C 10 -2.26 -58.68 -31.99
N LEU C 11 -2.59 -57.48 -32.44
CA LEU C 11 -2.57 -56.30 -31.61
C LEU C 11 -4.00 -55.96 -31.15
N VAL C 12 -4.21 -55.98 -29.84
CA VAL C 12 -5.55 -55.90 -29.28
C VAL C 12 -5.78 -54.54 -28.63
N VAL C 13 -6.65 -53.75 -29.20
CA VAL C 13 -7.07 -52.48 -28.61
C VAL C 13 -8.58 -52.51 -28.39
N ASP C 14 -8.98 -52.49 -27.13
CA ASP C 14 -10.40 -52.38 -26.76
C ASP C 14 -10.68 -50.97 -26.32
N ASN C 15 -11.40 -50.23 -27.17
CA ASN C 15 -11.77 -48.83 -26.90
C ASN C 15 -13.00 -48.74 -26.07
N GLY C 16 -12.80 -48.37 -24.82
CA GLY C 16 -13.88 -48.14 -23.92
C GLY C 16 -14.26 -46.68 -23.98
N SER C 17 -15.14 -46.29 -23.09
CA SER C 17 -15.39 -44.86 -22.81
C SER C 17 -14.76 -44.57 -21.46
N GLY C 18 -13.65 -43.84 -21.45
CA GLY C 18 -12.95 -43.56 -20.21
C GLY C 18 -11.84 -44.58 -19.86
N ASN C 19 -11.58 -45.53 -20.75
CA ASN C 19 -10.35 -46.31 -20.70
C ASN C 19 -9.99 -46.78 -22.09
N VAL C 20 -8.70 -47.00 -22.30
CA VAL C 20 -8.19 -47.65 -23.50
C VAL C 20 -7.23 -48.74 -23.06
N LYS C 21 -7.60 -49.99 -23.31
CA LYS C 21 -6.82 -51.14 -22.85
C LYS C 21 -6.20 -51.78 -24.08
N ALA C 22 -4.89 -51.61 -24.23
CA ALA C 22 -4.18 -52.08 -25.41
C ALA C 22 -3.01 -52.92 -25.00
N GLY C 23 -2.94 -54.13 -25.54
CA GLY C 23 -1.81 -55.01 -25.35
C GLY C 23 -1.75 -55.99 -26.52
N VAL C 24 -0.54 -56.41 -26.88
CA VAL C 24 -0.34 -57.34 -27.98
C VAL C 24 -0.81 -58.75 -27.56
N ALA C 25 -1.35 -59.49 -28.53
CA ALA C 25 -1.95 -60.81 -28.29
C ALA C 25 -0.98 -61.77 -27.62
N GLY C 26 -1.55 -62.67 -26.83
CA GLY C 26 -0.77 -63.70 -26.16
C GLY C 26 -0.40 -63.37 -24.73
N ASP C 27 -0.59 -62.12 -24.30
CA ASP C 27 -0.32 -61.70 -22.92
C ASP C 27 -1.55 -62.01 -22.07
N ASP C 28 -1.34 -62.21 -20.77
CA ASP C 28 -2.43 -62.53 -19.84
C ASP C 28 -3.11 -61.29 -19.27
N ALA C 29 -2.42 -60.14 -19.36
CA ALA C 29 -2.99 -58.86 -18.93
C ALA C 29 -2.43 -57.75 -19.84
N PRO C 30 -3.24 -56.71 -20.10
CA PRO C 30 -2.86 -55.73 -21.12
C PRO C 30 -1.63 -54.90 -20.70
N ARG C 31 -0.80 -54.54 -21.66
CA ARG C 31 0.41 -53.77 -21.38
C ARG C 31 0.07 -52.38 -20.91
N SER C 32 -0.68 -51.64 -21.73
CA SER C 32 -1.01 -50.24 -21.42
C SER C 32 -2.47 -50.07 -21.04
N VAL C 33 -2.71 -49.60 -19.83
CA VAL C 33 -4.04 -49.23 -19.41
C VAL C 33 -3.99 -47.77 -19.02
N PHE C 34 -4.66 -46.92 -19.77
CA PHE C 34 -4.65 -45.49 -19.47
C PHE C 34 -6.02 -44.92 -19.82
N PRO C 35 -6.50 -43.96 -19.02
CA PRO C 35 -7.81 -43.37 -19.34
C PRO C 35 -7.76 -42.64 -20.70
N SER C 36 -8.89 -42.61 -21.41
CA SER C 36 -9.02 -41.94 -22.72
C SER C 36 -9.43 -40.53 -22.49
N ILE C 37 -8.47 -39.62 -22.52
CA ILE C 37 -8.75 -38.23 -22.25
C ILE C 37 -7.90 -37.37 -23.14
N VAL C 38 -8.50 -36.32 -23.69
CA VAL C 38 -7.74 -35.36 -24.45
C VAL C 38 -7.78 -34.04 -23.71
N GLY C 39 -6.68 -33.71 -23.05
CA GLY C 39 -6.59 -32.44 -22.36
C GLY C 39 -6.09 -31.35 -23.31
N ARG C 40 -6.67 -30.15 -23.24
CA ARG C 40 -6.10 -28.99 -23.89
C ARG C 40 -5.87 -27.93 -22.82
N PRO C 41 -4.61 -27.53 -22.61
CA PRO C 41 -4.36 -26.57 -21.50
C PRO C 41 -5.13 -25.30 -21.73
N LYS C 42 -5.89 -24.90 -20.72
CA LYS C 42 -6.84 -23.78 -20.89
C LYS C 42 -6.13 -22.44 -20.88
N ASN C 43 -5.24 -22.23 -19.91
CA ASN C 43 -4.54 -20.98 -19.81
C ASN C 43 -3.33 -20.96 -20.76
N PRO C 44 -2.76 -19.78 -21.01
CA PRO C 44 -1.58 -19.70 -21.89
C PRO C 44 -0.31 -20.16 -21.14
N GLY C 45 0.61 -20.84 -21.84
CA GLY C 45 1.91 -21.19 -21.28
C GLY C 45 2.80 -19.95 -21.19
N ILE C 46 3.69 -19.90 -20.20
CA ILE C 46 4.57 -18.73 -19.97
C ILE C 46 6.06 -19.05 -20.06
N MET C 47 6.51 -20.05 -19.30
CA MET C 47 7.93 -20.32 -19.12
C MET C 47 8.51 -20.67 -20.46
N VAL C 48 9.58 -19.98 -20.85
CA VAL C 48 10.20 -20.21 -22.15
C VAL C 48 11.08 -21.46 -22.06
N GLY C 49 11.06 -22.25 -23.13
CA GLY C 49 11.76 -23.52 -23.18
C GLY C 49 10.91 -24.75 -22.86
N MET C 50 9.79 -24.57 -22.15
CA MET C 50 8.81 -25.65 -21.96
C MET C 50 8.38 -26.24 -23.32
N GLU C 51 8.14 -27.55 -23.35
CA GLU C 51 7.60 -28.20 -24.56
C GLU C 51 6.09 -28.18 -24.50
N GLU C 52 5.46 -27.45 -25.42
CA GLU C 52 4.01 -27.28 -25.41
C GLU C 52 3.27 -28.60 -25.55
N LYS C 53 3.48 -29.32 -26.65
CA LYS C 53 2.70 -30.50 -27.03
C LYS C 53 1.23 -30.17 -26.82
N ASP C 54 0.68 -29.38 -27.76
CA ASP C 54 -0.54 -28.64 -27.51
C ASP C 54 -1.61 -29.43 -26.74
N ALA C 55 -1.93 -30.63 -27.22
CA ALA C 55 -3.01 -31.43 -26.62
C ALA C 55 -2.40 -32.67 -25.96
N PHE C 56 -2.39 -32.69 -24.64
CA PHE C 56 -1.97 -33.88 -23.90
C PHE C 56 -2.98 -35.00 -24.09
N VAL C 57 -2.58 -36.22 -23.80
CA VAL C 57 -3.44 -37.38 -23.99
C VAL C 57 -3.14 -38.47 -22.97
N GLY C 58 -4.20 -39.09 -22.47
CA GLY C 58 -4.05 -40.21 -21.59
C GLY C 58 -3.44 -39.88 -20.26
N ASP C 59 -2.65 -40.81 -19.76
CA ASP C 59 -2.19 -40.73 -18.36
C ASP C 59 -1.40 -39.45 -18.11
N GLU C 60 -0.55 -39.09 -19.07
CA GLU C 60 0.18 -37.84 -18.94
C GLU C 60 -0.77 -36.69 -18.62
N ALA C 61 -1.92 -36.66 -19.28
CA ALA C 61 -2.87 -35.55 -19.10
C ALA C 61 -3.70 -35.72 -17.85
N GLN C 62 -3.65 -36.88 -17.21
CA GLN C 62 -4.31 -37.00 -15.91
C GLN C 62 -3.31 -36.86 -14.77
N THR C 63 -2.02 -36.71 -15.06
CA THR C 63 -1.06 -36.35 -14.01
C THR C 63 -1.16 -34.84 -13.71
N LYS C 64 -1.33 -34.03 -14.75
CA LYS C 64 -1.61 -32.60 -14.58
C LYS C 64 -3.04 -32.37 -15.06
N ARG C 65 -4.01 -32.39 -14.15
CA ARG C 65 -5.38 -32.05 -14.51
C ARG C 65 -5.76 -30.66 -14.06
N GLY C 66 -4.91 -29.97 -13.32
CA GLY C 66 -5.25 -28.62 -12.84
C GLY C 66 -5.17 -27.58 -13.96
N ILE C 67 -4.28 -27.79 -14.92
CA ILE C 67 -4.10 -26.86 -16.03
C ILE C 67 -5.06 -27.15 -17.19
N LEU C 68 -5.65 -28.34 -17.23
CA LEU C 68 -6.27 -28.84 -18.44
C LEU C 68 -7.78 -28.87 -18.30
N THR C 69 -8.42 -28.70 -19.44
CA THR C 69 -9.85 -28.95 -19.57
C THR C 69 -10.05 -30.25 -20.34
N LEU C 70 -10.47 -31.28 -19.62
CA LEU C 70 -10.50 -32.65 -20.16
C LEU C 70 -11.79 -32.82 -20.93
N LYS C 71 -11.68 -33.48 -22.07
CA LYS C 71 -12.84 -33.82 -22.86
C LYS C 71 -12.76 -35.31 -23.25
N TYR C 72 -13.65 -36.13 -22.70
CA TYR C 72 -13.74 -37.51 -23.13
C TYR C 72 -14.27 -37.54 -24.56
N PRO C 73 -13.54 -38.19 -25.49
CA PRO C 73 -14.03 -38.27 -26.86
C PRO C 73 -15.13 -39.31 -27.07
N ILE C 74 -15.30 -40.23 -26.12
CA ILE C 74 -16.31 -41.26 -26.20
C ILE C 74 -17.38 -40.98 -25.14
N GLU C 75 -18.62 -40.82 -25.56
CA GLU C 75 -19.75 -40.64 -24.66
C GLU C 75 -20.83 -41.62 -25.02
N HIS C 76 -21.06 -42.57 -24.14
CA HIS C 76 -21.97 -43.70 -24.40
C HIS C 76 -21.53 -44.51 -25.61
N GLY C 77 -20.25 -44.86 -25.61
CA GLY C 77 -19.71 -45.76 -26.61
C GLY C 77 -19.75 -45.29 -28.08
N ILE C 78 -20.14 -44.04 -28.31
CA ILE C 78 -20.29 -43.49 -29.63
C ILE C 78 -19.43 -42.24 -29.78
N VAL C 79 -18.45 -42.30 -30.67
CA VAL C 79 -17.47 -41.23 -30.79
C VAL C 79 -18.20 -39.93 -31.07
N THR C 80 -18.04 -38.96 -30.19
CA THR C 80 -18.60 -37.63 -30.41
C THR C 80 -17.67 -36.79 -31.27
N ASN C 81 -16.36 -36.87 -30.99
CA ASN C 81 -15.37 -36.01 -31.64
C ASN C 81 -14.22 -36.85 -32.14
N TRP C 82 -14.04 -36.92 -33.47
CA TRP C 82 -13.10 -37.86 -34.05
C TRP C 82 -11.65 -37.46 -33.87
N ASP C 83 -11.35 -36.20 -34.14
CA ASP C 83 -9.96 -35.74 -34.03
C ASP C 83 -9.39 -36.22 -32.68
N ASP C 84 -10.15 -36.00 -31.61
CA ASP C 84 -9.70 -36.42 -30.30
C ASP C 84 -9.36 -37.90 -30.25
N MET C 85 -10.29 -38.75 -30.67
CA MET C 85 -10.03 -40.19 -30.61
C MET C 85 -8.80 -40.59 -31.43
N GLU C 86 -8.82 -40.20 -32.69
CA GLU C 86 -7.69 -40.44 -33.59
C GLU C 86 -6.37 -40.12 -32.84
N LYS C 87 -6.33 -38.93 -32.26
CA LYS C 87 -5.17 -38.59 -31.44
C LYS C 87 -4.92 -39.63 -30.34
N ILE C 88 -5.98 -40.09 -29.67
CA ILE C 88 -5.77 -41.08 -28.62
C ILE C 88 -5.08 -42.35 -29.17
N TRP C 89 -5.69 -42.99 -30.16
CA TRP C 89 -5.06 -44.16 -30.75
C TRP C 89 -3.60 -43.88 -31.05
N HIS C 90 -3.36 -42.78 -31.76
CA HIS C 90 -1.98 -42.40 -32.09
C HIS C 90 -1.10 -42.52 -30.82
N HIS C 91 -1.55 -41.92 -29.73
CA HIS C 91 -0.85 -42.06 -28.47
C HIS C 91 -0.64 -43.53 -28.09
N THR C 92 -1.65 -44.36 -28.30
CA THR C 92 -1.53 -45.76 -27.98
C THR C 92 -0.38 -46.41 -28.76
N PHE C 93 -0.56 -46.57 -30.07
CA PHE C 93 0.38 -47.34 -30.86
C PHE C 93 1.80 -46.83 -30.71
N TYR C 94 2.01 -45.52 -30.74
CA TYR C 94 3.37 -44.99 -30.68
C TYR C 94 3.91 -44.90 -29.25
N ASN C 95 3.24 -44.16 -28.37
CA ASN C 95 3.83 -43.86 -27.07
C ASN C 95 3.69 -44.98 -26.07
N GLU C 96 2.81 -45.95 -26.28
CA GLU C 96 2.70 -46.98 -25.24
C GLU C 96 2.78 -48.43 -25.71
N LEU C 97 1.86 -48.89 -26.53
CA LEU C 97 2.07 -50.21 -27.15
C LEU C 97 3.47 -50.37 -27.78
N ARG C 98 4.04 -49.28 -28.32
CA ARG C 98 5.35 -49.28 -28.98
C ARG C 98 5.41 -50.23 -30.16
N ALA C 99 4.25 -50.51 -30.74
CA ALA C 99 4.16 -51.33 -31.93
C ALA C 99 3.86 -50.45 -33.13
N ALA C 100 4.26 -50.89 -34.31
CA ALA C 100 4.00 -50.13 -35.52
C ALA C 100 2.55 -50.37 -35.95
N PRO C 101 1.96 -49.39 -36.64
CA PRO C 101 0.62 -49.66 -37.21
C PRO C 101 0.63 -50.67 -38.36
N GLU C 102 1.63 -50.55 -39.24
CA GLU C 102 1.62 -51.28 -40.50
C GLU C 102 2.06 -52.73 -40.32
N GLU C 103 2.71 -53.05 -39.20
CA GLU C 103 3.29 -54.38 -39.05
C GLU C 103 2.24 -55.41 -38.64
N HIS C 104 1.29 -55.03 -37.80
CA HIS C 104 0.43 -56.01 -37.17
C HIS C 104 -1.01 -55.82 -37.52
N PRO C 105 -1.79 -56.90 -37.50
CA PRO C 105 -3.25 -56.75 -37.50
C PRO C 105 -3.74 -56.36 -36.10
N VAL C 106 -4.78 -55.56 -36.05
CA VAL C 106 -5.28 -55.01 -34.81
C VAL C 106 -6.76 -55.36 -34.66
N LEU C 107 -7.16 -55.58 -33.41
CA LEU C 107 -8.54 -55.93 -33.07
C LEU C 107 -9.19 -54.80 -32.28
N LEU C 108 -10.12 -54.09 -32.92
CA LEU C 108 -10.86 -53.01 -32.26
C LEU C 108 -12.17 -53.55 -31.75
N THR C 109 -12.62 -52.98 -30.64
CA THR C 109 -13.81 -53.48 -29.96
C THR C 109 -14.91 -52.42 -29.93
N GLU C 110 -16.17 -52.88 -30.00
CA GLU C 110 -17.31 -52.00 -30.21
C GLU C 110 -18.50 -52.49 -29.41
N ALA C 111 -19.45 -51.59 -29.19
CA ALA C 111 -20.64 -51.86 -28.42
C ALA C 111 -21.80 -52.37 -29.28
N PRO C 112 -22.56 -53.35 -28.81
CA PRO C 112 -23.74 -53.80 -29.53
C PRO C 112 -24.70 -52.66 -29.86
N LEU C 113 -25.46 -52.83 -30.93
CA LEU C 113 -26.39 -51.81 -31.41
C LEU C 113 -25.75 -50.44 -31.53
N ASN C 114 -24.55 -50.41 -32.05
CA ASN C 114 -23.81 -49.18 -32.14
C ASN C 114 -23.94 -48.60 -33.54
N PRO C 115 -24.23 -47.31 -33.64
CA PRO C 115 -24.49 -46.72 -34.97
C PRO C 115 -23.47 -47.11 -36.01
N LYS C 116 -23.94 -47.39 -37.22
CA LYS C 116 -23.06 -47.78 -38.28
C LYS C 116 -21.88 -46.83 -38.43
N GLY C 117 -22.12 -45.53 -38.17
CA GLY C 117 -21.08 -44.53 -38.29
C GLY C 117 -19.80 -44.93 -37.60
N ASN C 118 -19.90 -45.51 -36.41
CA ASN C 118 -18.68 -45.85 -35.66
C ASN C 118 -17.91 -46.97 -36.30
N ARG C 119 -18.59 -48.00 -36.77
CA ARG C 119 -17.88 -49.00 -37.54
C ARG C 119 -17.21 -48.41 -38.77
N GLU C 120 -18.04 -47.92 -39.70
CA GLU C 120 -17.50 -47.45 -40.98
C GLU C 120 -16.32 -46.50 -40.75
N ARG C 121 -16.58 -45.40 -40.06
CA ARG C 121 -15.56 -44.37 -39.91
C ARG C 121 -14.40 -44.85 -39.05
N MET C 122 -14.65 -45.80 -38.15
CA MET C 122 -13.56 -46.35 -37.33
C MET C 122 -12.54 -47.07 -38.21
N THR C 123 -13.01 -48.07 -38.96
CA THR C 123 -12.06 -48.75 -39.86
C THR C 123 -11.48 -47.75 -40.84
N GLN C 124 -12.31 -46.97 -41.51
CA GLN C 124 -11.82 -46.01 -42.49
C GLN C 124 -10.64 -45.23 -41.91
N ILE C 125 -10.74 -44.80 -40.67
CA ILE C 125 -9.62 -44.13 -40.02
C ILE C 125 -8.47 -45.09 -39.71
N MET C 126 -8.75 -46.39 -39.62
CA MET C 126 -7.67 -47.33 -39.38
C MET C 126 -6.87 -47.64 -40.64
N PHE C 127 -7.54 -47.84 -41.77
CA PHE C 127 -6.85 -48.12 -43.01
C PHE C 127 -6.30 -46.88 -43.68
N GLU C 128 -7.08 -45.81 -43.79
CA GLU C 128 -6.63 -44.62 -44.53
C GLU C 128 -5.55 -43.79 -43.83
N SER C 129 -5.78 -43.30 -42.61
CA SER C 129 -4.79 -42.47 -41.89
C SER C 129 -3.64 -43.29 -41.27
N PHE C 130 -3.94 -44.19 -40.33
CA PHE C 130 -3.02 -45.26 -39.96
C PHE C 130 -3.01 -46.22 -41.15
N ASN C 131 -1.98 -47.04 -41.25
CA ASN C 131 -1.95 -48.11 -42.23
C ASN C 131 -1.85 -49.42 -41.50
N VAL C 132 -2.86 -50.28 -41.69
CA VAL C 132 -2.94 -51.57 -40.99
C VAL C 132 -3.18 -52.70 -41.99
N PRO C 133 -2.51 -53.87 -41.78
CA PRO C 133 -2.71 -54.96 -42.73
C PRO C 133 -4.11 -55.58 -42.68
N ALA C 134 -4.64 -55.77 -41.47
CA ALA C 134 -5.94 -56.36 -41.29
C ALA C 134 -6.56 -55.89 -40.00
N MET C 135 -7.90 -56.02 -39.94
CA MET C 135 -8.67 -55.44 -38.85
C MET C 135 -9.96 -56.15 -38.61
N TYR C 136 -10.43 -56.11 -37.38
CA TYR C 136 -11.70 -56.75 -37.08
C TYR C 136 -12.26 -56.14 -35.81
N VAL C 137 -13.58 -55.95 -35.77
CA VAL C 137 -14.22 -55.24 -34.67
C VAL C 137 -15.33 -56.11 -34.10
N ALA C 138 -15.15 -56.57 -32.86
CA ALA C 138 -16.07 -57.53 -32.24
C ALA C 138 -16.86 -56.89 -31.11
N ILE C 139 -18.07 -57.37 -30.92
CA ILE C 139 -18.93 -56.91 -29.86
C ILE C 139 -18.27 -57.21 -28.50
N GLN C 140 -18.22 -56.22 -27.63
CA GLN C 140 -17.51 -56.39 -26.35
C GLN C 140 -18.07 -57.61 -25.58
N ALA C 141 -19.40 -57.63 -25.45
CA ALA C 141 -20.05 -58.66 -24.65
C ALA C 141 -19.50 -60.05 -25.00
N VAL C 142 -19.60 -60.43 -26.27
CA VAL C 142 -19.21 -61.76 -26.68
C VAL C 142 -17.74 -62.01 -26.33
N LEU C 143 -16.89 -61.01 -26.56
CA LEU C 143 -15.48 -61.20 -26.27
C LEU C 143 -15.29 -61.54 -24.80
N SER C 144 -16.04 -60.91 -23.90
CA SER C 144 -15.90 -61.27 -22.50
C SER C 144 -16.17 -62.77 -22.28
N LEU C 145 -16.99 -63.36 -23.16
CA LEU C 145 -17.44 -64.72 -22.95
C LEU C 145 -16.33 -65.73 -23.26
N TYR C 146 -15.53 -65.46 -24.28
CA TYR C 146 -14.30 -66.25 -24.47
C TYR C 146 -13.46 -66.23 -23.20
N SER C 147 -13.19 -65.04 -22.68
CA SER C 147 -12.41 -64.93 -21.44
C SER C 147 -12.98 -65.84 -20.36
N SER C 148 -14.29 -65.78 -20.15
CA SER C 148 -14.88 -66.68 -19.15
C SER C 148 -14.76 -68.15 -19.55
N GLY C 149 -14.31 -68.39 -20.78
CA GLY C 149 -13.97 -69.73 -21.21
C GLY C 149 -15.13 -70.71 -21.29
N ARG C 150 -16.36 -70.23 -21.10
CA ARG C 150 -17.55 -71.07 -21.17
C ARG C 150 -18.36 -70.67 -22.40
N THR C 151 -19.09 -71.60 -22.99
CA THR C 151 -19.71 -71.35 -24.27
C THR C 151 -21.15 -70.80 -24.18
N THR C 152 -21.71 -70.72 -22.98
CA THR C 152 -23.10 -70.29 -22.83
C THR C 152 -23.26 -69.36 -21.64
N GLY C 153 -23.94 -68.26 -21.83
CA GLY C 153 -24.35 -67.41 -20.73
C GLY C 153 -24.67 -66.01 -21.20
N ILE C 154 -25.36 -65.26 -20.36
CA ILE C 154 -25.51 -63.84 -20.52
C ILE C 154 -24.17 -63.23 -20.16
N VAL C 155 -23.73 -62.29 -20.96
CA VAL C 155 -22.57 -61.47 -20.62
C VAL C 155 -23.10 -60.07 -20.47
N LEU C 156 -23.22 -59.59 -19.23
CA LEU C 156 -23.64 -58.19 -19.02
C LEU C 156 -22.49 -57.41 -18.48
N ASP C 157 -21.99 -56.48 -19.30
CA ASP C 157 -20.88 -55.62 -18.90
C ASP C 157 -21.40 -54.22 -18.78
N SER C 158 -20.74 -53.41 -17.96
CA SER C 158 -21.01 -51.99 -17.98
C SER C 158 -19.69 -51.24 -17.92
N GLY C 159 -19.35 -50.57 -19.00
CA GLY C 159 -18.24 -49.62 -19.03
C GLY C 159 -18.81 -48.21 -18.95
N ASP C 160 -17.96 -47.23 -18.72
CA ASP C 160 -18.44 -45.86 -18.51
C ASP C 160 -19.52 -45.45 -19.50
N GLY C 161 -19.38 -45.85 -20.75
CA GLY C 161 -20.34 -45.42 -21.75
C GLY C 161 -21.66 -46.18 -21.71
N VAL C 162 -21.57 -47.51 -21.70
CA VAL C 162 -22.68 -48.38 -22.10
C VAL C 162 -22.68 -49.63 -21.27
N SER C 163 -23.85 -50.24 -21.14
CA SER C 163 -23.97 -51.52 -20.48
C SER C 163 -24.75 -52.50 -21.36
N HIS C 164 -24.07 -53.56 -21.80
CA HIS C 164 -24.67 -54.53 -22.69
C HIS C 164 -25.24 -55.69 -21.90
N THR C 165 -26.30 -56.29 -22.42
CA THR C 165 -26.65 -57.66 -22.08
C THR C 165 -26.73 -58.43 -23.38
N VAL C 166 -25.76 -59.29 -23.65
CA VAL C 166 -25.82 -60.10 -24.87
C VAL C 166 -25.89 -61.57 -24.49
N PRO C 167 -27.08 -62.18 -24.55
CA PRO C 167 -27.11 -63.61 -24.28
C PRO C 167 -26.54 -64.42 -25.44
N ILE C 168 -26.08 -65.62 -25.15
CA ILE C 168 -25.59 -66.54 -26.16
C ILE C 168 -25.95 -67.93 -25.65
N TYR C 169 -26.33 -68.81 -26.57
CA TYR C 169 -26.56 -70.22 -26.20
C TYR C 169 -25.64 -71.14 -26.99
N GLU C 170 -24.75 -71.84 -26.30
CA GLU C 170 -23.91 -72.87 -26.91
C GLU C 170 -23.32 -72.41 -28.24
N GLY C 171 -22.68 -71.24 -28.20
CA GLY C 171 -21.95 -70.76 -29.36
C GLY C 171 -22.76 -69.92 -30.32
N TYR C 172 -24.09 -70.03 -30.27
CA TYR C 172 -24.93 -69.21 -31.14
C TYR C 172 -25.37 -67.96 -30.40
N ALA C 173 -25.35 -66.82 -31.10
CA ALA C 173 -25.77 -65.56 -30.53
C ALA C 173 -27.19 -65.23 -30.94
N LEU C 174 -27.91 -64.59 -30.03
CA LEU C 174 -29.31 -64.22 -30.25
C LEU C 174 -29.37 -62.72 -30.57
N PRO C 175 -29.52 -62.35 -31.85
CA PRO C 175 -29.53 -60.94 -32.19
C PRO C 175 -30.72 -60.13 -31.70
N HIS C 176 -31.84 -60.81 -31.46
CA HIS C 176 -33.03 -60.09 -31.01
C HIS C 176 -33.04 -59.90 -29.48
N ALA C 177 -32.19 -60.62 -28.77
CA ALA C 177 -32.19 -60.54 -27.31
C ALA C 177 -31.34 -59.36 -26.82
N ILE C 178 -30.31 -58.99 -27.60
CA ILE C 178 -29.36 -57.98 -27.14
C ILE C 178 -30.10 -56.76 -26.58
N MET C 179 -29.59 -56.23 -25.49
CA MET C 179 -30.24 -55.11 -24.88
C MET C 179 -29.19 -54.22 -24.24
N ARG C 180 -29.23 -52.94 -24.60
CA ARG C 180 -28.30 -51.95 -24.08
C ARG C 180 -29.03 -50.93 -23.22
N LEU C 181 -28.41 -50.66 -22.08
CA LEU C 181 -28.85 -49.61 -21.21
C LEU C 181 -27.67 -48.63 -21.14
N ASP C 182 -27.96 -47.37 -20.83
CA ASP C 182 -26.95 -46.29 -20.86
C ASP C 182 -26.42 -45.86 -19.48
N LEU C 183 -26.83 -46.56 -18.43
CA LEU C 183 -26.33 -46.35 -17.10
C LEU C 183 -24.99 -47.02 -16.97
N ALA C 184 -23.97 -46.25 -16.58
CA ALA C 184 -22.61 -46.75 -16.59
C ALA C 184 -21.77 -45.95 -15.63
N GLY C 185 -20.48 -46.15 -15.67
CA GLY C 185 -19.59 -45.44 -14.75
C GLY C 185 -19.77 -43.92 -14.77
N ARG C 186 -19.92 -43.33 -15.95
CA ARG C 186 -19.94 -41.89 -16.05
C ARG C 186 -21.26 -41.27 -15.65
N ASP C 187 -22.33 -42.04 -15.69
CA ASP C 187 -23.60 -41.56 -15.13
C ASP C 187 -23.63 -41.73 -13.63
N LEU C 188 -22.87 -42.68 -13.10
CA LEU C 188 -22.76 -42.82 -11.66
C LEU C 188 -21.79 -41.82 -11.08
N THR C 189 -20.80 -41.34 -11.84
CA THR C 189 -20.01 -40.22 -11.34
C THR C 189 -20.80 -38.92 -11.49
N GLU C 190 -21.29 -38.64 -12.69
CA GLU C 190 -22.06 -37.42 -12.88
C GLU C 190 -23.27 -37.37 -11.96
N TYR C 191 -23.70 -38.52 -11.47
CA TYR C 191 -24.71 -38.54 -10.40
C TYR C 191 -24.09 -38.32 -9.03
N LEU C 192 -22.95 -38.96 -8.80
CA LEU C 192 -22.32 -38.86 -7.48
C LEU C 192 -22.03 -37.41 -7.11
N MET C 193 -21.96 -36.52 -8.10
CA MET C 193 -21.90 -35.10 -7.79
C MET C 193 -23.24 -34.60 -7.31
N LYS C 194 -24.31 -34.81 -8.08
CA LYS C 194 -25.61 -34.31 -7.66
C LYS C 194 -25.94 -34.73 -6.24
N ILE C 195 -25.48 -35.92 -5.84
CA ILE C 195 -25.70 -36.34 -4.46
C ILE C 195 -24.66 -35.69 -3.55
N LEU C 196 -23.41 -35.63 -3.97
CA LEU C 196 -22.35 -35.20 -3.07
C LEU C 196 -22.57 -33.74 -2.66
N HIS C 197 -23.17 -32.94 -3.54
CA HIS C 197 -23.61 -31.60 -3.15
C HIS C 197 -24.36 -31.62 -1.83
N GLU C 198 -25.20 -32.65 -1.63
CA GLU C 198 -26.01 -32.75 -0.42
C GLU C 198 -25.19 -32.57 0.85
N ARG C 199 -23.94 -33.07 0.86
CA ARG C 199 -23.05 -33.02 2.04
C ARG C 199 -22.35 -31.70 2.20
N GLY C 200 -22.49 -30.80 1.23
CA GLY C 200 -21.78 -29.52 1.28
C GLY C 200 -20.54 -29.44 0.39
N TYR C 201 -20.03 -30.59 -0.03
CA TYR C 201 -18.97 -30.64 -1.04
C TYR C 201 -19.59 -30.25 -2.35
N GLY C 202 -18.79 -29.86 -3.31
CA GLY C 202 -19.32 -29.71 -4.65
C GLY C 202 -18.24 -29.64 -5.68
N PHE C 203 -18.43 -30.28 -6.84
CA PHE C 203 -17.41 -30.37 -7.87
C PHE C 203 -18.04 -29.92 -9.21
N SER C 204 -17.66 -28.75 -9.68
CA SER C 204 -18.23 -28.20 -10.92
C SER C 204 -17.35 -28.48 -12.14
N THR C 205 -16.12 -28.94 -11.95
CA THR C 205 -15.12 -28.90 -13.03
C THR C 205 -14.70 -30.30 -13.44
N SER C 206 -14.14 -30.42 -14.64
CA SER C 206 -13.77 -31.74 -15.15
C SER C 206 -12.77 -32.45 -14.22
N ALA C 207 -11.61 -31.83 -14.05
CA ALA C 207 -10.60 -32.39 -13.17
C ALA C 207 -11.27 -32.89 -11.85
N GLU C 208 -12.10 -32.03 -11.27
CA GLU C 208 -12.81 -32.39 -10.08
C GLU C 208 -13.70 -33.59 -10.34
N LYS C 209 -14.27 -33.71 -11.54
CA LYS C 209 -15.10 -34.89 -11.77
C LYS C 209 -14.27 -36.15 -11.60
N GLU C 210 -13.04 -36.14 -12.11
CA GLU C 210 -12.18 -37.31 -11.95
C GLU C 210 -11.86 -37.58 -10.49
N ILE C 211 -11.61 -36.54 -9.71
CA ILE C 211 -11.50 -36.73 -8.27
C ILE C 211 -12.72 -37.54 -7.79
N VAL C 212 -13.92 -37.12 -8.21
CA VAL C 212 -15.10 -37.88 -7.84
C VAL C 212 -14.91 -39.34 -8.23
N ARG C 213 -14.62 -39.61 -9.48
CA ARG C 213 -14.49 -40.99 -9.94
C ARG C 213 -13.61 -41.81 -9.00
N ASP C 214 -12.53 -41.20 -8.53
CA ASP C 214 -11.75 -41.90 -7.49
C ASP C 214 -12.60 -42.18 -6.26
N ILE C 215 -13.29 -41.17 -5.73
CA ILE C 215 -14.16 -41.44 -4.59
C ILE C 215 -15.05 -42.66 -4.86
N LYS C 216 -15.69 -42.67 -6.02
CA LYS C 216 -16.56 -43.75 -6.40
C LYS C 216 -15.84 -45.08 -6.33
N GLU C 217 -14.69 -45.19 -7.00
CA GLU C 217 -13.99 -46.48 -7.04
C GLU C 217 -13.64 -46.96 -5.64
N LYS C 218 -13.07 -46.08 -4.81
CA LYS C 218 -12.59 -46.56 -3.50
C LYS C 218 -13.73 -46.82 -2.51
N LEU C 219 -14.62 -45.84 -2.31
CA LEU C 219 -15.51 -45.86 -1.13
C LEU C 219 -16.90 -46.39 -1.34
N CYS C 220 -17.21 -46.88 -2.54
CA CYS C 220 -18.59 -47.21 -2.86
C CYS C 220 -18.83 -48.71 -2.79
N TYR C 221 -19.89 -49.13 -2.11
CA TYR C 221 -20.37 -50.52 -2.17
C TYR C 221 -21.83 -50.52 -2.49
N ILE C 222 -22.35 -51.69 -2.85
CA ILE C 222 -23.76 -51.86 -3.22
C ILE C 222 -24.49 -52.64 -2.13
N ALA C 223 -25.56 -52.06 -1.63
CA ALA C 223 -26.32 -52.67 -0.56
C ALA C 223 -26.98 -53.97 -0.98
N LEU C 224 -27.09 -54.91 -0.05
CA LEU C 224 -27.97 -56.07 -0.27
C LEU C 224 -29.40 -55.59 -0.49
N ASN C 225 -30.02 -55.03 0.56
CA ASN C 225 -31.35 -54.46 0.44
C ASN C 225 -31.28 -53.01 0.82
N PHE C 226 -31.53 -52.15 -0.16
CA PHE C 226 -31.32 -50.70 -0.01
C PHE C 226 -32.24 -50.10 1.05
N ASP C 227 -33.53 -50.40 0.98
CA ASP C 227 -34.46 -49.93 1.98
C ASP C 227 -33.98 -50.24 3.39
N GLU C 228 -33.30 -51.37 3.55
CA GLU C 228 -32.72 -51.69 4.87
C GLU C 228 -31.66 -50.65 5.21
N GLU C 229 -30.65 -50.47 4.36
CA GLU C 229 -29.48 -49.70 4.73
C GLU C 229 -29.82 -48.22 4.90
N MET C 230 -30.76 -47.71 4.12
CA MET C 230 -31.21 -46.34 4.35
C MET C 230 -31.66 -46.12 5.80
N LYS C 231 -32.18 -47.16 6.42
CA LYS C 231 -32.50 -47.10 7.84
C LYS C 231 -31.25 -47.35 8.67
N THR C 232 -30.40 -48.28 8.23
CA THR C 232 -29.22 -48.61 9.02
C THR C 232 -28.25 -47.44 9.16
N SER C 233 -28.37 -46.45 8.29
CA SER C 233 -27.47 -45.30 8.37
C SER C 233 -27.92 -44.20 9.31
N GLU C 234 -29.10 -44.31 9.92
CA GLU C 234 -29.52 -43.35 10.95
C GLU C 234 -28.55 -43.32 12.14
N GLN C 235 -28.06 -44.50 12.52
CA GLN C 235 -27.03 -44.65 13.55
C GLN C 235 -25.71 -45.00 12.85
N SER C 236 -24.83 -44.03 12.72
CA SER C 236 -23.70 -44.08 11.78
C SER C 236 -22.43 -44.40 12.54
N SER C 237 -21.89 -45.60 12.31
CA SER C 237 -20.65 -46.04 12.96
C SER C 237 -19.52 -46.17 11.97
N ASP C 238 -19.50 -47.27 11.21
CA ASP C 238 -18.42 -47.53 10.25
C ASP C 238 -18.81 -47.18 8.83
N ILE C 239 -20.01 -46.63 8.61
CA ILE C 239 -20.47 -46.38 7.26
C ILE C 239 -19.75 -45.19 6.63
N GLU C 240 -19.44 -44.19 7.46
CA GLU C 240 -18.77 -43.02 6.95
C GLU C 240 -17.27 -43.25 6.87
N LYS C 241 -16.73 -43.21 5.65
CA LYS C 241 -15.32 -43.39 5.44
C LYS C 241 -14.74 -42.08 4.96
N SER C 242 -13.55 -41.79 5.47
CA SER C 242 -12.90 -40.53 5.25
C SER C 242 -11.95 -40.67 4.05
N TYR C 243 -12.22 -39.91 3.00
CA TYR C 243 -11.38 -39.89 1.80
C TYR C 243 -10.53 -38.62 1.85
N GLU C 244 -9.30 -38.74 1.38
CA GLU C 244 -8.30 -37.66 1.51
C GLU C 244 -7.90 -37.17 0.12
N LEU C 245 -8.24 -35.92 -0.19
CA LEU C 245 -8.08 -35.39 -1.54
C LEU C 245 -6.62 -35.21 -1.93
N PRO C 246 -6.37 -34.98 -3.22
CA PRO C 246 -5.06 -34.42 -3.62
C PRO C 246 -4.74 -33.12 -2.87
N ASP C 247 -5.76 -32.31 -2.60
CA ASP C 247 -5.59 -31.10 -1.82
C ASP C 247 -4.96 -31.40 -0.46
N GLY C 248 -5.37 -32.48 0.17
CA GLY C 248 -5.02 -32.73 1.56
C GLY C 248 -6.17 -32.54 2.50
N ASN C 249 -7.21 -31.83 2.08
CA ASN C 249 -8.44 -31.73 2.85
C ASN C 249 -9.06 -33.12 2.99
N ILE C 250 -9.81 -33.33 4.07
CA ILE C 250 -10.35 -34.64 4.40
C ILE C 250 -11.88 -34.61 4.26
N ILE C 251 -12.38 -35.28 3.23
CA ILE C 251 -13.82 -35.44 3.00
C ILE C 251 -14.32 -36.56 3.88
N THR C 252 -15.62 -36.54 4.18
CA THR C 252 -16.30 -37.69 4.76
C THR C 252 -17.61 -37.93 4.05
N VAL C 253 -17.72 -39.07 3.39
CA VAL C 253 -18.89 -39.39 2.61
C VAL C 253 -19.83 -40.28 3.42
N GLY C 254 -21.12 -39.90 3.40
CA GLY C 254 -22.15 -40.59 4.16
C GLY C 254 -22.85 -41.71 3.39
N ASN C 255 -24.18 -41.74 3.47
CA ASN C 255 -24.98 -42.64 2.65
C ASN C 255 -24.46 -42.70 1.23
N GLU C 256 -23.91 -41.58 0.73
CA GLU C 256 -23.52 -41.44 -0.64
C GLU C 256 -22.76 -42.67 -1.13
N ARG C 257 -22.10 -43.38 -0.23
CA ARG C 257 -21.38 -44.57 -0.62
C ARG C 257 -22.29 -45.58 -1.32
N PHE C 258 -23.37 -46.02 -0.68
CA PHE C 258 -24.19 -47.08 -1.27
C PHE C 258 -25.37 -46.57 -2.08
N ARG C 259 -25.72 -45.28 -2.01
CA ARG C 259 -26.82 -44.79 -2.83
C ARG C 259 -26.29 -44.27 -4.15
N CYS C 260 -24.99 -44.03 -4.26
CA CYS C 260 -24.40 -43.66 -5.56
C CYS C 260 -24.39 -44.85 -6.54
N PRO C 261 -23.80 -46.00 -6.17
CA PRO C 261 -23.82 -47.15 -7.11
C PRO C 261 -25.18 -47.79 -7.24
N GLU C 262 -26.13 -47.52 -6.34
CA GLU C 262 -27.42 -48.17 -6.50
C GLU C 262 -28.14 -47.68 -7.74
N ALA C 263 -27.79 -46.51 -8.25
CA ALA C 263 -28.48 -45.99 -9.44
C ALA C 263 -28.54 -47.04 -10.55
N LEU C 264 -27.54 -47.92 -10.59
CA LEU C 264 -27.54 -49.02 -11.57
C LEU C 264 -28.83 -49.85 -11.46
N PHE C 265 -29.20 -50.22 -10.25
CA PHE C 265 -30.36 -51.10 -10.06
C PHE C 265 -31.68 -50.32 -10.13
N GLN C 266 -31.67 -49.08 -9.68
CA GLN C 266 -32.81 -48.18 -9.91
C GLN C 266 -32.35 -47.00 -10.74
N PRO C 267 -32.68 -46.95 -12.03
CA PRO C 267 -32.35 -45.75 -12.81
C PRO C 267 -33.24 -44.57 -12.45
N SER C 268 -34.36 -44.81 -11.78
CA SER C 268 -35.26 -43.71 -11.42
C SER C 268 -34.49 -42.54 -10.82
N PHE C 269 -33.49 -42.86 -10.00
CA PHE C 269 -32.68 -41.82 -9.40
C PHE C 269 -32.05 -40.93 -10.46
N LEU C 270 -31.29 -41.49 -11.38
CA LEU C 270 -30.70 -40.67 -12.44
C LEU C 270 -31.74 -39.93 -13.25
N GLY C 271 -32.99 -40.35 -13.20
CA GLY C 271 -34.04 -39.67 -13.91
C GLY C 271 -34.48 -40.39 -15.18
N LYS C 272 -33.64 -41.24 -15.75
CA LYS C 272 -34.02 -41.94 -16.97
C LYS C 272 -35.22 -42.83 -16.72
N GLU C 273 -35.96 -43.14 -17.78
CA GLU C 273 -37.11 -44.04 -17.66
C GLU C 273 -36.76 -45.48 -17.93
N ALA C 274 -35.51 -45.75 -18.26
CA ALA C 274 -35.10 -47.13 -18.53
C ALA C 274 -35.26 -47.98 -17.28
N ALA C 275 -35.28 -49.29 -17.49
CA ALA C 275 -35.27 -50.25 -16.41
C ALA C 275 -33.83 -50.42 -15.88
N GLY C 276 -33.72 -50.85 -14.64
CA GLY C 276 -32.39 -51.04 -14.06
C GLY C 276 -31.63 -52.18 -14.70
N ILE C 277 -30.52 -52.59 -14.08
CA ILE C 277 -29.69 -53.68 -14.58
C ILE C 277 -30.40 -55.02 -14.40
N HIS C 278 -31.11 -55.21 -13.29
CA HIS C 278 -31.71 -56.49 -13.02
C HIS C 278 -32.82 -56.79 -14.01
N THR C 279 -33.58 -55.77 -14.41
CA THR C 279 -34.65 -56.00 -15.37
C THR C 279 -34.17 -55.96 -16.82
N THR C 280 -32.97 -55.45 -17.07
CA THR C 280 -32.41 -55.61 -18.42
C THR C 280 -31.77 -56.98 -18.57
N THR C 281 -31.11 -57.50 -17.54
CA THR C 281 -30.69 -58.90 -17.58
C THR C 281 -31.94 -59.78 -17.70
N PHE C 282 -32.82 -59.73 -16.71
CA PHE C 282 -33.95 -60.61 -16.69
C PHE C 282 -34.78 -60.46 -17.95
N ASN C 283 -34.94 -59.23 -18.46
CA ASN C 283 -35.74 -59.02 -19.64
C ASN C 283 -35.04 -59.57 -20.87
N SER C 284 -33.73 -59.31 -20.98
CA SER C 284 -32.96 -59.88 -22.08
C SER C 284 -33.10 -61.39 -22.11
N ILE C 285 -33.24 -62.03 -20.94
CA ILE C 285 -33.56 -63.45 -20.93
C ILE C 285 -34.97 -63.69 -21.47
N LYS C 286 -35.95 -63.00 -20.90
CA LYS C 286 -37.36 -63.29 -21.26
C LYS C 286 -37.62 -63.16 -22.74
N LYS C 287 -36.77 -62.45 -23.47
CA LYS C 287 -36.86 -62.45 -24.93
C LYS C 287 -36.29 -63.72 -25.55
N CYS C 288 -35.47 -64.45 -24.80
CA CYS C 288 -34.89 -65.72 -25.30
C CYS C 288 -35.85 -66.86 -25.13
N ASP C 289 -35.79 -67.80 -26.05
CA ASP C 289 -36.75 -68.88 -26.06
C ASP C 289 -36.73 -69.64 -24.73
N VAL C 290 -37.89 -70.19 -24.38
CA VAL C 290 -38.10 -70.87 -23.09
C VAL C 290 -37.22 -72.10 -22.87
N ASP C 291 -36.49 -72.51 -23.90
CA ASP C 291 -35.69 -73.71 -23.84
C ASP C 291 -34.28 -73.45 -23.30
N ILE C 292 -33.72 -72.29 -23.60
CA ILE C 292 -32.35 -71.97 -23.15
C ILE C 292 -32.29 -71.23 -21.82
N ARG C 293 -33.45 -70.86 -21.27
CA ARG C 293 -33.45 -70.06 -20.07
C ARG C 293 -32.64 -70.75 -18.98
N LYS C 294 -32.75 -72.07 -18.84
CA LYS C 294 -31.94 -72.78 -17.87
C LYS C 294 -30.49 -72.29 -17.97
N ASP C 295 -29.84 -72.57 -19.10
CA ASP C 295 -28.45 -72.22 -19.25
C ASP C 295 -28.19 -70.74 -19.02
N LEU C 296 -29.02 -69.87 -19.54
CA LEU C 296 -28.77 -68.44 -19.32
C LEU C 296 -28.81 -68.09 -17.86
N TYR C 297 -29.88 -68.39 -17.15
CA TYR C 297 -29.96 -68.09 -15.72
C TYR C 297 -28.73 -68.64 -15.01
N GLY C 298 -28.27 -69.82 -15.42
CA GLY C 298 -27.14 -70.42 -14.74
C GLY C 298 -25.84 -69.62 -14.93
N ASN C 299 -25.55 -69.19 -16.15
CA ASN C 299 -24.17 -68.77 -16.52
C ASN C 299 -23.95 -67.25 -16.51
N ILE C 300 -24.86 -66.45 -15.97
CA ILE C 300 -24.68 -64.99 -16.06
C ILE C 300 -23.23 -64.64 -15.68
N VAL C 301 -22.56 -63.87 -16.55
CA VAL C 301 -21.18 -63.49 -16.33
C VAL C 301 -21.10 -61.97 -16.23
N LEU C 302 -20.78 -61.45 -15.08
CA LEU C 302 -20.49 -60.03 -14.97
C LEU C 302 -19.22 -59.74 -15.74
N SER C 303 -19.07 -58.51 -16.17
CA SER C 303 -17.91 -58.10 -16.93
C SER C 303 -17.81 -56.59 -16.89
N GLY C 304 -16.71 -56.06 -17.42
CA GLY C 304 -16.52 -54.64 -17.47
C GLY C 304 -16.30 -54.01 -16.10
N GLY C 305 -15.76 -52.81 -16.10
CA GLY C 305 -15.35 -52.18 -14.86
C GLY C 305 -16.50 -51.93 -13.90
N THR C 306 -17.55 -51.27 -14.38
CA THR C 306 -18.57 -50.72 -13.47
C THR C 306 -19.14 -51.74 -12.51
N THR C 307 -18.98 -53.02 -12.81
CA THR C 307 -19.45 -54.05 -11.92
C THR C 307 -18.43 -54.47 -10.84
N MET C 308 -17.32 -53.75 -10.73
CA MET C 308 -16.32 -54.10 -9.74
C MET C 308 -16.79 -53.82 -8.31
N TYR C 309 -17.89 -53.09 -8.16
CA TYR C 309 -18.35 -52.73 -6.82
C TYR C 309 -18.44 -53.92 -5.90
N GLU C 310 -17.94 -53.77 -4.68
CA GLU C 310 -18.02 -54.82 -3.66
C GLU C 310 -19.47 -55.19 -3.36
N GLY C 311 -19.78 -56.45 -3.58
CA GLY C 311 -21.08 -57.00 -3.25
C GLY C 311 -22.12 -56.91 -4.34
N ILE C 312 -21.72 -56.72 -5.60
CA ILE C 312 -22.71 -56.70 -6.67
C ILE C 312 -23.28 -58.11 -6.89
N GLY C 313 -22.42 -59.11 -6.83
CA GLY C 313 -22.86 -60.47 -7.07
C GLY C 313 -24.12 -60.82 -6.26
N GLU C 314 -24.01 -60.64 -4.96
CA GLU C 314 -25.11 -61.00 -4.05
C GLU C 314 -26.41 -60.30 -4.46
N ARG C 315 -26.34 -58.98 -4.63
CA ARG C 315 -27.55 -58.22 -4.90
C ARG C 315 -28.16 -58.63 -6.24
N LEU C 316 -27.34 -58.70 -7.28
CA LEU C 316 -27.86 -59.11 -8.59
C LEU C 316 -28.53 -60.49 -8.49
N THR C 317 -27.83 -61.46 -7.90
CA THR C 317 -28.40 -62.79 -7.79
C THR C 317 -29.76 -62.76 -7.07
N ARG C 318 -29.78 -62.26 -5.83
CA ARG C 318 -31.03 -62.27 -5.09
C ARG C 318 -32.11 -61.56 -5.87
N ASP C 319 -31.74 -60.53 -6.61
CA ASP C 319 -32.75 -59.72 -7.27
C ASP C 319 -33.37 -60.46 -8.45
N ILE C 320 -32.52 -61.05 -9.31
CA ILE C 320 -33.05 -61.90 -10.37
C ILE C 320 -33.90 -63.03 -9.77
N THR C 321 -33.32 -63.76 -8.82
CA THR C 321 -34.04 -64.84 -8.17
C THR C 321 -35.44 -64.38 -7.77
N THR C 322 -35.57 -63.19 -7.20
CA THR C 322 -36.87 -62.65 -6.90
C THR C 322 -37.69 -62.50 -8.21
N LEU C 323 -37.04 -62.04 -9.27
CA LEU C 323 -37.78 -61.88 -10.51
C LEU C 323 -38.20 -63.19 -11.17
N ALA C 324 -37.22 -64.05 -11.44
CA ALA C 324 -37.47 -65.27 -12.21
C ALA C 324 -37.96 -66.41 -11.30
N PRO C 325 -38.62 -67.42 -11.89
CA PRO C 325 -39.25 -68.44 -11.04
C PRO C 325 -38.25 -69.12 -10.09
N SER C 326 -38.68 -69.35 -8.85
CA SER C 326 -37.80 -69.83 -7.77
C SER C 326 -37.14 -71.18 -8.03
N THR C 327 -37.75 -72.00 -8.88
CA THR C 327 -37.24 -73.33 -9.16
C THR C 327 -35.80 -73.38 -9.67
N MET C 328 -35.41 -72.36 -10.43
CA MET C 328 -34.09 -72.35 -11.05
C MET C 328 -33.05 -71.73 -10.15
N LYS C 329 -31.86 -72.30 -10.20
CA LYS C 329 -30.72 -71.74 -9.51
C LYS C 329 -30.11 -70.66 -10.39
N ILE C 330 -29.98 -69.47 -9.81
CA ILE C 330 -29.28 -68.39 -10.46
C ILE C 330 -27.86 -68.33 -9.92
N LYS C 331 -26.88 -68.29 -10.82
CA LYS C 331 -25.51 -68.13 -10.40
C LYS C 331 -24.81 -67.08 -11.26
N VAL C 332 -24.36 -65.99 -10.62
CA VAL C 332 -23.62 -64.96 -11.32
C VAL C 332 -22.15 -65.21 -11.14
N VAL C 333 -21.44 -65.56 -12.20
CA VAL C 333 -20.00 -65.78 -12.12
C VAL C 333 -19.31 -64.42 -12.24
N ALA C 334 -18.61 -64.03 -11.18
CA ALA C 334 -17.93 -62.74 -11.12
C ALA C 334 -16.43 -63.03 -11.03
N PRO C 335 -15.82 -63.36 -12.18
CA PRO C 335 -14.44 -63.84 -12.13
C PRO C 335 -13.51 -62.76 -11.58
N PRO C 336 -12.47 -63.15 -10.82
CA PRO C 336 -11.44 -62.20 -10.44
C PRO C 336 -10.77 -61.65 -11.70
N GLU C 337 -10.36 -60.39 -11.65
CA GLU C 337 -9.79 -59.70 -12.82
C GLU C 337 -10.76 -59.69 -14.00
N ARG C 338 -12.01 -59.30 -13.71
CA ARG C 338 -13.04 -59.07 -14.74
C ARG C 338 -12.98 -57.71 -15.39
N LYS C 339 -12.21 -56.80 -14.81
CA LYS C 339 -12.05 -55.49 -15.39
C LYS C 339 -11.45 -55.62 -16.78
N TYR C 340 -10.60 -56.63 -16.98
CA TYR C 340 -9.95 -56.87 -18.26
C TYR C 340 -10.62 -57.91 -19.14
N SER C 341 -11.77 -58.44 -18.71
CA SER C 341 -12.37 -59.61 -19.37
C SER C 341 -12.46 -59.39 -20.88
N VAL C 342 -12.90 -58.20 -21.29
CA VAL C 342 -13.05 -57.91 -22.70
C VAL C 342 -11.69 -58.04 -23.38
N TRP C 343 -10.65 -57.49 -22.76
CA TRP C 343 -9.33 -57.57 -23.38
C TRP C 343 -8.86 -59.03 -23.50
N ILE C 344 -8.82 -59.71 -22.36
CA ILE C 344 -8.38 -61.11 -22.37
C ILE C 344 -9.13 -61.86 -23.48
N GLY C 345 -10.43 -61.73 -23.53
CA GLY C 345 -11.19 -62.29 -24.64
C GLY C 345 -10.61 -61.86 -25.98
N GLY C 346 -10.10 -60.64 -26.07
CA GLY C 346 -9.42 -60.20 -27.28
C GLY C 346 -8.20 -61.09 -27.52
N SER C 347 -7.46 -61.44 -26.47
CA SER C 347 -6.29 -62.27 -26.66
C SER C 347 -6.65 -63.70 -27.13
N ILE C 348 -7.50 -64.36 -26.36
CA ILE C 348 -7.90 -65.72 -26.70
C ILE C 348 -8.48 -65.75 -28.13
N LEU C 349 -9.42 -64.86 -28.39
CA LEU C 349 -10.02 -64.82 -29.71
C LEU C 349 -8.95 -64.64 -30.79
N SER C 350 -8.18 -63.57 -30.69
CA SER C 350 -7.23 -63.26 -31.75
C SER C 350 -6.18 -64.35 -31.90
N SER C 351 -6.01 -65.20 -30.89
CA SER C 351 -5.00 -66.24 -30.97
C SER C 351 -5.52 -67.56 -31.48
N LEU C 352 -6.80 -67.61 -31.81
CA LEU C 352 -7.39 -68.88 -32.30
C LEU C 352 -7.06 -69.13 -33.76
N SER C 353 -6.76 -70.40 -34.08
CA SER C 353 -6.22 -70.72 -35.39
C SER C 353 -7.28 -70.53 -36.50
N THR C 354 -8.53 -70.81 -36.18
CA THR C 354 -9.59 -70.64 -37.17
C THR C 354 -9.97 -69.18 -37.37
N PHE C 355 -9.76 -68.35 -36.35
CA PHE C 355 -10.19 -66.94 -36.41
C PHE C 355 -9.46 -66.21 -37.55
N GLN C 356 -8.23 -66.64 -37.85
CA GLN C 356 -7.40 -65.96 -38.83
C GLN C 356 -8.06 -65.77 -40.18
N GLN C 357 -9.16 -66.45 -40.44
CA GLN C 357 -9.83 -66.35 -41.74
C GLN C 357 -10.69 -65.08 -41.80
N MET C 358 -11.11 -64.55 -40.66
CA MET C 358 -12.14 -63.53 -40.64
C MET C 358 -11.65 -62.11 -40.76
N TRP C 359 -10.34 -61.90 -40.63
CA TRP C 359 -9.85 -60.52 -40.63
C TRP C 359 -10.31 -59.76 -41.88
N ILE C 360 -10.58 -58.47 -41.73
CA ILE C 360 -10.86 -57.62 -42.89
C ILE C 360 -9.48 -57.32 -43.45
N THR C 361 -9.32 -57.52 -44.75
CA THR C 361 -8.01 -57.44 -45.40
C THR C 361 -7.82 -56.09 -46.08
N LYS C 362 -6.59 -55.59 -46.06
CA LYS C 362 -6.26 -54.34 -46.72
C LYS C 362 -6.85 -54.30 -48.13
N GLU C 363 -6.59 -55.35 -48.90
CA GLU C 363 -7.17 -55.50 -50.22
C GLU C 363 -8.70 -55.35 -50.18
N GLU C 364 -9.38 -56.30 -49.53
CA GLU C 364 -10.81 -56.35 -49.56
C GLU C 364 -11.43 -54.99 -49.23
N TYR C 365 -10.82 -54.27 -48.27
CA TYR C 365 -11.26 -52.90 -48.03
C TYR C 365 -11.01 -52.02 -49.26
N ASP C 366 -9.82 -52.10 -49.83
CA ASP C 366 -9.50 -51.22 -50.96
C ASP C 366 -10.51 -51.37 -52.09
N GLU C 367 -10.88 -52.59 -52.43
CA GLU C 367 -11.77 -52.76 -53.57
C GLU C 367 -13.23 -52.54 -53.16
N SER C 368 -13.60 -52.96 -51.96
CA SER C 368 -15.02 -53.06 -51.57
C SER C 368 -15.56 -51.83 -50.86
N GLY C 369 -14.73 -50.80 -50.65
CA GLY C 369 -15.16 -49.62 -49.94
C GLY C 369 -15.28 -49.88 -48.44
N PRO C 370 -15.42 -48.81 -47.65
CA PRO C 370 -15.45 -48.96 -46.19
C PRO C 370 -16.70 -49.62 -45.63
N SER C 371 -17.77 -49.61 -46.41
CA SER C 371 -19.00 -50.27 -46.01
C SER C 371 -18.89 -51.77 -45.72
N ILE C 372 -17.86 -52.46 -46.24
CA ILE C 372 -17.73 -53.91 -46.00
C ILE C 372 -17.67 -54.32 -44.54
N VAL C 373 -17.23 -53.41 -43.68
CA VAL C 373 -17.15 -53.69 -42.26
C VAL C 373 -18.43 -54.35 -41.77
N HIS C 374 -19.57 -53.79 -42.15
CA HIS C 374 -20.87 -54.33 -41.75
C HIS C 374 -21.12 -55.78 -42.07
N ARG C 375 -20.50 -56.26 -43.15
CA ARG C 375 -20.63 -57.67 -43.53
C ARG C 375 -19.72 -58.64 -42.74
N LYS C 376 -18.51 -58.21 -42.38
CA LYS C 376 -17.61 -59.04 -41.55
C LYS C 376 -17.34 -58.44 -40.16
N CYS C 377 -18.14 -58.87 -39.18
CA CYS C 377 -18.07 -58.39 -37.81
C CYS C 377 -18.12 -59.57 -36.85
N VAL D 8 -17.22 16.36 41.32
CA VAL D 8 -18.19 16.97 40.37
C VAL D 8 -17.64 18.23 39.67
N GLN D 9 -16.50 18.77 40.10
CA GLN D 9 -15.81 19.84 39.40
C GLN D 9 -14.53 19.28 38.78
N ALA D 10 -14.49 19.26 37.44
CA ALA D 10 -13.33 18.81 36.70
C ALA D 10 -12.43 19.98 36.39
N LEU D 11 -11.12 19.78 36.63
CA LEU D 11 -10.13 20.82 36.48
C LEU D 11 -9.39 20.65 35.13
N VAL D 12 -9.51 21.64 34.26
CA VAL D 12 -9.05 21.52 32.89
C VAL D 12 -7.79 22.36 32.68
N VAL D 13 -6.68 21.69 32.43
CA VAL D 13 -5.43 22.37 32.07
C VAL D 13 -4.96 21.84 30.72
N ASP D 14 -4.97 22.73 29.73
CA ASP D 14 -4.43 22.41 28.40
C ASP D 14 -3.07 23.06 28.27
N ASN D 15 -2.02 22.23 28.30
CA ASN D 15 -0.63 22.69 28.17
C ASN D 15 -0.24 22.84 26.75
N GLY D 16 -0.12 24.10 26.34
CA GLY D 16 0.36 24.42 25.05
C GLY D 16 1.87 24.61 25.10
N SER D 17 2.42 25.07 24.00
CA SER D 17 3.80 25.60 23.98
C SER D 17 3.67 27.11 23.85
N GLY D 18 3.96 27.84 24.92
CA GLY D 18 3.82 29.28 24.91
C GLY D 18 2.46 29.78 25.39
N ASN D 19 1.59 28.89 25.85
CA ASN D 19 0.45 29.28 26.67
C ASN D 19 0.05 28.13 27.57
N VAL D 20 -0.57 28.49 28.69
CA VAL D 20 -1.19 27.51 29.58
C VAL D 20 -2.59 28.02 29.88
N LYS D 21 -3.60 27.29 29.43
CA LYS D 21 -5.00 27.71 29.56
C LYS D 21 -5.64 26.77 30.57
N ALA D 22 -5.91 27.29 31.77
CA ALA D 22 -6.43 26.49 32.87
C ALA D 22 -7.67 27.14 33.42
N GLY D 23 -8.75 26.37 33.47
CA GLY D 23 -9.98 26.80 34.11
C GLY D 23 -10.77 25.57 34.55
N VAL D 24 -11.53 25.71 35.62
CA VAL D 24 -12.34 24.62 36.15
C VAL D 24 -13.53 24.36 35.23
N ALA D 25 -13.92 23.08 35.12
CA ALA D 25 -14.96 22.64 34.19
C ALA D 25 -16.28 23.38 34.41
N GLY D 26 -17.02 23.54 33.32
CA GLY D 26 -18.32 24.15 33.36
C GLY D 26 -18.34 25.62 33.01
N ASP D 27 -17.16 26.25 32.91
CA ASP D 27 -17.05 27.65 32.52
C ASP D 27 -17.01 27.71 30.99
N ASP D 28 -17.43 28.85 30.43
CA ASP D 28 -17.48 29.03 28.95
C ASP D 28 -16.15 29.55 28.39
N ALA D 29 -15.31 30.11 29.26
CA ALA D 29 -13.99 30.58 28.87
C ALA D 29 -13.03 30.39 30.06
N PRO D 30 -11.75 30.10 29.77
CA PRO D 30 -10.83 29.70 30.85
C PRO D 30 -10.53 30.85 31.82
N ARG D 31 -10.37 30.52 33.09
CA ARG D 31 -10.09 31.52 34.10
C ARG D 31 -8.74 32.16 33.89
N SER D 32 -7.69 31.35 33.88
CA SER D 32 -6.32 31.85 33.78
C SER D 32 -5.73 31.53 32.41
N VAL D 33 -5.35 32.57 31.69
CA VAL D 33 -4.61 32.42 30.46
C VAL D 33 -3.31 33.19 30.63
N PHE D 34 -2.20 32.48 30.68
CA PHE D 34 -0.91 33.15 30.85
C PHE D 34 0.14 32.39 30.05
N PRO D 35 1.09 33.11 29.45
CA PRO D 35 2.15 32.41 28.70
C PRO D 35 2.96 31.52 29.62
N SER D 36 3.47 30.40 29.06
CA SER D 36 4.31 29.43 29.81
C SER D 36 5.75 29.82 29.70
N ILE D 37 6.26 30.51 30.70
CA ILE D 37 7.62 31.01 30.65
C ILE D 37 8.24 30.91 32.01
N VAL D 38 9.48 30.47 32.05
CA VAL D 38 10.21 30.43 33.28
C VAL D 38 11.36 31.42 33.18
N GLY D 39 11.21 32.58 33.81
CA GLY D 39 12.28 33.54 33.82
C GLY D 39 13.24 33.28 34.97
N ARG D 40 14.54 33.42 34.72
CA ARG D 40 15.51 33.46 35.80
C ARG D 40 16.29 34.76 35.66
N PRO D 41 16.20 35.64 36.68
CA PRO D 41 16.87 36.96 36.54
C PRO D 41 18.34 36.77 36.31
N LYS D 42 18.84 37.39 35.24
CA LYS D 42 20.23 37.11 34.83
C LYS D 42 21.24 37.83 35.72
N ASN D 43 21.01 39.11 35.97
CA ASN D 43 21.93 39.87 36.78
C ASN D 43 21.65 39.64 38.27
N PRO D 44 22.59 40.03 39.14
CA PRO D 44 22.36 39.86 40.59
C PRO D 44 21.41 40.94 41.14
N GLY D 45 20.56 40.58 42.11
CA GLY D 45 19.71 41.55 42.81
C GLY D 45 20.54 42.38 43.76
N ILE D 46 20.15 43.64 43.98
CA ILE D 46 20.91 44.59 44.84
C ILE D 46 20.11 45.11 46.04
N MET D 47 18.93 45.66 45.77
CA MET D 47 18.16 46.38 46.79
C MET D 47 17.82 45.41 47.90
N VAL D 48 18.13 45.78 49.12
CA VAL D 48 17.88 44.91 50.26
C VAL D 48 16.41 45.04 50.64
N GLY D 49 15.80 43.90 51.00
CA GLY D 49 14.38 43.82 51.31
C GLY D 49 13.48 43.37 50.17
N MET D 50 13.95 43.50 48.93
CA MET D 50 13.25 42.89 47.77
C MET D 50 13.02 41.39 47.99
N GLU D 51 11.90 40.88 47.51
CA GLU D 51 11.62 39.43 47.55
C GLU D 51 12.15 38.80 46.27
N GLU D 52 13.17 37.94 46.42
CA GLU D 52 13.83 37.32 45.27
C GLU D 52 12.88 36.49 44.42
N LYS D 53 12.28 35.45 45.01
CA LYS D 53 11.50 34.45 44.30
C LYS D 53 12.29 34.03 43.06
N ASP D 54 13.32 33.23 43.29
CA ASP D 54 14.39 33.08 42.34
C ASP D 54 13.92 33.00 40.87
N ALA D 55 12.98 32.11 40.58
CA ALA D 55 12.53 31.89 39.21
C ALA D 55 11.08 32.37 39.07
N PHE D 56 10.89 33.48 38.37
CA PHE D 56 9.55 33.96 38.06
C PHE D 56 8.87 33.03 37.07
N VAL D 57 7.56 33.10 36.99
CA VAL D 57 6.80 32.22 36.11
C VAL D 57 5.55 32.91 35.56
N GLY D 58 5.27 32.66 34.29
CA GLY D 58 4.07 33.15 33.68
C GLY D 58 4.01 34.65 33.56
N ASP D 59 2.81 35.17 33.73
CA ASP D 59 2.55 36.58 33.40
C ASP D 59 3.43 37.52 34.21
N GLU D 60 3.59 37.20 35.48
CA GLU D 60 4.49 38.00 36.31
C GLU D 60 5.85 38.17 35.64
N ALA D 61 6.35 37.08 35.04
CA ALA D 61 7.68 37.11 34.43
C ALA D 61 7.65 37.74 33.04
N GLN D 62 6.48 37.98 32.47
CA GLN D 62 6.43 38.73 31.23
C GLN D 62 6.08 40.19 31.48
N THR D 63 5.82 40.58 32.72
CA THR D 63 5.69 42.01 33.04
C THR D 63 7.08 42.65 33.15
N LYS D 64 8.03 41.93 33.74
CA LYS D 64 9.43 42.34 33.74
C LYS D 64 10.19 41.34 32.88
N ARG D 65 10.38 41.66 31.61
CA ARG D 65 11.21 40.83 30.75
C ARG D 65 12.59 41.42 30.53
N GLY D 66 12.86 42.63 31.01
CA GLY D 66 14.17 43.25 30.79
C GLY D 66 15.25 42.64 31.67
N ILE D 67 14.87 42.19 32.87
CA ILE D 67 15.81 41.60 33.81
C ILE D 67 16.01 40.10 33.56
N LEU D 68 15.11 39.46 32.81
CA LEU D 68 15.02 38.01 32.83
C LEU D 68 15.48 37.44 31.52
N THR D 69 16.00 36.22 31.63
CA THR D 69 16.29 35.39 30.47
C THR D 69 15.24 34.27 30.42
N LEU D 70 14.34 34.39 29.46
CA LEU D 70 13.16 33.54 29.40
C LEU D 70 13.54 32.24 28.70
N LYS D 71 13.03 31.14 29.24
CA LYS D 71 13.20 29.85 28.63
C LYS D 71 11.83 29.16 28.56
N TYR D 72 11.31 28.97 27.36
CA TYR D 72 10.09 28.17 27.21
C TYR D 72 10.44 26.71 27.52
N PRO D 73 9.72 26.07 28.45
CA PRO D 73 9.99 24.66 28.76
C PRO D 73 9.42 23.68 27.74
N ILE D 74 8.51 24.15 26.87
CA ILE D 74 7.90 23.30 25.84
C ILE D 74 8.39 23.80 24.47
N GLU D 75 9.02 22.92 23.72
CA GLU D 75 9.45 23.22 22.36
C GLU D 75 8.95 22.14 21.44
N HIS D 76 8.03 22.52 20.56
CA HIS D 76 7.33 21.55 19.69
C HIS D 76 6.58 20.52 20.50
N GLY D 77 5.81 20.99 21.47
CA GLY D 77 4.91 20.16 22.24
C GLY D 77 5.55 19.04 23.09
N ILE D 78 6.88 19.02 23.17
CA ILE D 78 7.61 17.99 23.86
C ILE D 78 8.49 18.59 24.94
N VAL D 79 8.21 18.27 26.19
CA VAL D 79 8.89 18.92 27.32
C VAL D 79 10.38 18.72 27.16
N THR D 80 11.13 19.81 27.06
CA THR D 80 12.59 19.76 27.01
C THR D 80 13.15 19.68 28.44
N ASN D 81 12.59 20.51 29.33
CA ASN D 81 13.12 20.67 30.68
C ASN D 81 12.01 20.54 31.69
N TRP D 82 12.05 19.49 32.51
CA TRP D 82 10.92 19.18 33.37
C TRP D 82 10.79 20.11 34.56
N ASP D 83 11.89 20.37 35.24
CA ASP D 83 11.83 21.24 36.42
C ASP D 83 11.02 22.51 36.07
N ASP D 84 11.35 23.11 34.93
CA ASP D 84 10.64 24.30 34.52
C ASP D 84 9.14 24.08 34.43
N MET D 85 8.72 23.06 33.69
CA MET D 85 7.27 22.82 33.55
C MET D 85 6.59 22.58 34.90
N GLU D 86 7.13 21.63 35.63
CA GLU D 86 6.63 21.32 36.97
C GLU D 86 6.37 22.65 37.74
N LYS D 87 7.40 23.50 37.73
CA LYS D 87 7.22 24.82 38.32
C LYS D 87 6.03 25.56 37.71
N ILE D 88 5.87 25.51 36.39
CA ILE D 88 4.74 26.21 35.78
C ILE D 88 3.41 25.71 36.33
N TRP D 89 3.14 24.41 36.20
CA TRP D 89 1.91 23.88 36.76
C TRP D 89 1.70 24.37 38.19
N HIS D 90 2.74 24.20 39.02
CA HIS D 90 2.65 24.65 40.40
C HIS D 90 2.08 26.10 40.42
N HIS D 91 2.65 26.98 39.63
CA HIS D 91 2.12 28.32 39.51
C HIS D 91 0.63 28.31 39.14
N THR D 92 0.24 27.44 38.24
CA THR D 92 -1.15 27.37 37.83
C THR D 92 -2.05 27.04 39.03
N PHE D 93 -1.97 25.82 39.54
CA PHE D 93 -2.90 25.37 40.55
C PHE D 93 -2.95 26.30 41.75
N TYR D 94 -1.79 26.74 42.25
CA TYR D 94 -1.77 27.58 43.45
C TYR D 94 -2.05 29.05 43.16
N ASN D 95 -1.23 29.68 42.32
CA ASN D 95 -1.33 31.13 42.19
C ASN D 95 -2.46 31.58 41.29
N GLU D 96 -3.02 30.73 40.45
CA GLU D 96 -4.08 31.27 39.58
C GLU D 96 -5.40 30.50 39.56
N LEU D 97 -5.41 29.25 39.13
CA LEU D 97 -6.63 28.45 39.31
C LEU D 97 -7.18 28.52 40.76
N ARG D 98 -6.29 28.64 41.76
CA ARG D 98 -6.65 28.69 43.19
C ARG D 98 -7.39 27.45 43.64
N ALA D 99 -7.19 26.34 42.92
CA ALA D 99 -7.79 25.08 43.29
C ALA D 99 -6.72 24.19 43.89
N ALA D 100 -7.12 23.25 44.72
CA ALA D 100 -6.15 22.32 45.32
C ALA D 100 -5.83 21.24 44.30
N PRO D 101 -4.63 20.65 44.40
CA PRO D 101 -4.35 19.48 43.54
C PRO D 101 -5.14 18.23 43.94
N GLU D 102 -5.26 18.00 45.24
CA GLU D 102 -5.78 16.73 45.73
C GLU D 102 -7.31 16.65 45.67
N GLU D 103 -7.96 17.81 45.53
CA GLU D 103 -9.42 17.83 45.61
C GLU D 103 -10.07 17.38 44.31
N HIS D 104 -9.50 17.77 43.17
CA HIS D 104 -10.20 17.62 41.91
C HIS D 104 -9.48 16.72 40.96
N PRO D 105 -10.23 16.07 40.06
CA PRO D 105 -9.58 15.44 38.91
C PRO D 105 -9.24 16.50 37.86
N VAL D 106 -8.13 16.28 37.16
CA VAL D 106 -7.59 17.25 36.23
C VAL D 106 -7.44 16.60 34.85
N LEU D 107 -7.66 17.40 33.82
CA LEU D 107 -7.56 16.94 32.42
C LEU D 107 -6.40 17.64 31.74
N LEU D 108 -5.33 16.88 31.48
CA LEU D 108 -4.16 17.40 30.77
C LEU D 108 -4.28 17.08 29.31
N THR D 109 -3.74 17.96 28.49
CA THR D 109 -3.88 17.85 27.04
C THR D 109 -2.52 17.65 26.37
N GLU D 110 -2.50 16.90 25.28
CA GLU D 110 -1.27 16.44 24.65
C GLU D 110 -1.41 16.42 23.15
N ALA D 111 -0.27 16.43 22.46
CA ALA D 111 -0.22 16.47 21.01
C ALA D 111 -0.17 15.07 20.40
N PRO D 112 -0.89 14.84 19.30
CA PRO D 112 -0.83 13.55 18.62
C PRO D 112 0.61 13.16 18.26
N LEU D 113 0.84 11.85 18.17
CA LEU D 113 2.16 11.31 17.88
C LEU D 113 3.24 11.87 18.79
N ASN D 114 2.92 12.00 20.05
CA ASN D 114 3.82 12.62 21.00
C ASN D 114 4.60 11.56 21.75
N PRO D 115 5.90 11.71 21.87
CA PRO D 115 6.72 10.63 22.50
C PRO D 115 6.14 10.12 23.78
N LYS D 116 6.20 8.82 23.98
CA LYS D 116 5.66 8.22 25.17
C LYS D 116 6.16 8.91 26.42
N GLY D 117 7.41 9.38 26.39
CA GLY D 117 8.01 10.03 27.55
C GLY D 117 7.11 11.10 28.13
N ASN D 118 6.46 11.90 27.28
CA ASN D 118 5.64 12.99 27.80
C ASN D 118 4.40 12.48 28.50
N ARG D 119 3.74 11.49 27.96
CA ARG D 119 2.65 10.88 28.71
C ARG D 119 3.13 10.33 30.05
N GLU D 120 3.98 9.30 29.97
CA GLU D 120 4.39 8.60 31.20
C GLU D 120 4.85 9.61 32.26
N ARG D 121 5.87 10.39 31.94
CA ARG D 121 6.46 11.28 32.93
C ARG D 121 5.50 12.39 33.31
N MET D 122 4.60 12.76 32.42
CA MET D 122 3.61 13.80 32.77
C MET D 122 2.70 13.33 33.89
N THR D 123 2.03 12.19 33.67
CA THR D 123 1.19 11.68 34.77
C THR D 123 2.04 11.40 35.99
N GLN D 124 3.14 10.68 35.84
CA GLN D 124 3.97 10.36 36.98
C GLN D 124 4.23 11.60 37.83
N ILE D 125 4.51 12.72 37.19
CA ILE D 125 4.67 13.97 37.92
C ILE D 125 3.34 14.48 38.48
N MET D 126 2.23 14.06 37.91
CA MET D 126 0.94 14.50 38.44
C MET D 126 0.53 13.72 39.69
N PHE D 127 0.72 12.40 39.68
CA PHE D 127 0.38 11.60 40.84
C PHE D 127 1.42 11.63 41.93
N GLU D 128 2.70 11.49 41.59
CA GLU D 128 3.75 11.42 42.62
C GLU D 128 4.07 12.75 43.34
N SER D 129 4.44 13.81 42.62
CA SER D 129 4.79 15.11 43.26
C SER D 129 3.55 15.92 43.68
N PHE D 130 2.71 16.32 42.72
CA PHE D 130 1.35 16.75 43.04
C PHE D 130 0.61 15.48 43.46
N ASN D 131 -0.49 15.63 44.17
CA ASN D 131 -1.38 14.52 44.45
C ASN D 131 -2.72 14.82 43.83
N VAL D 132 -3.16 13.95 42.91
CA VAL D 132 -4.41 14.13 42.17
C VAL D 132 -5.26 12.87 42.25
N PRO D 133 -6.61 13.02 42.41
CA PRO D 133 -7.45 11.80 42.51
C PRO D 133 -7.55 11.03 41.19
N ALA D 134 -7.70 11.74 40.08
CA ALA D 134 -7.83 11.12 38.78
C ALA D 134 -7.33 12.05 37.69
N MET D 135 -7.00 11.46 36.56
CA MET D 135 -6.34 12.18 35.48
C MET D 135 -6.59 11.58 34.13
N TYR D 136 -6.54 12.40 33.10
CA TYR D 136 -6.73 11.89 31.76
C TYR D 136 -6.12 12.87 30.78
N VAL D 137 -5.51 12.35 29.73
CA VAL D 137 -4.76 13.19 28.77
C VAL D 137 -5.27 12.91 27.36
N ALA D 138 -5.92 13.91 26.76
CA ALA D 138 -6.58 13.73 25.46
C ALA D 138 -5.85 14.52 24.37
N ILE D 139 -5.90 13.97 23.17
CA ILE D 139 -5.32 14.61 22.01
C ILE D 139 -6.00 15.98 21.77
N GLN D 140 -5.20 17.01 21.59
CA GLN D 140 -5.78 18.37 21.45
C GLN D 140 -6.81 18.41 20.31
N ALA D 141 -6.40 17.91 19.16
CA ALA D 141 -7.24 17.99 17.96
C ALA D 141 -8.66 17.54 18.28
N VAL D 142 -8.83 16.32 18.78
CA VAL D 142 -10.16 15.78 18.99
C VAL D 142 -10.93 16.68 19.96
N LEU D 143 -10.26 17.17 21.01
CA LEU D 143 -10.96 18.00 21.97
C LEU D 143 -11.53 19.24 21.28
N SER D 144 -10.79 19.82 20.33
CA SER D 144 -11.37 20.96 19.62
C SER D 144 -12.70 20.59 18.95
N LEU D 145 -12.84 19.32 18.60
CA LEU D 145 -13.99 18.88 17.81
C LEU D 145 -15.25 18.85 18.64
N TYR D 146 -15.16 18.43 19.89
CA TYR D 146 -16.28 18.63 20.84
C TYR D 146 -16.72 20.09 20.85
N SER D 147 -15.77 21.00 21.07
CA SER D 147 -16.09 22.42 21.07
C SER D 147 -16.87 22.80 19.82
N SER D 148 -16.40 22.39 18.66
CA SER D 148 -17.15 22.70 17.44
C SER D 148 -18.50 22.01 17.41
N GLY D 149 -18.73 21.10 18.37
CA GLY D 149 -20.06 20.52 18.57
C GLY D 149 -20.55 19.65 17.42
N ARG D 150 -19.71 19.39 16.43
CA ARG D 150 -20.08 18.54 15.30
C ARG D 150 -19.28 17.24 15.39
N THR D 151 -19.82 16.15 14.89
CA THR D 151 -19.21 14.84 15.11
C THR D 151 -18.21 14.42 14.02
N THR D 152 -18.08 15.19 12.95
CA THR D 152 -17.23 14.80 11.84
C THR D 152 -16.47 16.00 11.31
N GLY D 153 -15.18 15.83 11.11
CA GLY D 153 -14.40 16.82 10.40
C GLY D 153 -12.93 16.67 10.70
N ILE D 154 -12.09 17.27 9.85
CA ILE D 154 -10.69 17.45 10.13
C ILE D 154 -10.63 18.55 11.18
N VAL D 155 -9.80 18.35 12.17
CA VAL D 155 -9.48 19.41 13.13
C VAL D 155 -8.02 19.69 12.94
N LEU D 156 -7.69 20.81 12.30
CA LEU D 156 -6.27 21.19 12.16
C LEU D 156 -5.99 22.40 12.99
N ASP D 157 -5.20 22.20 14.05
CA ASP D 157 -4.84 23.31 14.93
C ASP D 157 -3.38 23.56 14.75
N SER D 158 -2.95 24.79 15.07
CA SER D 158 -1.53 25.04 15.19
C SER D 158 -1.30 25.92 16.40
N GLY D 159 -0.65 25.35 17.41
CA GLY D 159 -0.15 26.11 18.56
C GLY D 159 1.35 26.33 18.36
N ASP D 160 1.94 27.19 19.16
CA ASP D 160 3.35 27.53 18.99
C ASP D 160 4.23 26.32 18.70
N GLY D 161 3.97 25.21 19.38
CA GLY D 161 4.84 24.06 19.23
C GLY D 161 4.57 23.26 17.95
N VAL D 162 3.30 22.94 17.71
CA VAL D 162 2.93 21.84 16.82
C VAL D 162 1.65 22.19 16.10
N SER D 163 1.47 21.57 14.93
CA SER D 163 0.23 21.70 14.20
C SER D 163 -0.29 20.33 13.81
N HIS D 164 -1.46 19.97 14.34
CA HIS D 164 -2.06 18.66 14.10
C HIS D 164 -3.03 18.74 12.94
N THR D 165 -3.15 17.65 12.20
CA THR D 165 -4.35 17.37 11.43
C THR D 165 -4.88 16.03 11.88
N VAL D 166 -5.98 16.00 12.62
CA VAL D 166 -6.56 14.73 13.03
C VAL D 166 -7.95 14.59 12.43
N PRO D 167 -8.11 13.82 11.34
CA PRO D 167 -9.47 13.63 10.84
C PRO D 167 -10.26 12.70 11.74
N ILE D 168 -11.58 12.81 11.69
CA ILE D 168 -12.47 11.92 12.40
C ILE D 168 -13.71 11.79 11.52
N TYR D 169 -14.28 10.59 11.49
CA TYR D 169 -15.56 10.39 10.78
C TYR D 169 -16.62 9.89 11.73
N GLU D 170 -17.67 10.68 11.95
CA GLU D 170 -18.84 10.26 12.71
C GLU D 170 -18.45 9.54 14.00
N GLY D 171 -17.60 10.20 14.78
CA GLY D 171 -17.25 9.70 16.10
C GLY D 171 -16.07 8.76 16.12
N TYR D 172 -15.72 8.16 15.00
CA TYR D 172 -14.56 7.28 14.95
C TYR D 172 -13.33 8.04 14.49
N ALA D 173 -12.20 7.79 15.14
CA ALA D 173 -10.95 8.44 14.78
C ALA D 173 -10.11 7.53 13.90
N LEU D 174 -9.38 8.14 12.98
CA LEU D 174 -8.53 7.42 12.05
C LEU D 174 -7.07 7.56 12.51
N PRO D 175 -6.51 6.53 13.14
CA PRO D 175 -5.16 6.63 13.64
C PRO D 175 -4.05 6.73 12.57
N HIS D 176 -4.34 6.21 11.39
CA HIS D 176 -3.32 6.24 10.34
C HIS D 176 -3.33 7.58 9.58
N ALA D 177 -4.38 8.37 9.74
CA ALA D 177 -4.48 9.63 8.99
C ALA D 177 -3.75 10.77 9.69
N ILE D 178 -3.65 10.69 11.03
CA ILE D 178 -3.09 11.80 11.80
C ILE D 178 -1.78 12.27 11.18
N MET D 179 -1.59 13.57 11.15
CA MET D 179 -0.40 14.12 10.55
C MET D 179 -0.02 15.40 11.26
N ARG D 180 1.23 15.44 11.73
CA ARG D 180 1.76 16.58 12.45
C ARG D 180 2.86 17.26 11.64
N LEU D 181 2.75 18.58 11.59
CA LEU D 181 3.77 19.40 11.02
C LEU D 181 4.28 20.27 12.16
N ASP D 182 5.51 20.76 12.06
CA ASP D 182 6.16 21.52 13.16
C ASP D 182 6.20 23.04 12.98
N LEU D 183 5.56 23.54 11.92
CA LEU D 183 5.43 24.96 11.66
C LEU D 183 4.31 25.49 12.54
N ALA D 184 4.64 26.50 13.35
CA ALA D 184 3.71 26.97 14.35
C ALA D 184 4.05 28.41 14.71
N GLY D 185 3.42 28.92 15.76
CA GLY D 185 3.66 30.29 16.16
C GLY D 185 5.14 30.61 16.38
N ARG D 186 5.88 29.72 17.00
CA ARG D 186 7.26 30.03 17.38
C ARG D 186 8.23 29.93 16.22
N ASP D 187 7.88 29.18 15.20
CA ASP D 187 8.69 29.21 13.96
C ASP D 187 8.35 30.42 13.12
N LEU D 188 7.15 30.94 13.24
CA LEU D 188 6.80 32.17 12.54
C LEU D 188 7.32 33.39 13.27
N THR D 189 7.53 33.34 14.57
CA THR D 189 8.23 34.45 15.22
C THR D 189 9.73 34.32 14.96
N GLU D 190 10.31 33.15 15.25
CA GLU D 190 11.74 32.99 15.02
C GLU D 190 12.08 33.22 13.55
N TYR D 191 11.09 33.11 12.67
CA TYR D 191 11.29 33.54 11.28
C TYR D 191 11.10 35.04 11.12
N LEU D 192 10.09 35.59 11.77
CA LEU D 192 9.80 37.01 11.60
C LEU D 192 11.01 37.86 11.99
N MET D 193 11.93 37.31 12.78
CA MET D 193 13.20 38.00 13.00
C MET D 193 14.07 37.94 11.76
N LYS D 194 14.34 36.74 11.24
CA LYS D 194 15.19 36.62 10.06
C LYS D 194 14.73 37.54 8.95
N ILE D 195 13.41 37.76 8.84
CA ILE D 195 12.93 38.70 7.84
C ILE D 195 13.06 40.13 8.37
N LEU D 196 12.74 40.36 9.63
CA LEU D 196 12.66 41.74 10.12
C LEU D 196 14.04 42.40 10.06
N HIS D 197 15.11 41.61 10.22
CA HIS D 197 16.46 42.12 9.97
C HIS D 197 16.53 42.86 8.64
N GLU D 198 15.84 42.36 7.62
CA GLU D 198 15.88 42.97 6.29
C GLU D 198 15.60 44.48 6.34
N ARG D 199 14.71 44.92 7.23
CA ARG D 199 14.30 46.34 7.34
C ARG D 199 15.26 47.18 8.15
N GLY D 200 16.25 46.54 8.76
CA GLY D 200 17.19 47.28 9.59
C GLY D 200 16.96 47.12 11.09
N TYR D 201 15.77 46.68 11.48
CA TYR D 201 15.49 46.31 12.87
C TYR D 201 16.23 45.02 13.14
N GLY D 202 16.44 44.71 14.40
CA GLY D 202 16.93 43.38 14.71
C GLY D 202 16.75 43.04 16.17
N PHE D 203 16.38 41.80 16.46
CA PHE D 203 16.08 41.36 17.81
C PHE D 203 16.88 40.07 18.09
N SER D 204 17.90 40.17 18.93
CA SER D 204 18.77 39.03 19.23
C SER D 204 18.36 38.32 20.53
N THR D 205 17.49 38.91 21.33
CA THR D 205 17.31 38.49 22.73
C THR D 205 15.91 37.93 22.97
N SER D 206 15.75 37.15 24.04
CA SER D 206 14.48 36.52 24.30
C SER D 206 13.35 37.55 24.47
N ALA D 207 13.52 38.42 25.46
CA ALA D 207 12.53 39.47 25.69
C ALA D 207 12.13 40.12 24.34
N GLU D 208 13.14 40.47 23.57
CA GLU D 208 12.89 41.05 22.27
C GLU D 208 12.12 40.07 21.40
N LYS D 209 12.35 38.76 21.53
CA LYS D 209 11.57 37.85 20.71
C LYS D 209 10.09 38.02 21.00
N GLU D 210 9.75 38.16 22.28
CA GLU D 210 8.34 38.35 22.63
C GLU D 210 7.79 39.66 22.07
N ILE D 211 8.57 40.72 22.10
CA ILE D 211 8.17 41.93 21.39
C ILE D 211 7.77 41.55 19.94
N VAL D 212 8.64 40.76 19.28
CA VAL D 212 8.29 40.30 17.96
C VAL D 212 6.91 39.67 17.97
N ARG D 213 6.72 38.66 18.81
CA ARG D 213 5.45 37.94 18.84
C ARG D 213 4.28 38.90 18.87
N ASP D 214 4.40 39.96 19.65
CA ASP D 214 3.36 41.00 19.58
C ASP D 214 3.23 41.57 18.18
N ILE D 215 4.33 41.99 17.56
CA ILE D 215 4.24 42.47 16.19
C ILE D 215 3.44 41.47 15.32
N LYS D 216 3.80 40.20 15.41
CA LYS D 216 3.14 39.17 14.64
C LYS D 216 1.64 39.20 14.89
N GLU D 217 1.24 39.13 16.16
CA GLU D 217 -0.19 39.05 16.46
C GLU D 217 -0.95 40.25 15.89
N LYS D 218 -0.43 41.45 16.13
CA LYS D 218 -1.19 42.64 15.72
C LYS D 218 -1.17 42.88 14.21
N LEU D 219 0.01 42.93 13.60
CA LEU D 219 0.15 43.50 12.26
C LEU D 219 0.16 42.54 11.10
N CYS D 220 -0.03 41.25 11.36
CA CYS D 220 0.17 40.25 10.32
C CYS D 220 -1.16 39.78 9.74
N TYR D 221 -1.27 39.74 8.42
CA TYR D 221 -2.40 39.08 7.74
C TYR D 221 -1.85 38.12 6.71
N ILE D 222 -2.72 37.25 6.22
CA ILE D 222 -2.35 36.23 5.22
C ILE D 222 -2.96 36.60 3.87
N ALA D 223 -2.11 36.68 2.86
CA ALA D 223 -2.55 37.06 1.53
C ALA D 223 -3.49 36.04 0.91
N LEU D 224 -4.44 36.50 0.11
CA LEU D 224 -5.19 35.58 -0.75
C LEU D 224 -4.24 34.88 -1.70
N ASN D 225 -3.63 35.64 -2.63
CA ASN D 225 -2.63 35.09 -3.53
C ASN D 225 -1.35 35.85 -3.33
N PHE D 226 -0.35 35.15 -2.82
CA PHE D 226 0.91 35.79 -2.40
C PHE D 226 1.66 36.43 -3.56
N ASP D 227 1.83 35.69 -4.65
CA ASP D 227 2.47 36.23 -5.83
C ASP D 227 1.84 37.55 -6.25
N GLU D 228 0.53 37.68 -6.05
CA GLU D 228 -0.13 38.97 -6.33
C GLU D 228 0.43 40.04 -5.41
N GLU D 229 0.35 39.83 -4.10
CA GLU D 229 0.61 40.91 -3.16
C GLU D 229 2.08 41.32 -3.18
N MET D 230 2.99 40.37 -3.42
CA MET D 230 4.39 40.75 -3.58
C MET D 230 4.57 41.82 -4.66
N LYS D 231 3.70 41.80 -5.67
CA LYS D 231 3.68 42.87 -6.66
C LYS D 231 2.91 44.08 -6.13
N THR D 232 1.80 43.85 -5.42
CA THR D 232 1.00 44.95 -4.96
C THR D 232 1.73 45.84 -3.95
N SER D 233 2.80 45.35 -3.36
CA SER D 233 3.55 46.15 -2.41
C SER D 233 4.62 47.04 -3.00
N GLU D 234 4.86 46.98 -4.32
CA GLU D 234 5.76 47.93 -4.99
C GLU D 234 5.30 49.38 -4.82
N GLN D 235 3.98 49.59 -4.89
CA GLN D 235 3.36 50.88 -4.62
C GLN D 235 2.67 50.80 -3.26
N SER D 236 3.29 51.38 -2.24
CA SER D 236 2.97 51.09 -0.83
C SER D 236 2.14 52.23 -0.26
N SER D 237 0.87 51.94 0.02
CA SER D 237 -0.04 52.93 0.61
C SER D 237 -0.42 52.58 2.02
N ASP D 238 -1.35 51.64 2.19
CA ASP D 238 -1.84 51.26 3.51
C ASP D 238 -1.21 49.98 4.01
N ILE D 239 -0.26 49.41 3.26
CA ILE D 239 0.31 48.13 3.66
C ILE D 239 1.25 48.28 4.85
N GLU D 240 1.96 49.40 4.90
CA GLU D 240 2.89 49.60 5.99
C GLU D 240 2.16 50.15 7.21
N LYS D 241 2.17 49.40 8.29
CA LYS D 241 1.55 49.82 9.51
C LYS D 241 2.61 50.07 10.56
N SER D 242 2.42 51.12 11.32
CA SER D 242 3.40 51.60 12.27
C SER D 242 3.10 50.98 13.65
N TYR D 243 4.04 50.19 14.15
CA TYR D 243 3.92 49.57 15.47
C TYR D 243 4.81 50.36 16.43
N GLU D 244 4.33 50.49 17.67
CA GLU D 244 4.97 51.37 18.65
C GLU D 244 5.47 50.53 19.84
N LEU D 245 6.78 50.46 20.00
CA LEU D 245 7.40 49.55 20.96
C LEU D 245 7.11 49.94 22.40
N PRO D 246 7.39 49.03 23.34
CA PRO D 246 7.50 49.47 24.75
C PRO D 246 8.52 50.61 24.92
N ASP D 247 9.59 50.59 24.13
CA ASP D 247 10.56 51.66 24.14
C ASP D 247 9.91 53.02 23.86
N GLY D 248 8.95 53.04 22.95
CA GLY D 248 8.42 54.30 22.45
C GLY D 248 8.88 54.62 21.05
N ASN D 249 9.96 53.98 20.59
CA ASN D 249 10.37 54.10 19.20
C ASN D 249 9.28 53.55 18.30
N ILE D 250 9.21 54.07 17.07
CA ILE D 250 8.14 53.71 16.15
C ILE D 250 8.72 52.90 14.98
N ILE D 251 8.39 51.61 14.95
CA ILE D 251 8.75 50.71 13.87
C ILE D 251 7.77 50.91 12.72
N THR D 252 8.20 50.57 11.51
CA THR D 252 7.28 50.42 10.39
C THR D 252 7.59 49.16 9.63
N VAL D 253 6.64 48.23 9.62
CA VAL D 253 6.84 46.93 9.01
C VAL D 253 6.24 46.92 7.61
N GLY D 254 7.04 46.41 6.65
CA GLY D 254 6.67 46.39 5.24
C GLY D 254 5.97 45.10 4.82
N ASN D 255 6.38 44.55 3.69
CA ASN D 255 5.92 43.22 3.25
C ASN D 255 5.87 42.25 4.40
N GLU D 256 6.77 42.41 5.38
CA GLU D 256 6.95 41.48 6.45
C GLU D 256 5.60 41.07 7.04
N ARG D 257 4.61 41.94 6.95
CA ARG D 257 3.29 41.60 7.46
C ARG D 257 2.76 40.30 6.85
N PHE D 258 2.63 40.23 5.54
CA PHE D 258 2.01 39.05 4.93
C PHE D 258 2.98 37.97 4.52
N ARG D 259 4.29 38.23 4.48
CA ARG D 259 5.23 37.17 4.13
C ARG D 259 5.69 36.45 5.39
N CYS D 260 5.49 37.03 6.57
CA CYS D 260 5.79 36.31 7.81
C CYS D 260 4.81 35.15 8.07
N PRO D 261 3.50 35.41 8.08
CA PRO D 261 2.55 34.29 8.31
C PRO D 261 2.44 33.36 7.11
N GLU D 262 2.89 33.76 5.92
CA GLU D 262 2.74 32.86 4.80
C GLU D 262 3.61 31.62 4.98
N ALA D 263 4.66 31.67 5.80
CA ALA D 263 5.53 30.51 5.98
C ALA D 263 4.70 29.24 6.28
N LEU D 264 3.53 29.42 6.90
CA LEU D 264 2.64 28.27 7.16
C LEU D 264 2.30 27.55 5.85
N PHE D 265 1.94 28.29 4.83
CA PHE D 265 1.49 27.67 3.57
C PHE D 265 2.67 27.22 2.71
N GLN D 266 3.77 27.96 2.77
CA GLN D 266 5.02 27.50 2.16
C GLN D 266 6.07 27.35 3.27
N PRO D 267 6.39 26.12 3.68
CA PRO D 267 7.49 25.96 4.64
C PRO D 267 8.85 26.18 3.99
N SER D 268 8.93 26.16 2.66
CA SER D 268 10.21 26.35 1.98
C SER D 268 10.95 27.55 2.58
N PHE D 269 10.21 28.62 2.88
CA PHE D 269 10.82 29.78 3.48
C PHE D 269 11.57 29.45 4.74
N LEU D 270 10.91 28.86 5.73
CA LEU D 270 11.62 28.47 6.96
C LEU D 270 12.77 27.53 6.69
N GLY D 271 12.79 26.87 5.54
CA GLY D 271 13.87 25.98 5.22
C GLY D 271 13.51 24.51 5.36
N LYS D 272 12.50 24.16 6.15
CA LYS D 272 12.13 22.77 6.33
C LYS D 272 11.69 22.16 5.01
N GLU D 273 11.80 20.84 4.89
CA GLU D 273 11.35 20.15 3.68
C GLU D 273 9.92 19.67 3.79
N ALA D 274 9.27 19.90 4.92
CA ALA D 274 7.89 19.49 5.07
C ALA D 274 6.99 20.23 4.08
N ALA D 275 5.80 19.67 3.88
CA ALA D 275 4.78 20.31 3.10
C ALA D 275 4.05 21.36 3.95
N GLY D 276 3.45 22.33 3.29
CA GLY D 276 2.74 23.39 4.02
C GLY D 276 1.51 22.88 4.72
N ILE D 277 0.67 23.79 5.21
CA ILE D 277 -0.56 23.43 5.90
C ILE D 277 -1.59 22.88 4.92
N HIS D 278 -1.67 23.43 3.72
CA HIS D 278 -2.70 23.03 2.79
C HIS D 278 -2.46 21.59 2.32
N THR D 279 -1.21 21.19 2.15
CA THR D 279 -0.94 19.83 1.73
C THR D 279 -0.88 18.84 2.88
N THR D 280 -0.77 19.32 4.12
CA THR D 280 -0.95 18.41 5.25
C THR D 280 -2.42 18.18 5.54
N THR D 281 -3.25 19.21 5.42
CA THR D 281 -4.69 18.96 5.47
C THR D 281 -5.09 18.03 4.31
N PHE D 282 -4.85 18.48 3.08
CA PHE D 282 -5.30 17.72 1.93
C PHE D 282 -4.71 16.33 1.95
N ASN D 283 -3.45 16.18 2.36
CA ASN D 283 -2.82 14.88 2.39
C ASN D 283 -3.42 14.01 3.49
N SER D 284 -3.62 14.59 4.66
CA SER D 284 -4.27 13.86 5.74
C SER D 284 -5.63 13.34 5.31
N ILE D 285 -6.32 14.08 4.43
CA ILE D 285 -7.54 13.53 3.83
C ILE D 285 -7.20 12.37 2.92
N LYS D 286 -6.31 12.59 1.97
CA LYS D 286 -6.04 11.55 0.94
C LYS D 286 -5.65 10.23 1.54
N LYS D 287 -5.18 10.22 2.79
CA LYS D 287 -4.97 8.94 3.47
C LYS D 287 -6.25 8.32 4.00
N CYS D 288 -7.32 9.11 4.09
CA CYS D 288 -8.63 8.59 4.53
C CYS D 288 -9.39 7.97 3.38
N ASP D 289 -10.18 6.97 3.70
CA ASP D 289 -10.85 6.22 2.67
C ASP D 289 -11.74 7.12 1.81
N VAL D 290 -11.90 6.72 0.55
CA VAL D 290 -12.63 7.51 -0.45
C VAL D 290 -14.10 7.76 -0.14
N ASP D 291 -14.59 7.13 0.91
CA ASP D 291 -15.99 7.21 1.25
C ASP D 291 -16.30 8.37 2.19
N ILE D 292 -15.37 8.70 3.07
CA ILE D 292 -15.59 9.80 4.04
C ILE D 292 -15.09 11.15 3.54
N ARG D 293 -14.43 11.19 2.39
CA ARG D 293 -13.83 12.43 1.95
C ARG D 293 -14.90 13.53 1.89
N LYS D 294 -16.10 13.21 1.41
CA LYS D 294 -17.15 14.21 1.41
C LYS D 294 -17.19 14.93 2.75
N ASP D 295 -17.53 14.19 3.81
CA ASP D 295 -17.66 14.80 5.12
C ASP D 295 -16.40 15.54 5.54
N LEU D 296 -15.24 14.96 5.34
CA LEU D 296 -14.03 15.67 5.77
C LEU D 296 -13.88 16.99 5.04
N TYR D 297 -13.87 17.00 3.71
CA TYR D 297 -13.75 18.24 2.97
C TYR D 297 -14.77 19.26 3.47
N GLY D 298 -15.98 18.79 3.80
CA GLY D 298 -17.02 19.71 4.23
C GLY D 298 -16.69 20.38 5.58
N ASN D 299 -16.22 19.61 6.56
CA ASN D 299 -16.25 20.05 7.97
C ASN D 299 -14.91 20.59 8.50
N ILE D 300 -13.93 20.85 7.67
CA ILE D 300 -12.61 21.25 8.19
C ILE D 300 -12.83 22.34 9.25
N VAL D 301 -12.23 22.14 10.44
CA VAL D 301 -12.36 23.07 11.54
C VAL D 301 -11.00 23.62 11.89
N LEU D 302 -10.78 24.90 11.66
CA LEU D 302 -9.57 25.54 12.18
C LEU D 302 -9.65 25.57 13.69
N SER D 303 -8.50 25.62 14.33
CA SER D 303 -8.43 25.62 15.79
C SER D 303 -7.07 26.13 16.19
N GLY D 304 -6.87 26.33 17.49
CA GLY D 304 -5.60 26.79 18.01
C GLY D 304 -5.28 28.22 17.60
N GLY D 305 -4.34 28.81 18.32
CA GLY D 305 -4.05 30.22 18.15
C GLY D 305 -3.55 30.56 16.75
N THR D 306 -2.52 29.86 16.29
CA THR D 306 -1.77 30.32 15.11
C THR D 306 -2.65 30.58 13.91
N THR D 307 -3.85 30.04 13.90
CA THR D 307 -4.76 30.26 12.80
C THR D 307 -5.63 31.52 12.97
N MET D 308 -5.36 32.34 13.99
CA MET D 308 -6.15 33.53 14.20
C MET D 308 -5.92 34.60 13.14
N TYR D 309 -4.88 34.43 12.33
CA TYR D 309 -4.55 35.46 11.33
C TYR D 309 -5.73 35.86 10.50
N GLU D 310 -5.92 37.17 10.32
CA GLU D 310 -7.01 37.66 9.48
C GLU D 310 -6.90 37.14 8.05
N GLY D 311 -7.95 36.46 7.62
CA GLY D 311 -8.06 35.99 6.25
C GLY D 311 -7.46 34.62 5.98
N ILE D 312 -7.27 33.80 7.01
CA ILE D 312 -6.77 32.45 6.77
C ILE D 312 -7.86 31.60 6.10
N GLY D 313 -9.11 31.77 6.54
CA GLY D 313 -10.18 30.97 5.98
C GLY D 313 -10.18 30.98 4.45
N GLU D 314 -10.21 32.18 3.89
CA GLU D 314 -10.28 32.32 2.44
C GLU D 314 -9.13 31.58 1.75
N ARG D 315 -7.91 31.85 2.20
CA ARG D 315 -6.75 31.28 1.53
C ARG D 315 -6.75 29.75 1.64
N LEU D 316 -6.97 29.24 2.85
CA LEU D 316 -7.02 27.78 3.00
C LEU D 316 -8.07 27.16 2.09
N THR D 317 -9.29 27.71 2.14
CA THR D 317 -10.35 27.16 1.29
C THR D 317 -9.94 27.16 -0.19
N ARG D 318 -9.64 28.32 -0.74
CA ARG D 318 -9.30 28.36 -2.16
C ARG D 318 -8.17 27.41 -2.47
N ASP D 319 -7.25 27.26 -1.53
CA ASP D 319 -6.06 26.47 -1.82
C ASP D 319 -6.40 24.96 -1.88
N ILE D 320 -7.12 24.47 -0.88
CA ILE D 320 -7.60 23.11 -0.95
C ILE D 320 -8.45 22.90 -2.21
N THR D 321 -9.44 23.76 -2.41
CA THR D 321 -10.27 23.66 -3.60
C THR D 321 -9.43 23.48 -4.85
N THR D 322 -8.34 24.23 -4.97
CA THR D 322 -7.42 24.04 -6.07
C THR D 322 -6.84 22.61 -6.03
N LEU D 323 -6.51 22.14 -4.82
CA LEU D 323 -5.95 20.81 -4.73
C LEU D 323 -6.96 19.69 -5.04
N ALA D 324 -8.04 19.68 -4.29
CA ALA D 324 -9.01 18.56 -4.37
C ALA D 324 -10.01 18.77 -5.50
N PRO D 325 -10.65 17.69 -5.97
CA PRO D 325 -11.50 17.83 -7.17
C PRO D 325 -12.58 18.89 -7.01
N SER D 326 -12.80 19.67 -8.08
CA SER D 326 -13.68 20.85 -8.02
C SER D 326 -15.13 20.55 -7.66
N THR D 327 -15.58 19.32 -7.91
CA THR D 327 -16.97 18.95 -7.65
C THR D 327 -17.43 19.16 -6.21
N MET D 328 -16.52 18.99 -5.26
CA MET D 328 -16.88 19.07 -3.85
C MET D 328 -16.77 20.48 -3.34
N LYS D 329 -17.69 20.83 -2.46
CA LYS D 329 -17.65 22.11 -1.77
C LYS D 329 -16.75 21.94 -0.56
N ILE D 330 -15.78 22.82 -0.48
CA ILE D 330 -14.91 22.91 0.69
C ILE D 330 -15.42 24.03 1.59
N LYS D 331 -15.59 23.74 2.86
CA LYS D 331 -15.97 24.77 3.81
C LYS D 331 -15.11 24.67 5.06
N VAL D 332 -14.34 25.71 5.34
CA VAL D 332 -13.55 25.75 6.57
C VAL D 332 -14.32 26.51 7.62
N VAL D 333 -14.74 25.83 8.68
CA VAL D 333 -15.43 26.51 9.77
C VAL D 333 -14.41 27.11 10.71
N ALA D 334 -14.41 28.43 10.81
CA ALA D 334 -13.46 29.16 11.63
C ALA D 334 -14.26 29.85 12.74
N PRO D 335 -14.63 29.08 13.78
CA PRO D 335 -15.55 29.62 14.77
C PRO D 335 -14.93 30.83 15.48
N PRO D 336 -15.75 31.83 15.83
CA PRO D 336 -15.26 32.90 16.72
C PRO D 336 -14.83 32.31 18.06
N GLU D 337 -13.80 32.90 18.66
CA GLU D 337 -13.21 32.36 19.89
C GLU D 337 -12.73 30.93 19.72
N ARG D 338 -11.97 30.72 18.64
CA ARG D 338 -11.27 29.44 18.38
C ARG D 338 -9.93 29.33 19.08
N LYS D 339 -9.44 30.43 19.63
CA LYS D 339 -8.21 30.38 20.38
C LYS D 339 -8.34 29.44 21.56
N TYR D 340 -9.54 29.37 22.13
CA TYR D 340 -9.82 28.51 23.28
C TYR D 340 -10.44 27.13 22.96
N SER D 341 -10.61 26.84 21.67
CA SER D 341 -11.42 25.68 21.26
C SER D 341 -10.99 24.44 22.02
N VAL D 342 -9.69 24.23 22.15
CA VAL D 342 -9.18 23.05 22.84
C VAL D 342 -9.67 23.07 24.28
N TRP D 343 -9.60 24.23 24.92
CA TRP D 343 -10.06 24.30 26.30
C TRP D 343 -11.55 24.00 26.43
N ILE D 344 -12.35 24.78 25.70
CA ILE D 344 -13.80 24.57 25.74
C ILE D 344 -14.11 23.08 25.55
N GLY D 345 -13.52 22.47 24.54
CA GLY D 345 -13.65 21.03 24.37
C GLY D 345 -13.27 20.29 25.65
N GLY D 346 -12.31 20.81 26.40
CA GLY D 346 -11.98 20.22 27.68
C GLY D 346 -13.18 20.33 28.60
N SER D 347 -13.89 21.46 28.58
CA SER D 347 -15.06 21.59 29.44
C SER D 347 -16.19 20.63 29.08
N ILE D 348 -16.62 20.69 27.82
CA ILE D 348 -17.71 19.84 27.37
C ILE D 348 -17.36 18.37 27.63
N LEU D 349 -16.16 17.96 27.21
CA LEU D 349 -15.76 16.57 27.42
C LEU D 349 -15.82 16.22 28.90
N SER D 350 -15.10 16.97 29.72
CA SER D 350 -15.00 16.59 31.14
C SER D 350 -16.36 16.65 31.82
N SER D 351 -17.33 17.34 31.23
CA SER D 351 -18.64 17.44 31.85
C SER D 351 -19.63 16.38 31.40
N LEU D 352 -19.19 15.50 30.50
CA LEU D 352 -20.11 14.46 29.99
C LEU D 352 -20.27 13.32 30.97
N SER D 353 -21.51 12.83 31.10
CA SER D 353 -21.83 11.87 32.15
C SER D 353 -21.15 10.51 31.90
N THR D 354 -21.02 10.14 30.65
CA THR D 354 -20.38 8.86 30.34
C THR D 354 -18.86 8.93 30.46
N PHE D 355 -18.30 10.11 30.29
CA PHE D 355 -16.83 10.27 30.30
C PHE D 355 -16.25 9.86 31.66
N GLN D 356 -17.03 10.04 32.72
CA GLN D 356 -16.57 9.80 34.08
C GLN D 356 -15.99 8.40 34.29
N GLN D 357 -16.22 7.50 33.36
CA GLN D 357 -15.73 6.13 33.52
C GLN D 357 -14.24 6.03 33.15
N MET D 358 -13.75 6.95 32.32
CA MET D 358 -12.44 6.78 31.70
C MET D 358 -11.27 7.31 32.49
N TRP D 359 -11.53 8.08 33.55
CA TRP D 359 -10.43 8.71 34.26
C TRP D 359 -9.42 7.66 34.72
N ILE D 360 -8.13 8.02 34.71
CA ILE D 360 -7.11 7.17 35.30
C ILE D 360 -7.23 7.41 36.79
N THR D 361 -7.31 6.34 37.57
CA THR D 361 -7.58 6.41 39.01
C THR D 361 -6.31 6.31 39.82
N LYS D 362 -6.27 7.03 40.94
CA LYS D 362 -5.14 6.99 41.83
C LYS D 362 -4.72 5.54 42.12
N GLU D 363 -5.70 4.71 42.49
CA GLU D 363 -5.45 3.30 42.67
C GLU D 363 -4.81 2.67 41.43
N GLU D 364 -5.54 2.63 40.32
CA GLU D 364 -5.09 1.94 39.13
C GLU D 364 -3.65 2.31 38.78
N TYR D 365 -3.31 3.59 38.93
CA TYR D 365 -1.91 3.99 38.77
C TYR D 365 -1.03 3.32 39.82
N ASP D 366 -1.44 3.37 41.07
CA ASP D 366 -0.60 2.80 42.14
C ASP D 366 -0.23 1.35 41.87
N GLU D 367 -1.20 0.55 41.45
CA GLU D 367 -0.92 -0.88 41.27
C GLU D 367 -0.27 -1.14 39.92
N SER D 368 -0.69 -0.41 38.90
CA SER D 368 -0.33 -0.76 37.50
C SER D 368 0.92 -0.06 36.97
N GLY D 369 1.55 0.77 37.78
CA GLY D 369 2.71 1.52 37.32
C GLY D 369 2.33 2.64 36.38
N PRO D 370 3.27 3.56 36.10
CA PRO D 370 2.95 4.74 35.27
C PRO D 370 2.68 4.44 33.81
N SER D 371 3.16 3.29 33.34
CA SER D 371 2.92 2.86 31.97
C SER D 371 1.46 2.70 31.56
N ILE D 372 0.52 2.55 32.51
CA ILE D 372 -0.91 2.42 32.15
C ILE D 372 -1.50 3.57 31.34
N VAL D 373 -0.90 4.75 31.48
CA VAL D 373 -1.37 5.90 30.73
C VAL D 373 -1.60 5.54 29.27
N HIS D 374 -0.64 4.86 28.67
CA HIS D 374 -0.74 4.44 27.27
C HIS D 374 -1.99 3.67 26.92
N ARG D 375 -2.51 2.91 27.88
CA ARG D 375 -3.72 2.13 27.66
C ARG D 375 -5.04 2.92 27.75
N LYS D 376 -5.12 3.90 28.65
CA LYS D 376 -6.30 4.78 28.74
C LYS D 376 -6.00 6.24 28.37
N CYS D 377 -6.25 6.57 27.10
CA CYS D 377 -5.99 7.91 26.55
C CYS D 377 -7.19 8.35 25.74
N VAL E 8 -53.19 -15.14 9.12
CA VAL E 8 -53.67 -14.65 7.81
C VAL E 8 -52.69 -13.68 7.12
N GLN E 9 -51.66 -13.20 7.82
CA GLN E 9 -50.59 -12.43 7.21
C GLN E 9 -49.31 -13.28 7.19
N ALA E 10 -48.86 -13.62 5.97
CA ALA E 10 -47.64 -14.40 5.77
C ALA E 10 -46.47 -13.46 5.60
N LEU E 11 -45.38 -13.74 6.30
CA LEU E 11 -44.20 -12.92 6.31
C LEU E 11 -43.13 -13.48 5.36
N VAL E 12 -42.78 -12.73 4.33
CA VAL E 12 -41.95 -13.24 3.26
C VAL E 12 -40.55 -12.64 3.34
N VAL E 13 -39.57 -13.47 3.62
CA VAL E 13 -38.16 -13.07 3.59
C VAL E 13 -37.41 -13.95 2.61
N ASP E 14 -36.94 -13.34 1.54
CA ASP E 14 -36.08 -14.04 0.56
C ASP E 14 -34.65 -13.62 0.78
N ASN E 15 -33.85 -14.54 1.33
CA ASN E 15 -32.42 -14.30 1.61
C ASN E 15 -31.60 -14.54 0.39
N GLY E 16 -31.10 -13.46 -0.16
CA GLY E 16 -30.19 -13.52 -1.25
C GLY E 16 -28.78 -13.51 -0.71
N SER E 17 -27.83 -13.41 -1.60
CA SER E 17 -26.45 -13.08 -1.24
C SER E 17 -26.20 -11.64 -1.69
N GLY E 18 -26.12 -10.72 -0.74
CA GLY E 18 -25.97 -9.32 -1.05
C GLY E 18 -27.28 -8.54 -1.19
N ASN E 19 -28.41 -9.18 -0.90
CA ASN E 19 -29.65 -8.46 -0.62
C ASN E 19 -30.53 -9.30 0.29
N VAL E 20 -31.37 -8.61 1.04
CA VAL E 20 -32.42 -9.24 1.82
C VAL E 20 -33.72 -8.51 1.53
N LYS E 21 -34.66 -9.20 0.90
CA LYS E 21 -35.92 -8.58 0.46
C LYS E 21 -37.02 -9.16 1.34
N ALA E 22 -37.54 -8.35 2.25
CA ALA E 22 -38.52 -8.78 3.22
C ALA E 22 -39.72 -7.88 3.18
N GLY E 23 -40.89 -8.46 3.01
CA GLY E 23 -42.14 -7.73 3.07
C GLY E 23 -43.25 -8.72 3.43
N VAL E 24 -44.27 -8.23 4.14
CA VAL E 24 -45.39 -9.07 4.55
C VAL E 24 -46.27 -9.38 3.35
N ALA E 25 -46.85 -10.58 3.34
CA ALA E 25 -47.63 -11.09 2.21
C ALA E 25 -48.76 -10.16 1.81
N GLY E 26 -49.09 -10.19 0.53
CA GLY E 26 -50.19 -9.42 0.01
C GLY E 26 -49.80 -8.10 -0.61
N ASP E 27 -48.55 -7.67 -0.40
CA ASP E 27 -48.03 -6.43 -0.98
C ASP E 27 -47.51 -6.73 -2.40
N ASP E 28 -47.52 -5.72 -3.26
CA ASP E 28 -47.07 -5.89 -4.66
C ASP E 28 -45.56 -5.69 -4.82
N ALA E 29 -44.94 -5.05 -3.83
CA ALA E 29 -43.49 -4.85 -3.82
C ALA E 29 -43.01 -4.87 -2.36
N PRO E 30 -41.79 -5.38 -2.13
CA PRO E 30 -41.35 -5.63 -0.75
C PRO E 30 -41.14 -4.33 0.04
N ARG E 31 -41.44 -4.37 1.32
CA ARG E 31 -41.31 -3.19 2.17
C ARG E 31 -39.85 -2.79 2.33
N SER E 32 -39.04 -3.72 2.82
CA SER E 32 -37.64 -3.44 3.11
C SER E 32 -36.72 -4.14 2.12
N VAL E 33 -35.94 -3.35 1.40
CA VAL E 33 -34.90 -3.87 0.55
C VAL E 33 -33.59 -3.26 1.03
N PHE E 34 -32.70 -4.07 1.58
CA PHE E 34 -31.43 -3.55 2.06
C PHE E 34 -30.36 -4.60 1.83
N PRO E 35 -29.15 -4.17 1.48
CA PRO E 35 -28.06 -5.16 1.28
C PRO E 35 -27.78 -5.92 2.58
N SER E 36 -27.37 -7.19 2.46
CA SER E 36 -27.02 -8.04 3.60
C SER E 36 -25.56 -7.88 3.91
N ILE E 37 -25.25 -7.03 4.88
CA ILE E 37 -23.87 -6.74 5.21
C ILE E 37 -23.74 -6.60 6.70
N VAL E 38 -22.68 -7.18 7.25
CA VAL E 38 -22.38 -7.01 8.65
C VAL E 38 -21.08 -6.22 8.76
N GLY E 39 -21.19 -4.95 9.08
CA GLY E 39 -20.00 -4.14 9.27
C GLY E 39 -19.52 -4.24 10.71
N ARG E 40 -18.20 -4.33 10.91
CA ARG E 40 -17.63 -4.16 12.23
C ARG E 40 -16.60 -3.02 12.13
N PRO E 41 -16.82 -1.92 12.87
CA PRO E 41 -15.90 -0.77 12.72
C PRO E 41 -14.50 -1.19 13.07
N LYS E 42 -13.58 -0.92 12.14
CA LYS E 42 -12.21 -1.45 12.29
C LYS E 42 -11.40 -0.67 13.31
N ASN E 43 -11.45 0.65 13.23
CA ASN E 43 -10.69 1.47 14.16
C ASN E 43 -11.46 1.63 15.48
N PRO E 44 -10.79 2.08 16.53
CA PRO E 44 -11.48 2.31 17.82
C PRO E 44 -12.31 3.60 17.78
N GLY E 45 -13.48 3.59 18.45
CA GLY E 45 -14.29 4.80 18.61
C GLY E 45 -13.64 5.73 19.63
N ILE E 46 -13.83 7.05 19.46
CA ILE E 46 -13.19 8.06 20.35
C ILE E 46 -14.20 8.94 21.07
N MET E 47 -15.11 9.57 20.32
CA MET E 47 -15.98 10.60 20.86
C MET E 47 -16.84 9.99 21.93
N VAL E 48 -16.86 10.60 23.11
CA VAL E 48 -17.62 10.06 24.22
C VAL E 48 -19.09 10.46 24.05
N GLY E 49 -19.97 9.53 24.38
CA GLY E 49 -21.41 9.71 24.19
C GLY E 49 -21.98 9.10 22.91
N MET E 50 -21.14 8.87 21.90
CA MET E 50 -21.56 8.11 20.71
C MET E 50 -22.13 6.73 21.12
N GLU E 51 -23.13 6.26 20.38
CA GLU E 51 -23.69 4.92 20.60
C GLU E 51 -22.91 3.94 19.73
N GLU E 52 -22.20 3.01 20.37
CA GLU E 52 -21.36 2.05 19.65
C GLU E 52 -22.15 1.18 18.69
N LYS E 53 -23.10 0.40 19.22
CA LYS E 53 -23.79 -0.64 18.46
C LYS E 53 -22.76 -1.43 17.69
N ASP E 54 -22.03 -2.29 18.41
CA ASP E 54 -20.77 -2.80 17.93
C ASP E 54 -20.76 -3.18 16.43
N ALA E 55 -21.74 -3.98 16.01
CA ALA E 55 -21.77 -4.46 14.62
C ALA E 55 -22.98 -3.85 13.91
N PHE E 56 -22.71 -2.93 12.99
CA PHE E 56 -23.76 -2.37 12.16
C PHE E 56 -24.28 -3.41 11.19
N VAL E 57 -25.46 -3.19 10.64
CA VAL E 57 -26.07 -4.16 9.72
C VAL E 57 -26.93 -3.46 8.68
N GLY E 58 -26.84 -3.97 7.46
CA GLY E 58 -27.68 -3.51 6.39
C GLY E 58 -27.41 -2.08 5.99
N ASP E 59 -28.47 -1.38 5.62
CA ASP E 59 -28.32 -0.08 4.96
C ASP E 59 -27.56 0.90 5.84
N GLU E 60 -27.87 0.89 7.13
CA GLU E 60 -27.13 1.74 8.05
C GLU E 60 -25.62 1.57 7.87
N ALA E 61 -25.19 0.32 7.69
CA ALA E 61 -23.76 0.04 7.59
C ALA E 61 -23.23 0.30 6.19
N GLN E 62 -24.11 0.53 5.21
CA GLN E 62 -23.61 0.96 3.91
C GLN E 62 -23.72 2.48 3.75
N THR E 63 -24.28 3.18 4.73
CA THR E 63 -24.20 4.65 4.71
C THR E 63 -22.81 5.13 5.17
N LYS E 64 -22.27 4.46 6.18
CA LYS E 64 -20.89 4.68 6.59
C LYS E 64 -20.10 3.42 6.26
N ARG E 65 -19.47 3.39 5.10
CA ARG E 65 -18.60 2.26 4.74
C ARG E 65 -17.13 2.60 4.90
N GLY E 66 -16.78 3.84 5.19
CA GLY E 66 -15.37 4.23 5.32
C GLY E 66 -14.76 3.71 6.63
N ILE E 67 -15.57 3.62 7.68
CA ILE E 67 -15.11 3.16 8.98
C ILE E 67 -15.14 1.63 9.11
N LEU E 68 -15.89 0.96 8.23
CA LEU E 68 -16.27 -0.43 8.48
C LEU E 68 -15.55 -1.36 7.55
N THR E 69 -15.34 -2.56 8.05
CA THR E 69 -14.88 -3.68 7.24
C THR E 69 -16.06 -4.63 7.03
N LEU E 70 -16.57 -4.63 5.81
CA LEU E 70 -17.83 -5.31 5.50
C LEU E 70 -17.52 -6.77 5.24
N LYS E 71 -18.39 -7.64 5.77
CA LYS E 71 -18.29 -9.05 5.51
C LYS E 71 -19.68 -9.57 5.10
N TYR E 72 -19.83 -9.97 3.84
CA TYR E 72 -21.06 -10.62 3.42
C TYR E 72 -21.12 -12.00 4.10
N PRO E 73 -22.21 -12.30 4.82
CA PRO E 73 -22.34 -13.61 5.46
C PRO E 73 -22.75 -14.73 4.50
N ILE E 74 -23.23 -14.38 3.30
CA ILE E 74 -23.65 -15.34 2.29
C ILE E 74 -22.68 -15.26 1.12
N GLU E 75 -22.03 -16.37 0.81
CA GLU E 75 -21.15 -16.46 -0.35
C GLU E 75 -21.54 -17.66 -1.18
N HIS E 76 -22.04 -17.39 -2.37
CA HIS E 76 -22.63 -18.45 -3.23
C HIS E 76 -23.78 -19.15 -2.56
N GLY E 77 -24.70 -18.36 -2.02
CA GLY E 77 -25.94 -18.88 -1.47
C GLY E 77 -25.83 -19.83 -0.27
N ILE E 78 -24.62 -20.00 0.28
CA ILE E 78 -24.37 -20.91 1.35
C ILE E 78 -23.76 -20.18 2.54
N VAL E 79 -24.46 -20.15 3.66
CA VAL E 79 -24.05 -19.34 4.80
C VAL E 79 -22.65 -19.75 5.22
N THR E 80 -21.72 -18.81 5.19
CA THR E 80 -20.37 -19.07 5.66
C THR E 80 -20.30 -18.86 7.17
N ASN E 81 -20.92 -17.78 7.64
CA ASN E 81 -20.80 -17.39 9.05
C ASN E 81 -22.17 -17.12 9.62
N TRP E 82 -22.60 -17.94 10.57
CA TRP E 82 -23.99 -17.89 11.02
C TRP E 82 -24.30 -16.70 11.89
N ASP E 83 -23.43 -16.42 12.86
CA ASP E 83 -23.68 -15.30 13.77
C ASP E 83 -24.07 -14.06 12.94
N ASP E 84 -23.30 -13.79 11.89
CA ASP E 84 -23.59 -12.65 11.05
C ASP E 84 -25.00 -12.69 10.50
N MET E 85 -25.36 -13.80 9.85
CA MET E 85 -26.71 -13.89 9.26
C MET E 85 -27.82 -13.71 10.31
N GLU E 86 -27.73 -14.52 11.35
CA GLU E 86 -28.68 -14.43 12.46
C GLU E 86 -28.89 -12.94 12.83
N LYS E 87 -27.76 -12.25 13.03
CA LYS E 87 -27.85 -10.81 13.28
C LYS E 87 -28.61 -10.09 12.16
N ILE E 88 -28.36 -10.44 10.91
CA ILE E 88 -29.09 -9.78 9.82
C ILE E 88 -30.60 -9.95 9.96
N TRP E 89 -31.06 -11.20 9.99
CA TRP E 89 -32.49 -11.42 10.17
C TRP E 89 -33.03 -10.58 11.32
N HIS E 90 -32.36 -10.68 12.47
CA HIS E 90 -32.76 -9.89 13.63
C HIS E 90 -33.03 -8.42 13.20
N HIS E 91 -32.07 -7.85 12.49
CA HIS E 91 -32.26 -6.52 11.97
C HIS E 91 -33.53 -6.43 11.11
N THR E 92 -33.79 -7.44 10.30
CA THR E 92 -34.96 -7.42 9.46
C THR E 92 -36.24 -7.33 10.32
N PHE E 93 -36.57 -8.39 11.03
CA PHE E 93 -37.84 -8.47 11.72
C PHE E 93 -38.05 -7.27 12.64
N TYR E 94 -37.06 -6.88 13.41
CA TYR E 94 -37.23 -5.80 14.36
C TYR E 94 -37.13 -4.42 13.73
N ASN E 95 -35.97 -4.11 13.12
CA ASN E 95 -35.74 -2.73 12.71
C ASN E 95 -36.40 -2.36 11.40
N GLU E 96 -36.85 -3.31 10.60
CA GLU E 96 -37.45 -2.89 9.34
C GLU E 96 -38.82 -3.46 9.00
N LEU E 97 -38.95 -4.76 8.84
CA LEU E 97 -40.31 -5.33 8.73
C LEU E 97 -41.24 -4.84 9.86
N ARG E 98 -40.70 -4.60 11.05
CA ARG E 98 -41.46 -4.16 12.24
C ARG E 98 -42.56 -5.15 12.62
N ALA E 99 -42.36 -6.42 12.24
CA ALA E 99 -43.30 -7.47 12.60
C ALA E 99 -42.65 -8.32 13.68
N ALA E 100 -43.47 -8.97 14.49
CA ALA E 100 -42.95 -9.84 15.54
C ALA E 100 -42.55 -11.17 14.92
N PRO E 101 -41.58 -11.85 15.54
CA PRO E 101 -41.28 -13.23 15.06
C PRO E 101 -42.39 -14.23 15.38
N GLU E 102 -42.96 -14.14 16.57
CA GLU E 102 -43.84 -15.17 17.09
C GLU E 102 -45.25 -15.06 16.50
N GLU E 103 -45.59 -13.91 15.94
CA GLU E 103 -46.96 -13.69 15.51
C GLU E 103 -47.26 -14.35 14.17
N HIS E 104 -46.30 -14.31 13.25
CA HIS E 104 -46.57 -14.68 11.87
C HIS E 104 -45.80 -15.87 11.42
N PRO E 105 -46.35 -16.61 10.45
CA PRO E 105 -45.52 -17.58 9.73
C PRO E 105 -44.66 -16.86 8.68
N VAL E 106 -43.45 -17.37 8.47
CA VAL E 106 -42.48 -16.72 7.62
C VAL E 106 -42.04 -17.70 6.53
N LEU E 107 -41.76 -17.15 5.35
CA LEU E 107 -41.34 -17.93 4.20
C LEU E 107 -39.89 -17.58 3.85
N LEU E 108 -38.98 -18.50 4.11
CA LEU E 108 -37.57 -18.32 3.78
C LEU E 108 -37.28 -18.97 2.45
N THR E 109 -36.34 -18.39 1.71
CA THR E 109 -36.05 -18.82 0.36
C THR E 109 -34.62 -19.33 0.24
N GLU E 110 -34.41 -20.35 -0.62
CA GLU E 110 -33.16 -21.08 -0.69
C GLU E 110 -32.84 -21.44 -2.13
N ALA E 111 -31.57 -21.74 -2.36
CA ALA E 111 -31.07 -22.07 -3.68
C ALA E 111 -31.13 -23.58 -3.97
N PRO E 112 -31.50 -23.98 -5.18
CA PRO E 112 -31.47 -25.38 -5.55
C PRO E 112 -30.11 -26.03 -5.31
N LEU E 113 -30.12 -27.33 -5.08
CA LEU E 113 -28.90 -28.09 -4.79
C LEU E 113 -28.07 -27.47 -3.68
N ASN E 114 -28.74 -26.99 -2.66
CA ASN E 114 -28.05 -26.28 -1.59
C ASN E 114 -27.79 -27.23 -0.43
N PRO E 115 -26.58 -27.21 0.11
CA PRO E 115 -26.23 -28.19 1.16
C PRO E 115 -27.29 -28.31 2.23
N LYS E 116 -27.54 -29.52 2.68
CA LYS E 116 -28.52 -29.77 3.69
C LYS E 116 -28.31 -28.86 4.89
N GLY E 117 -27.05 -28.56 5.21
CA GLY E 117 -26.72 -27.73 6.36
C GLY E 117 -27.53 -26.45 6.39
N ASN E 118 -27.72 -25.81 5.23
CA ASN E 118 -28.43 -24.53 5.22
C ASN E 118 -29.90 -24.70 5.53
N ARG E 119 -30.54 -25.70 5.00
CA ARG E 119 -31.90 -25.97 5.42
C ARG E 119 -31.98 -26.24 6.92
N GLU E 120 -31.36 -27.34 7.34
CA GLU E 120 -31.49 -27.77 8.73
C GLU E 120 -31.21 -26.60 9.68
N ARG E 121 -30.00 -26.07 9.59
CA ARG E 121 -29.58 -25.04 10.53
C ARG E 121 -30.37 -23.76 10.36
N MET E 122 -30.86 -23.50 9.16
CA MET E 122 -31.68 -22.30 8.94
C MET E 122 -32.97 -22.37 9.76
N THR E 123 -33.75 -23.43 9.53
CA THR E 123 -34.98 -23.56 10.33
C THR E 123 -34.62 -23.63 11.81
N GLN E 124 -33.70 -24.51 12.18
CA GLN E 124 -33.33 -24.64 13.58
C GLN E 124 -33.12 -23.27 14.22
N ILE E 125 -32.43 -22.38 13.51
CA ILE E 125 -32.26 -21.03 14.01
C ILE E 125 -33.56 -20.22 13.97
N MET E 126 -34.51 -20.63 13.14
CA MET E 126 -35.78 -19.92 13.11
C MET E 126 -36.70 -20.31 14.26
N PHE E 127 -36.79 -21.60 14.57
CA PHE E 127 -37.63 -22.05 15.66
C PHE E 127 -36.98 -21.89 17.03
N GLU E 128 -35.71 -22.28 17.18
CA GLU E 128 -35.07 -22.23 18.50
C GLU E 128 -34.75 -20.82 19.02
N SER E 129 -33.96 -20.02 18.30
CA SER E 129 -33.57 -18.68 18.76
C SER E 129 -34.69 -17.64 18.56
N PHE E 130 -35.08 -17.37 17.32
CA PHE E 130 -36.37 -16.71 17.06
C PHE E 130 -37.45 -17.74 17.41
N ASN E 131 -38.65 -17.27 17.65
CA ASN E 131 -39.80 -18.17 17.83
C ASN E 131 -40.80 -17.85 16.74
N VAL E 132 -41.09 -18.85 15.91
CA VAL E 132 -41.99 -18.70 14.77
C VAL E 132 -43.06 -19.79 14.78
N PRO E 133 -44.33 -19.44 14.42
CA PRO E 133 -45.38 -20.48 14.45
C PRO E 133 -45.22 -21.53 13.35
N ALA E 134 -44.87 -21.09 12.15
CA ALA E 134 -44.70 -21.98 11.02
C ALA E 134 -43.73 -21.42 10.03
N MET E 135 -43.18 -22.30 9.19
CA MET E 135 -42.09 -21.95 8.30
C MET E 135 -42.02 -22.82 7.08
N TYR E 136 -41.50 -22.28 6.00
CA TYR E 136 -41.36 -23.06 4.79
C TYR E 136 -40.30 -22.42 3.91
N VAL E 137 -39.50 -23.25 3.25
CA VAL E 137 -38.35 -22.77 2.47
C VAL E 137 -38.44 -23.31 1.07
N ALA E 138 -38.65 -22.42 0.10
CA ALA E 138 -38.89 -22.82 -1.29
C ALA E 138 -37.73 -22.43 -2.17
N ILE E 139 -37.52 -23.23 -3.20
CA ILE E 139 -36.49 -22.97 -4.20
C ILE E 139 -36.78 -21.63 -4.90
N GLN E 140 -35.77 -20.78 -4.98
CA GLN E 140 -35.98 -19.44 -5.55
C GLN E 140 -36.59 -19.55 -6.97
N ALA E 141 -35.95 -20.36 -7.80
CA ALA E 141 -36.33 -20.46 -9.19
C ALA E 141 -37.85 -20.63 -9.32
N VAL E 142 -38.41 -21.67 -8.69
CA VAL E 142 -39.82 -21.97 -8.84
C VAL E 142 -40.65 -20.77 -8.38
N LEU E 143 -40.25 -20.13 -7.28
CA LEU E 143 -41.03 -19.00 -6.80
C LEU E 143 -41.11 -17.92 -7.86
N SER E 144 -40.01 -17.68 -8.59
CA SER E 144 -40.09 -16.68 -9.65
C SER E 144 -41.19 -17.03 -10.66
N LEU E 145 -41.48 -18.32 -10.79
CA LEU E 145 -42.39 -18.78 -11.83
C LEU E 145 -43.83 -18.45 -11.50
N TYR E 146 -44.21 -18.56 -10.23
CA TYR E 146 -45.50 -18.01 -9.80
C TYR E 146 -45.63 -16.54 -10.20
N SER E 147 -44.64 -15.74 -9.83
CA SER E 147 -44.65 -14.33 -10.19
C SER E 147 -44.93 -14.16 -11.70
N SER E 148 -44.19 -14.89 -12.53
CA SER E 148 -44.46 -14.79 -13.96
C SER E 148 -45.85 -15.30 -14.33
N GLY E 149 -46.54 -15.91 -13.36
CA GLY E 149 -47.94 -16.26 -13.53
C GLY E 149 -48.22 -17.31 -14.59
N ARG E 150 -47.18 -17.91 -15.17
CA ARG E 150 -47.34 -18.95 -16.18
C ARG E 150 -46.88 -20.28 -15.60
N THR E 151 -47.45 -21.38 -16.04
CA THR E 151 -47.21 -22.65 -15.38
C THR E 151 -46.02 -23.45 -15.97
N THR E 152 -45.43 -22.98 -17.05
CA THR E 152 -44.38 -23.73 -17.71
C THR E 152 -43.25 -22.80 -18.16
N GLY E 153 -42.03 -23.18 -17.86
CA GLY E 153 -40.89 -22.51 -18.43
C GLY E 153 -39.64 -22.76 -17.62
N ILE E 154 -38.48 -22.49 -18.21
CA ILE E 154 -37.24 -22.41 -17.50
C ILE E 154 -37.30 -21.12 -16.72
N VAL E 155 -36.86 -21.18 -15.48
CA VAL E 155 -36.65 -19.98 -14.67
C VAL E 155 -35.17 -19.93 -14.39
N LEU E 156 -34.44 -19.05 -15.08
CA LEU E 156 -33.01 -18.89 -14.79
C LEU E 156 -32.78 -17.56 -14.14
N ASP E 157 -32.42 -17.60 -12.86
CA ASP E 157 -32.13 -16.36 -12.12
C ASP E 157 -30.65 -16.34 -11.82
N SER E 158 -30.10 -15.15 -11.61
CA SER E 158 -28.78 -15.07 -11.07
C SER E 158 -28.77 -13.95 -10.04
N GLY E 159 -28.57 -14.33 -8.78
CA GLY E 159 -28.31 -13.40 -7.70
C GLY E 159 -26.82 -13.42 -7.40
N ASP E 160 -26.35 -12.48 -6.61
CA ASP E 160 -24.91 -12.37 -6.35
C ASP E 160 -24.25 -13.72 -6.08
N GLY E 161 -24.92 -14.59 -5.33
CA GLY E 161 -24.29 -15.84 -4.97
C GLY E 161 -24.29 -16.87 -6.10
N VAL E 162 -25.48 -17.09 -6.71
CA VAL E 162 -25.76 -18.31 -7.44
C VAL E 162 -26.65 -17.99 -8.62
N SER E 163 -26.59 -18.85 -9.63
CA SER E 163 -27.49 -18.74 -10.77
C SER E 163 -28.13 -20.09 -11.06
N HIS E 164 -29.44 -20.16 -10.91
CA HIS E 164 -30.19 -21.39 -11.09
C HIS E 164 -30.72 -21.47 -12.51
N THR E 165 -30.83 -22.69 -13.02
CA THR E 165 -31.77 -22.98 -14.10
C THR E 165 -32.66 -24.11 -13.62
N VAL E 166 -33.91 -23.81 -13.32
CA VAL E 166 -34.82 -24.87 -12.90
C VAL E 166 -35.96 -24.97 -13.92
N PRO E 167 -35.93 -25.96 -14.81
CA PRO E 167 -37.07 -26.09 -15.71
C PRO E 167 -38.28 -26.67 -14.98
N ILE E 168 -39.46 -26.41 -15.52
CA ILE E 168 -40.70 -26.97 -15.01
C ILE E 168 -41.60 -27.16 -16.21
N TYR E 169 -42.36 -28.24 -16.22
CA TYR E 169 -43.37 -28.45 -17.28
C TYR E 169 -44.75 -28.57 -16.68
N GLU E 170 -45.63 -27.62 -17.00
CA GLU E 170 -47.04 -27.68 -16.62
C GLU E 170 -47.23 -28.12 -15.16
N GLY E 171 -46.53 -27.42 -14.27
CA GLY E 171 -46.72 -27.62 -12.85
C GLY E 171 -45.83 -28.66 -12.24
N TYR E 172 -45.27 -29.56 -13.05
CA TYR E 172 -44.34 -30.56 -12.53
C TYR E 172 -42.91 -30.09 -12.67
N ALA E 173 -42.10 -30.32 -11.63
CA ALA E 173 -40.70 -29.93 -11.64
C ALA E 173 -39.82 -31.12 -11.99
N LEU E 174 -38.74 -30.84 -12.70
CA LEU E 174 -37.81 -31.88 -13.13
C LEU E 174 -36.56 -31.82 -12.23
N PRO E 175 -36.45 -32.74 -11.27
CA PRO E 175 -35.32 -32.69 -10.36
C PRO E 175 -33.96 -33.00 -10.97
N HIS E 176 -33.96 -33.74 -12.06
CA HIS E 176 -32.68 -34.08 -12.68
C HIS E 176 -32.18 -32.98 -13.63
N ALA E 177 -33.05 -32.06 -14.00
CA ALA E 177 -32.67 -31.02 -14.96
C ALA E 177 -31.97 -29.84 -14.26
N ILE E 178 -32.31 -29.60 -12.98
CA ILE E 178 -31.80 -28.44 -12.28
C ILE E 178 -30.30 -28.29 -12.48
N MET E 179 -29.85 -27.06 -12.69
CA MET E 179 -28.46 -26.84 -12.93
C MET E 179 -28.07 -25.49 -12.38
N ARG E 180 -27.05 -25.50 -11.52
CA ARG E 180 -26.56 -24.28 -10.90
C ARG E 180 -25.16 -23.95 -11.40
N LEU E 181 -24.97 -22.69 -11.71
CA LEU E 181 -23.68 -22.16 -12.04
C LEU E 181 -23.39 -21.10 -10.98
N ASP E 182 -22.11 -20.81 -10.72
CA ASP E 182 -21.70 -19.91 -9.63
C ASP E 182 -21.29 -18.49 -10.06
N LEU E 183 -21.46 -18.19 -11.34
CA LEU E 183 -21.22 -16.87 -11.88
C LEU E 183 -22.42 -16.01 -11.56
N ALA E 184 -22.17 -14.87 -10.90
CA ALA E 184 -23.25 -14.06 -10.39
C ALA E 184 -22.75 -12.64 -10.20
N GLY E 185 -23.56 -11.83 -9.55
CA GLY E 185 -23.19 -10.43 -9.36
C GLY E 185 -21.83 -10.25 -8.70
N ARG E 186 -21.50 -11.06 -7.69
CA ARG E 186 -20.29 -10.84 -6.93
C ARG E 186 -19.04 -11.33 -7.65
N ASP E 187 -19.19 -12.25 -8.59
CA ASP E 187 -18.05 -12.62 -9.43
C ASP E 187 -17.87 -11.63 -10.55
N LEU E 188 -18.93 -10.94 -10.95
CA LEU E 188 -18.79 -9.88 -11.94
C LEU E 188 -18.27 -8.60 -11.32
N THR E 189 -18.51 -8.36 -10.03
CA THR E 189 -17.83 -7.23 -9.40
C THR E 189 -16.38 -7.61 -9.10
N GLU E 190 -16.17 -8.73 -8.41
CA GLU E 190 -14.80 -9.13 -8.11
C GLU E 190 -13.98 -9.30 -9.38
N TYR E 191 -14.65 -9.49 -10.51
CA TYR E 191 -13.94 -9.44 -11.80
C TYR E 191 -13.76 -8.01 -12.29
N LEU E 192 -14.80 -7.20 -12.14
CA LEU E 192 -14.74 -5.83 -12.65
C LEU E 192 -13.57 -5.08 -12.04
N MET E 193 -13.06 -5.52 -10.90
CA MET E 193 -11.81 -4.97 -10.38
C MET E 193 -10.62 -5.44 -11.22
N LYS E 194 -10.46 -6.76 -11.37
CA LYS E 194 -9.33 -7.26 -12.12
C LYS E 194 -9.22 -6.58 -13.48
N ILE E 195 -10.36 -6.23 -14.08
CA ILE E 195 -10.32 -5.50 -15.35
C ILE E 195 -10.08 -4.02 -15.08
N LEU E 196 -10.72 -3.46 -14.08
CA LEU E 196 -10.66 -2.00 -13.90
C LEU E 196 -9.24 -1.56 -13.60
N HIS E 197 -8.45 -2.41 -12.94
CA HIS E 197 -7.01 -2.15 -12.81
C HIS E 197 -6.40 -1.76 -14.13
N GLU E 198 -6.82 -2.42 -15.23
CA GLU E 198 -6.24 -2.15 -16.54
C GLU E 198 -6.22 -0.65 -16.86
N ARG E 199 -7.24 0.11 -16.45
CA ARG E 199 -7.39 1.56 -16.74
C ARG E 199 -6.60 2.44 -15.82
N GLY E 200 -5.97 1.85 -14.80
CA GLY E 200 -5.21 2.63 -13.84
C GLY E 200 -5.91 2.85 -12.51
N TYR E 201 -7.22 2.69 -12.49
CA TYR E 201 -7.99 2.70 -11.24
C TYR E 201 -7.64 1.43 -10.50
N GLY E 202 -7.90 1.42 -9.21
CA GLY E 202 -7.80 0.15 -8.50
C GLY E 202 -8.46 0.18 -7.16
N PHE E 203 -9.16 -0.90 -6.79
CA PHE E 203 -9.95 -0.96 -5.59
C PHE E 203 -9.55 -2.23 -4.81
N SER E 204 -8.85 -2.05 -3.71
CA SER E 204 -8.37 -3.18 -2.90
C SER E 204 -9.30 -3.51 -1.72
N THR E 205 -10.25 -2.63 -1.41
CA THR E 205 -10.91 -2.69 -0.10
C THR E 205 -12.39 -2.99 -0.27
N SER E 206 -13.02 -3.47 0.81
CA SER E 206 -14.43 -3.85 0.73
C SER E 206 -15.32 -2.67 0.30
N ALA E 207 -15.30 -1.61 1.11
CA ALA E 207 -16.07 -0.43 0.79
C ALA E 207 -15.90 -0.07 -0.71
N GLU E 208 -14.65 -0.05 -1.15
CA GLU E 208 -14.36 0.23 -2.53
C GLU E 208 -15.00 -0.82 -3.42
N LYS E 209 -15.09 -2.08 -2.97
CA LYS E 209 -15.74 -3.06 -3.83
C LYS E 209 -17.18 -2.64 -4.10
N GLU E 210 -17.86 -2.15 -3.07
CA GLU E 210 -19.24 -1.70 -3.27
C GLU E 210 -19.31 -0.51 -4.22
N ILE E 211 -18.37 0.42 -4.11
CA ILE E 211 -18.30 1.46 -5.14
C ILE E 211 -18.29 0.81 -6.53
N VAL E 212 -17.44 -0.22 -6.70
CA VAL E 212 -17.45 -0.94 -7.95
C VAL E 212 -18.86 -1.38 -8.29
N ARG E 213 -19.51 -2.12 -7.41
CA ARG E 213 -20.83 -2.64 -7.68
C ARG E 213 -21.74 -1.57 -8.24
N ASP E 214 -21.66 -0.37 -7.68
CA ASP E 214 -22.40 0.74 -8.28
C ASP E 214 -21.97 0.97 -9.73
N ILE E 215 -20.67 1.08 -9.98
CA ILE E 215 -20.23 1.22 -11.37
C ILE E 215 -20.91 0.15 -12.26
N LYS E 216 -20.86 -1.09 -11.82
CA LYS E 216 -21.44 -2.17 -12.57
C LYS E 216 -22.90 -1.90 -12.86
N GLU E 217 -23.69 -1.61 -11.81
CA GLU E 217 -25.13 -1.43 -12.02
C GLU E 217 -25.42 -0.31 -13.02
N LYS E 218 -24.76 0.83 -12.85
CA LYS E 218 -25.11 1.97 -13.71
C LYS E 218 -24.58 1.83 -15.14
N LEU E 219 -23.27 1.58 -15.29
CA LEU E 219 -22.62 1.79 -16.60
C LEU E 219 -22.45 0.58 -17.47
N CYS E 220 -22.97 -0.58 -17.07
CA CYS E 220 -22.66 -1.82 -17.77
C CYS E 220 -23.80 -2.25 -18.67
N TYR E 221 -23.50 -2.59 -19.92
CA TYR E 221 -24.47 -3.24 -20.81
C TYR E 221 -23.83 -4.48 -21.41
N ILE E 222 -24.65 -5.32 -21.99
CA ILE E 222 -24.22 -6.59 -22.59
C ILE E 222 -24.29 -6.49 -24.11
N ALA E 223 -23.17 -6.75 -24.77
CA ALA E 223 -23.09 -6.65 -26.21
C ALA E 223 -23.99 -7.66 -26.92
N LEU E 224 -24.53 -7.29 -28.07
CA LEU E 224 -25.14 -8.28 -28.95
C LEU E 224 -24.10 -9.32 -29.36
N ASN E 225 -23.10 -8.89 -30.14
CA ASN E 225 -22.00 -9.76 -30.53
C ASN E 225 -20.71 -9.13 -30.04
N PHE E 226 -20.07 -9.81 -29.09
CA PHE E 226 -18.91 -9.26 -28.39
C PHE E 226 -17.74 -9.01 -29.32
N ASP E 227 -17.38 -10.01 -30.12
CA ASP E 227 -16.31 -9.85 -31.10
C ASP E 227 -16.51 -8.59 -31.94
N GLU E 228 -17.76 -8.26 -32.24
CA GLU E 228 -18.03 -7.01 -32.95
C GLU E 228 -17.58 -5.83 -32.10
N GLU E 229 -18.11 -5.70 -30.89
CA GLU E 229 -17.93 -4.47 -30.13
C GLU E 229 -16.48 -4.27 -29.73
N MET E 230 -15.75 -5.36 -29.45
CA MET E 230 -14.32 -5.20 -29.19
C MET E 230 -13.62 -4.46 -30.32
N LYS E 231 -14.11 -4.60 -31.55
CA LYS E 231 -13.61 -3.80 -32.66
C LYS E 231 -14.25 -2.42 -32.66
N THR E 232 -15.54 -2.33 -32.35
CA THR E 232 -16.22 -1.06 -32.40
C THR E 232 -15.67 -0.04 -31.38
N SER E 233 -14.95 -0.52 -30.38
CA SER E 233 -14.38 0.38 -29.39
C SER E 233 -13.04 0.97 -29.75
N GLU E 234 -12.42 0.55 -30.86
CA GLU E 234 -11.18 1.19 -31.33
C GLU E 234 -11.36 2.69 -31.61
N GLN E 235 -12.53 3.04 -32.16
CA GLN E 235 -12.93 4.43 -32.36
C GLN E 235 -14.02 4.76 -31.34
N SER E 236 -13.64 5.48 -30.29
CA SER E 236 -14.43 5.59 -29.05
C SER E 236 -15.15 6.92 -29.03
N SER E 237 -16.47 6.88 -29.16
CA SER E 237 -17.30 8.10 -29.13
C SER E 237 -18.17 8.15 -27.88
N ASP E 238 -19.27 7.39 -27.88
CA ASP E 238 -20.22 7.40 -26.77
C ASP E 238 -20.03 6.21 -25.85
N ILE E 239 -19.04 5.36 -26.10
CA ILE E 239 -18.88 4.15 -25.30
C ILE E 239 -18.36 4.46 -23.91
N GLU E 240 -17.49 5.46 -23.82
CA GLU E 240 -16.91 5.80 -22.53
C GLU E 240 -17.85 6.70 -21.77
N LYS E 241 -18.33 6.24 -20.62
CA LYS E 241 -19.20 7.02 -19.80
C LYS E 241 -18.47 7.38 -18.52
N SER E 242 -18.68 8.61 -18.08
CA SER E 242 -17.97 9.16 -16.96
C SER E 242 -18.80 8.95 -15.69
N TYR E 243 -18.25 8.18 -14.74
CA TYR E 243 -18.90 7.92 -13.47
C TYR E 243 -18.23 8.80 -12.42
N GLU E 244 -19.03 9.29 -11.48
CA GLU E 244 -18.55 10.29 -10.50
C GLU E 244 -18.62 9.71 -9.09
N LEU E 245 -17.46 9.51 -8.47
CA LEU E 245 -17.38 8.78 -7.20
C LEU E 245 -18.02 9.56 -6.04
N PRO E 246 -18.23 8.87 -4.92
CA PRO E 246 -18.46 9.62 -3.66
C PRO E 246 -17.33 10.63 -3.36
N ASP E 247 -16.10 10.28 -3.71
CA ASP E 247 -14.98 11.19 -3.56
C ASP E 247 -15.24 12.51 -4.29
N GLY E 248 -15.84 12.43 -5.47
CA GLY E 248 -15.92 13.61 -6.35
C GLY E 248 -15.00 13.52 -7.54
N ASN E 249 -13.99 12.66 -7.47
CA ASN E 249 -13.15 12.39 -8.64
C ASN E 249 -14.00 11.77 -9.74
N ILE E 250 -13.59 11.98 -10.99
CA ILE E 250 -14.36 11.54 -12.13
C ILE E 250 -13.63 10.40 -12.86
N ILE E 251 -14.19 9.21 -12.76
CA ILE E 251 -13.69 8.02 -13.46
C ILE E 251 -14.21 8.06 -14.90
N THR E 252 -13.50 7.39 -15.80
CA THR E 252 -14.03 7.09 -17.11
C THR E 252 -13.75 5.65 -17.48
N VAL E 253 -14.81 4.86 -17.64
CA VAL E 253 -14.69 3.44 -17.90
C VAL E 253 -14.82 3.18 -19.39
N GLY E 254 -13.90 2.37 -19.91
CA GLY E 254 -13.82 2.06 -21.32
C GLY E 254 -14.59 0.80 -21.73
N ASN E 255 -13.97 -0.05 -22.51
CA ASN E 255 -14.52 -1.38 -22.82
C ASN E 255 -15.12 -2.02 -21.61
N GLU E 256 -14.54 -1.76 -20.43
CA GLU E 256 -14.91 -2.42 -19.21
C GLU E 256 -16.42 -2.50 -19.05
N ARG E 257 -17.14 -1.56 -19.64
CA ARG E 257 -18.59 -1.60 -19.56
C ARG E 257 -19.15 -2.93 -20.07
N PHE E 258 -18.87 -3.30 -21.31
CA PHE E 258 -19.50 -4.49 -21.87
C PHE E 258 -18.68 -5.76 -21.71
N ARG E 259 -17.41 -5.68 -21.34
CA ARG E 259 -16.63 -6.90 -21.15
C ARG E 259 -16.73 -7.35 -19.70
N CYS E 260 -17.17 -6.48 -18.79
CA CYS E 260 -17.43 -6.92 -17.41
C CYS E 260 -18.65 -7.84 -17.31
N PRO E 261 -19.82 -7.42 -17.80
CA PRO E 261 -20.99 -8.33 -17.72
C PRO E 261 -20.91 -9.49 -18.69
N GLU E 262 -20.04 -9.47 -19.69
CA GLU E 262 -20.00 -10.58 -20.60
C GLU E 262 -19.50 -11.84 -19.90
N ALA E 263 -18.79 -11.71 -18.79
CA ALA E 263 -18.27 -12.90 -18.11
C ALA E 263 -19.37 -13.94 -17.89
N LEU E 264 -20.61 -13.48 -17.75
CA LEU E 264 -21.74 -14.40 -17.61
C LEU E 264 -21.80 -15.38 -18.78
N PHE E 265 -21.69 -14.87 -19.99
CA PHE E 265 -21.84 -15.71 -21.19
C PHE E 265 -20.56 -16.49 -21.50
N GLN E 266 -19.41 -15.90 -21.20
CA GLN E 266 -18.15 -16.66 -21.23
C GLN E 266 -17.55 -16.67 -19.84
N PRO E 267 -17.63 -17.80 -19.12
CA PRO E 267 -16.94 -17.86 -17.82
C PRO E 267 -15.42 -17.98 -17.99
N SER E 268 -14.94 -18.32 -19.18
CA SER E 268 -13.50 -18.46 -19.40
C SER E 268 -12.76 -17.25 -18.81
N PHE E 269 -13.33 -16.07 -18.99
CA PHE E 269 -12.72 -14.87 -18.45
C PHE E 269 -12.48 -14.99 -16.96
N LEU E 270 -13.52 -15.24 -16.18
CA LEU E 270 -13.31 -15.41 -14.73
C LEU E 270 -12.35 -16.52 -14.40
N GLY E 271 -12.10 -17.43 -15.33
CA GLY E 271 -11.17 -18.50 -15.08
C GLY E 271 -11.84 -19.85 -14.82
N LYS E 272 -13.10 -19.85 -14.37
CA LYS E 272 -13.77 -21.11 -14.08
C LYS E 272 -13.90 -21.95 -15.33
N GLU E 273 -14.02 -23.26 -15.17
CA GLU E 273 -14.21 -24.16 -16.32
C GLU E 273 -15.66 -24.41 -16.63
N ALA E 274 -16.58 -23.84 -15.84
CA ALA E 274 -17.98 -24.04 -16.09
C ALA E 274 -18.37 -23.45 -17.45
N ALA E 275 -19.52 -23.88 -17.94
CA ALA E 275 -20.11 -23.32 -19.14
C ALA E 275 -20.83 -22.00 -18.80
N GLY E 276 -20.99 -21.15 -19.80
CA GLY E 276 -21.67 -19.87 -19.56
C GLY E 276 -23.13 -20.03 -19.26
N ILE E 277 -23.87 -18.93 -19.26
CA ILE E 277 -25.31 -18.96 -18.99
C ILE E 277 -26.07 -19.61 -20.15
N HIS E 278 -25.66 -19.35 -21.38
CA HIS E 278 -26.41 -19.84 -22.51
C HIS E 278 -26.34 -21.35 -22.58
N THR E 279 -25.19 -21.95 -22.24
CA THR E 279 -25.08 -23.39 -22.28
C THR E 279 -25.59 -24.06 -21.02
N THR E 280 -25.78 -23.32 -19.93
CA THR E 280 -26.48 -23.90 -18.78
C THR E 280 -27.98 -23.87 -18.98
N THR E 281 -28.51 -22.81 -19.58
CA THR E 281 -29.92 -22.85 -19.99
C THR E 281 -30.11 -23.97 -21.02
N PHE E 282 -29.42 -23.86 -22.15
CA PHE E 282 -29.62 -24.82 -23.22
C PHE E 282 -29.36 -26.22 -22.74
N ASN E 283 -28.35 -26.44 -21.89
CA ASN E 283 -28.04 -27.76 -21.42
C ASN E 283 -29.10 -28.26 -20.45
N SER E 284 -29.54 -27.39 -19.55
CA SER E 284 -30.63 -27.75 -18.65
C SER E 284 -31.85 -28.18 -19.42
N ILE E 285 -32.08 -27.60 -20.60
CA ILE E 285 -33.13 -28.11 -21.47
C ILE E 285 -32.77 -29.50 -21.98
N LYS E 286 -31.60 -29.62 -22.59
CA LYS E 286 -31.24 -30.90 -23.26
C LYS E 286 -31.33 -32.09 -22.33
N LYS E 287 -31.28 -31.86 -21.02
CA LYS E 287 -31.54 -32.96 -20.08
C LYS E 287 -33.01 -33.26 -19.93
N CYS E 288 -33.89 -32.34 -20.36
CA CYS E 288 -35.35 -32.55 -20.32
C CYS E 288 -35.82 -33.31 -21.52
N ASP E 289 -36.86 -34.11 -21.31
CA ASP E 289 -37.30 -35.00 -22.35
C ASP E 289 -37.68 -34.23 -23.61
N VAL E 290 -37.52 -34.91 -24.75
CA VAL E 290 -37.73 -34.28 -26.06
C VAL E 290 -39.15 -33.79 -26.33
N ASP E 291 -40.05 -34.09 -25.42
CA ASP E 291 -41.44 -33.76 -25.61
C ASP E 291 -41.80 -32.37 -25.05
N ILE E 292 -41.13 -31.95 -23.98
CA ILE E 292 -41.42 -30.64 -23.38
C ILE E 292 -40.54 -29.52 -23.92
N ARG E 293 -39.56 -29.84 -24.75
CA ARG E 293 -38.62 -28.83 -25.20
C ARG E 293 -39.36 -27.65 -25.81
N LYS E 294 -40.41 -27.91 -26.60
CA LYS E 294 -41.19 -26.83 -27.16
C LYS E 294 -41.49 -25.80 -26.06
N ASP E 295 -42.28 -26.21 -25.08
CA ASP E 295 -42.69 -25.29 -24.03
C ASP E 295 -41.51 -24.64 -23.33
N LEU E 296 -40.48 -25.39 -23.02
CA LEU E 296 -39.35 -24.76 -22.33
C LEU E 296 -38.71 -23.69 -23.18
N TYR E 297 -38.29 -23.99 -24.40
CA TYR E 297 -37.69 -22.99 -25.28
C TYR E 297 -38.60 -21.76 -25.36
N GLY E 298 -39.92 -21.97 -25.39
CA GLY E 298 -40.83 -20.86 -25.53
C GLY E 298 -40.81 -19.94 -24.29
N ASN E 299 -40.84 -20.50 -23.09
CA ASN E 299 -41.21 -19.73 -21.88
C ASN E 299 -40.02 -19.25 -21.03
N ILE E 300 -38.80 -19.33 -21.50
CA ILE E 300 -37.66 -18.98 -20.65
C ILE E 300 -37.96 -17.66 -19.94
N VAL E 301 -37.83 -17.64 -18.60
CA VAL E 301 -38.10 -16.45 -17.82
C VAL E 301 -36.83 -16.02 -17.12
N LEU E 302 -36.30 -14.88 -17.49
CA LEU E 302 -35.20 -14.30 -16.70
C LEU E 302 -35.73 -13.90 -15.35
N SER E 303 -34.84 -13.85 -14.38
CA SER E 303 -35.23 -13.50 -13.02
C SER E 303 -34.00 -13.09 -12.27
N GLY E 304 -34.17 -12.60 -11.05
CA GLY E 304 -33.06 -12.19 -10.22
C GLY E 304 -32.36 -10.95 -10.74
N GLY E 305 -31.60 -10.33 -9.86
CA GLY E 305 -31.00 -9.05 -10.18
C GLY E 305 -30.03 -9.11 -11.35
N THR E 306 -29.07 -10.02 -11.28
CA THR E 306 -27.92 -9.96 -12.19
C THR E 306 -28.30 -9.89 -13.66
N THR E 307 -29.53 -10.26 -13.97
CA THR E 307 -29.99 -10.19 -15.34
C THR E 307 -30.60 -8.83 -15.72
N MET E 308 -30.50 -7.84 -14.84
CA MET E 308 -31.07 -6.54 -15.14
C MET E 308 -30.31 -5.79 -16.24
N TYR E 309 -29.13 -6.27 -16.59
CA TYR E 309 -28.31 -5.57 -17.58
C TYR E 309 -29.08 -5.24 -18.84
N GLU E 310 -28.94 -4.01 -19.31
CA GLU E 310 -29.59 -3.59 -20.54
C GLU E 310 -29.15 -4.45 -21.73
N GLY E 311 -30.12 -5.08 -22.36
CA GLY E 311 -29.89 -5.85 -23.57
C GLY E 311 -29.53 -7.30 -23.36
N ILE E 312 -29.84 -7.87 -22.20
CA ILE E 312 -29.56 -9.29 -22.00
C ILE E 312 -30.54 -10.13 -22.84
N GLY E 313 -31.79 -9.71 -22.89
CA GLY E 313 -32.79 -10.46 -23.63
C GLY E 313 -32.30 -10.83 -25.05
N GLU E 314 -31.92 -9.82 -25.79
CA GLU E 314 -31.51 -10.02 -27.18
C GLU E 314 -30.37 -11.03 -27.27
N ARG E 315 -29.32 -10.82 -26.48
CA ARG E 315 -28.14 -11.69 -26.59
C ARG E 315 -28.49 -13.13 -26.21
N LEU E 316 -29.16 -13.30 -25.08
CA LEU E 316 -29.54 -14.66 -24.69
C LEU E 316 -30.37 -15.34 -25.78
N THR E 317 -31.41 -14.65 -26.26
CA THR E 317 -32.24 -15.25 -27.31
C THR E 317 -31.40 -15.67 -28.52
N ARG E 318 -30.71 -14.71 -29.14
CA ARG E 318 -29.96 -15.05 -30.33
C ARG E 318 -29.00 -16.19 -30.05
N ASP E 319 -28.46 -16.23 -28.85
CA ASP E 319 -27.43 -17.21 -28.56
C ASP E 319 -28.02 -18.63 -28.45
N ILE E 320 -29.10 -18.77 -27.68
CA ILE E 320 -29.81 -20.04 -27.65
C ILE E 320 -30.24 -20.43 -29.08
N THR E 321 -30.92 -19.53 -29.76
CA THR E 321 -31.35 -19.81 -31.13
C THR E 321 -30.20 -20.39 -31.95
N THR E 322 -29.02 -19.84 -31.82
CA THR E 322 -27.86 -20.40 -32.48
C THR E 322 -27.62 -21.83 -31.98
N LEU E 323 -27.78 -22.04 -30.66
CA LEU E 323 -27.54 -23.38 -30.14
C LEU E 323 -28.61 -24.40 -30.56
N ALA E 324 -29.86 -24.10 -30.25
CA ALA E 324 -30.96 -25.06 -30.45
C ALA E 324 -31.49 -24.99 -31.88
N PRO E 325 -32.16 -26.07 -32.33
CA PRO E 325 -32.55 -26.12 -33.75
C PRO E 325 -33.39 -24.92 -34.18
N SER E 326 -33.11 -24.40 -35.37
CA SER E 326 -33.70 -23.15 -35.85
C SER E 326 -35.23 -23.18 -35.95
N THR E 327 -35.81 -24.36 -36.12
CA THR E 327 -37.25 -24.48 -36.30
C THR E 327 -38.09 -23.86 -35.18
N MET E 328 -37.57 -23.92 -33.95
CA MET E 328 -38.32 -23.44 -32.80
C MET E 328 -38.11 -21.97 -32.55
N LYS E 329 -39.19 -21.32 -32.12
CA LYS E 329 -39.11 -19.93 -31.69
C LYS E 329 -38.69 -19.89 -30.23
N ILE E 330 -37.61 -19.15 -30.00
CA ILE E 330 -37.15 -18.90 -28.64
C ILE E 330 -37.66 -17.53 -28.19
N LYS E 331 -38.28 -17.49 -27.03
CA LYS E 331 -38.73 -16.22 -26.49
C LYS E 331 -38.33 -16.13 -25.01
N VAL E 332 -37.49 -15.16 -24.67
CA VAL E 332 -37.12 -14.94 -23.28
C VAL E 332 -38.00 -13.85 -22.70
N VAL E 333 -38.88 -14.19 -21.77
CA VAL E 333 -39.73 -13.19 -21.14
C VAL E 333 -38.95 -12.52 -20.02
N ALA E 334 -38.72 -11.22 -20.17
CA ALA E 334 -37.94 -10.44 -19.23
C ALA E 334 -38.89 -9.41 -18.60
N PRO E 335 -39.71 -9.86 -17.65
CA PRO E 335 -40.76 -8.99 -17.15
C PRO E 335 -40.16 -7.73 -16.51
N PRO E 336 -40.85 -6.57 -16.66
CA PRO E 336 -40.44 -5.40 -15.87
C PRO E 336 -40.56 -5.71 -14.38
N GLU E 337 -39.69 -5.12 -13.58
CA GLU E 337 -39.62 -5.40 -12.14
C GLU E 337 -39.41 -6.89 -11.86
N ARG E 338 -38.40 -7.45 -12.56
CA ARG E 338 -37.93 -8.83 -12.32
C ARG E 338 -36.93 -8.94 -11.18
N LYS E 339 -36.42 -7.82 -10.71
CA LYS E 339 -35.52 -7.84 -9.60
C LYS E 339 -36.20 -8.44 -8.37
N TYR E 340 -37.51 -8.22 -8.25
CA TYR E 340 -38.29 -8.74 -7.13
C TYR E 340 -39.05 -10.04 -7.40
N SER E 341 -38.86 -10.62 -8.58
CA SER E 341 -39.72 -11.74 -9.02
C SER E 341 -39.80 -12.80 -7.95
N VAL E 342 -38.67 -13.13 -7.35
CA VAL E 342 -38.64 -14.16 -6.32
C VAL E 342 -39.55 -13.74 -5.17
N TRP E 343 -39.46 -12.48 -4.76
CA TRP E 343 -40.29 -12.02 -3.65
C TRP E 343 -41.78 -12.09 -4.02
N ILE E 344 -42.14 -11.41 -5.09
CA ILE E 344 -43.54 -11.41 -5.52
C ILE E 344 -44.08 -12.86 -5.54
N GLY E 345 -43.33 -13.76 -6.15
CA GLY E 345 -43.68 -15.17 -6.08
C GLY E 345 -43.88 -15.62 -4.64
N GLY E 346 -43.11 -15.07 -3.71
CA GLY E 346 -43.32 -15.36 -2.31
C GLY E 346 -44.70 -14.89 -1.90
N SER E 347 -45.14 -13.72 -2.37
CA SER E 347 -46.45 -13.23 -2.01
C SER E 347 -47.58 -14.11 -2.57
N ILE E 348 -47.59 -14.29 -3.88
CA ILE E 348 -48.62 -15.09 -4.51
C ILE E 348 -48.67 -16.50 -3.88
N LEU E 349 -47.51 -17.13 -3.78
CA LEU E 349 -47.48 -18.46 -3.19
C LEU E 349 -48.06 -18.45 -1.79
N SER E 350 -47.50 -17.62 -0.92
CA SER E 350 -47.92 -17.64 0.49
C SER E 350 -49.39 -17.26 0.64
N SER E 351 -49.96 -16.61 -0.36
CA SER E 351 -51.35 -16.20 -0.27
C SER E 351 -52.33 -17.19 -0.83
N LEU E 352 -51.84 -18.32 -1.34
CA LEU E 352 -52.75 -19.32 -1.94
C LEU E 352 -53.43 -20.17 -0.88
N SER E 353 -54.71 -20.45 -1.09
CA SER E 353 -55.53 -21.07 -0.06
C SER E 353 -55.09 -22.54 0.18
N THR E 354 -54.65 -23.22 -0.85
CA THR E 354 -54.21 -24.60 -0.67
C THR E 354 -52.83 -24.69 -0.05
N PHE E 355 -52.00 -23.67 -0.23
CA PHE E 355 -50.62 -23.69 0.26
C PHE E 355 -50.59 -23.84 1.79
N GLN E 356 -51.61 -23.32 2.46
CA GLN E 356 -51.64 -23.28 3.91
C GLN E 356 -51.45 -24.64 4.57
N GLN E 357 -51.55 -25.71 3.80
CA GLN E 357 -51.41 -27.05 4.37
C GLN E 357 -49.93 -27.42 4.56
N MET E 358 -49.03 -26.80 3.79
CA MET E 358 -47.67 -27.27 3.71
C MET E 358 -46.72 -26.71 4.75
N TRP E 359 -47.14 -25.68 5.48
CA TRP E 359 -46.20 -25.05 6.41
C TRP E 359 -45.60 -26.09 7.37
N ILE E 360 -44.34 -25.91 7.73
CA ILE E 360 -43.74 -26.74 8.78
C ILE E 360 -44.27 -26.13 10.07
N THR E 361 -44.80 -26.96 10.96
CA THR E 361 -45.48 -26.50 12.17
C THR E 361 -44.58 -26.56 13.38
N LYS E 362 -44.74 -25.59 14.29
CA LYS E 362 -43.97 -25.57 15.51
C LYS E 362 -43.97 -26.95 16.18
N GLU E 363 -45.15 -27.52 16.34
CA GLU E 363 -45.27 -28.87 16.85
C GLU E 363 -44.41 -29.86 16.06
N GLU E 364 -44.75 -30.07 14.79
CA GLU E 364 -44.11 -31.08 13.99
C GLU E 364 -42.58 -30.99 14.09
N TYR E 365 -42.06 -29.76 14.10
CA TYR E 365 -40.63 -29.59 14.37
C TYR E 365 -40.27 -30.09 15.76
N ASP E 366 -41.03 -29.70 16.77
CA ASP E 366 -40.68 -30.09 18.14
C ASP E 366 -40.56 -31.60 18.29
N GLU E 367 -41.49 -32.35 17.73
CA GLU E 367 -41.45 -33.80 17.92
C GLU E 367 -40.48 -34.46 16.95
N SER E 368 -40.40 -33.96 15.72
CA SER E 368 -39.72 -34.68 14.64
C SER E 368 -38.26 -34.30 14.44
N GLY E 369 -37.74 -33.36 15.25
CA GLY E 369 -36.37 -32.90 15.08
C GLY E 369 -36.21 -32.00 13.88
N PRO E 370 -35.06 -31.32 13.78
CA PRO E 370 -34.87 -30.33 12.70
C PRO E 370 -34.72 -30.93 11.31
N SER E 371 -34.37 -32.21 11.24
CA SER E 371 -34.24 -32.92 9.99
C SER E 371 -35.52 -32.97 9.15
N ILE E 372 -36.72 -32.79 9.73
CA ILE E 372 -37.95 -32.85 8.93
C ILE E 372 -37.99 -31.87 7.76
N VAL E 373 -37.28 -30.75 7.87
CA VAL E 373 -37.26 -29.76 6.81
C VAL E 373 -37.10 -30.43 5.46
N HIS E 374 -36.15 -31.36 5.36
CA HIS E 374 -35.89 -32.08 4.12
C HIS E 374 -37.09 -32.76 3.51
N ARG E 375 -38.03 -33.18 4.35
CA ARG E 375 -39.24 -33.84 3.87
C ARG E 375 -40.33 -32.89 3.34
N LYS E 376 -40.48 -31.72 3.97
CA LYS E 376 -41.43 -30.70 3.50
C LYS E 376 -40.77 -29.41 2.98
N CYS E 377 -40.53 -29.37 1.67
CA CYS E 377 -39.86 -28.24 1.00
C CYS E 377 -40.64 -27.87 -0.25
PB ADP F . 12.34 -3.91 -6.15
O1B ADP F . 12.32 -2.42 -5.96
O2B ADP F . 11.02 -4.52 -6.56
O3B ADP F . 13.51 -4.46 -6.96
PA ADP F . 14.03 -4.30 -3.99
O1A ADP F . 14.66 -3.06 -4.57
O2A ADP F . 14.74 -5.62 -4.06
O3A ADP F . 12.58 -4.44 -4.66
O5' ADP F . 13.66 -4.03 -2.46
C5' ADP F . 14.60 -3.27 -1.72
C4' ADP F . 13.93 -2.93 -0.42
O4' ADP F . 13.93 -4.04 0.46
C3' ADP F . 14.62 -1.76 0.29
O3' ADP F . 14.03 -0.50 -0.01
C2' ADP F . 14.41 -2.11 1.73
O2' ADP F . 13.18 -1.54 2.20
C1' ADP F . 14.36 -3.63 1.76
N9 ADP F . 15.70 -4.22 2.00
C8 ADP F . 16.75 -4.17 1.16
N7 ADP F . 17.82 -4.81 1.67
C5 ADP F . 17.45 -5.28 2.86
C6 ADP F . 18.12 -6.06 3.93
N6 ADP F . 19.41 -6.45 3.79
N1 ADP F . 17.39 -6.36 5.02
C2 ADP F . 16.10 -5.98 5.16
N3 ADP F . 15.42 -5.26 4.23
C4 ADP F . 16.04 -4.90 3.08
MG MG G . 11.79 -6.36 -7.26
C35 9UE H . 17.44 10.42 21.92
C34 9UE H . 12.37 14.33 24.29
C33 9UE H . 11.65 13.65 25.25
C32 9UE H . 11.82 12.27 25.38
C31 9UE H . 12.69 11.60 24.52
C30 9UE H . 13.37 12.31 23.54
C29 9UE H . 13.25 13.69 23.43
C28 9UE H . 10.34 17.42 16.89
C27 9UE H . 9.00 15.67 16.87
C26 9UE H . 7.98 14.75 16.63
C25 9UE H . 7.91 13.61 17.42
C24 9UE H . 8.87 13.38 18.41
O2 9UE H . 13.50 16.71 21.01
C1 9UE H . 18.40 12.86 18.97
O1 9UE H . 16.31 12.42 23.57
C2 9UE H . 18.03 11.60 19.77
C3 9UE H . 17.72 11.75 21.24
O3 9UE H . 12.87 15.40 16.29
C4 9UE H . 16.16 13.02 22.54
C5 9UE H . 15.59 14.41 22.45
O4 9UE H . 16.06 14.80 13.23
C6 9UE H . 14.04 14.52 22.44
C23 9UE H . 9.87 14.30 18.65
C22 9UE H . 9.96 15.46 17.88
C21 9UE H . 10.82 16.60 17.87
C20 9UE H . 12.00 16.81 18.77
C19 9UE H . 15.44 15.55 18.80
C18 9UE H . 14.64 16.81 14.66
C17 9UE H . 18.72 13.94 14.78
N3 9UE H . 9.25 16.89 16.27
C16 9UE H . 18.61 10.71 16.70
C15 9UE H . 17.74 12.85 17.63
N2 9UE H . 15.58 14.63 15.45
C14 9UE H . 17.79 11.96 16.63
C13 9UE H . 16.99 12.13 15.35
C12 9UE H . 17.39 13.27 14.41
N1 9UE H . 14.14 15.60 18.13
C11 9UE H . 16.29 14.32 14.35
C10 9UE H . 15.11 15.96 15.83
C9 9UE H . 13.94 15.69 16.79
C8 9UE H . 12.93 15.60 18.98
C7 9UE H . 13.34 15.64 20.45
O5 9UE H . 11.14 11.61 26.35
BR 9UE H . 10.97 19.10 16.38
N 9UE H . 13.55 14.46 21.06
O 9UE H . 16.49 12.55 21.33
C 9UE H . 19.92 13.00 18.83
PB ADP I . 36.95 42.97 9.88
O1B ADP I . 36.83 44.36 10.43
O2B ADP I . 35.65 42.20 9.77
O3B ADP I . 37.84 42.82 8.66
PA ADP I . 39.32 42.54 11.27
O1A ADP I . 39.56 43.96 10.83
O2A ADP I . 40.11 41.38 10.70
O3A ADP I . 37.76 42.25 11.07
O5' ADP I . 39.46 42.45 12.85
C5' ADP I . 40.49 43.21 13.44
C4' ADP I . 40.28 43.16 14.93
O4' ADP I . 40.72 41.92 15.48
C3' ADP I . 41.03 44.28 15.66
O3' ADP I . 40.24 45.44 15.87
C2' ADP I . 41.38 43.63 16.97
O2' ADP I . 40.34 43.86 17.91
C1' ADP I . 41.49 42.15 16.64
N9 ADP I . 42.89 41.81 16.32
C8 ADP I . 43.59 42.24 15.24
N7 ADP I . 44.83 41.73 15.24
C5 ADP I . 44.94 40.97 16.33
C6 ADP I . 46.04 40.16 16.92
N6 ADP I . 47.24 40.07 16.31
N1 ADP I . 45.77 39.50 18.07
C2 ADP I . 44.56 39.59 18.67
N3 ADP I . 43.51 40.32 18.20
C4 ADP I . 43.66 41.01 17.04
MG MG J . 36.35 40.65 8.46
PB ADP K . -14.89 -49.79 -20.74
O1B ADP K . -14.66 -48.30 -20.83
O2B ADP K . -16.10 -50.31 -21.46
O3B ADP K . -13.66 -50.68 -20.95
PA ADP K . -14.06 -49.84 -18.13
O1A ADP K . -13.04 -48.86 -18.66
O2A ADP K . -13.63 -51.22 -17.73
O3A ADP K . -15.23 -49.96 -19.19
O5' ADP K . -14.80 -49.17 -16.88
C5' ADP K . -14.03 -48.39 -15.99
C4' ADP K . -14.99 -47.67 -15.08
O4' ADP K . -15.51 -48.53 -14.08
C3' ADP K . -14.34 -46.46 -14.41
O3' ADP K . -14.53 -45.24 -15.11
C2' ADP K . -15.06 -46.44 -13.09
O2' ADP K . -16.24 -45.62 -13.19
C1' ADP K . -15.44 -47.88 -12.81
N9 ADP K . -14.38 -48.55 -12.02
C8 ADP K . -13.12 -48.83 -12.44
N7 ADP K . -12.41 -49.46 -11.48
C5 ADP K . -13.23 -49.59 -10.43
C6 ADP K . -13.09 -50.18 -9.08
N6 ADP K . -11.93 -50.74 -8.67
N1 ADP K . -14.18 -50.12 -8.27
C2 ADP K . -15.33 -49.55 -8.66
N3 ADP K . -15.54 -48.99 -9.88
C4 ADP K . -14.53 -48.99 -10.78
MG MG L . -15.60 -52.34 -21.46
C35 9UE M . -16.06 -30.34 4.00
C34 9UE M . -20.79 -25.41 4.10
C33 9UE M . -21.87 -25.82 4.86
C32 9UE M . -22.00 -27.15 5.22
C31 9UE M . -21.06 -28.08 4.78
C30 9UE M . -20.01 -27.66 3.98
C29 9UE M . -19.84 -26.32 3.65
C28 9UE M . -19.95 -23.49 -3.90
C27 9UE M . -21.54 -25.03 -4.11
C26 9UE M . -22.58 -25.82 -4.55
C25 9UE M . -23.09 -26.77 -3.67
C24 9UE M . -22.53 -26.94 -2.42
O2 9UE M . -18.32 -23.85 1.06
C1 9UE M . -13.84 -28.64 1.23
O1 9UE M . -17.23 -27.94 4.92
C2 9UE M . -14.66 -29.68 2.01
C3 9UE M . -15.35 -29.22 3.28
O3 9UE M . -17.77 -25.91 -3.40
C4 9UE M . -16.96 -27.53 3.83
C5 9UE M . -17.20 -26.11 3.38
O4 9UE M . -14.00 -27.48 -5.16
C6 9UE M . -18.64 -25.80 2.87
C23 9UE M . -21.48 -26.14 -1.99
C22 9UE M . -20.97 -25.17 -2.84
C21 9UE M . -19.94 -24.17 -2.72
C20 9UE M . -19.05 -23.96 -1.53
C19 9UE M . -16.08 -25.65 -0.25
C18 9UE M . -15.38 -25.07 -4.56
C17 9UE M . -12.11 -28.39 -2.76
N3 9UE M . -20.90 -23.99 -4.76
C16 9UE M . -13.38 -31.17 -0.57
C15 9UE M . -14.07 -28.81 -0.25
N2 9UE M . -15.13 -27.18 -3.22
C14 9UE M . -13.90 -29.86 -1.06
C13 9UE M . -14.24 -29.82 -2.53
C12 9UE M . -13.38 -28.92 -3.44
N1 9UE M . -17.09 -25.55 -1.30
C11 9UE M . -14.20 -27.77 -3.99
C10 9UE M . -15.43 -25.75 -3.18
C9 9UE M . -16.87 -25.69 -2.63
C8 9UE M . -18.46 -25.23 -0.88
C7 9UE M . -18.51 -24.98 0.63
O5 9UE M . -23.05 -27.52 6.00
BR 9UE M . -18.91 -22.02 -4.41
N 9UE M . -18.71 -26.04 1.43
O 9UE M . -16.37 -28.25 2.87
C 9UE M . -12.35 -28.74 1.55
PB ADP N . -1.18 26.16 22.16
O1B ADP N . 0.14 26.63 22.73
O2B ADP N . -1.16 24.85 21.42
O3B ADP N . -2.39 26.29 23.10
PA ADP N . -1.90 28.79 21.44
O1A ADP N . -1.27 29.07 22.77
O2A ADP N . -3.39 28.94 21.23
O3A ADP N . -1.46 27.29 21.05
O5' ADP N . -1.19 29.65 20.31
C5' ADP N . -0.83 30.96 20.68
C4' ADP N . 0.06 31.49 19.59
O4' ADP N . -0.69 31.86 18.45
C3' ADP N . 0.88 32.69 20.03
O3' ADP N . 2.17 32.38 20.53
C2' ADP N . 0.97 33.49 18.77
O2' ADP N . 2.15 33.10 18.05
C1' ADP N . -0.28 33.14 17.99
N9 ADP N . -1.35 34.09 18.28
C8 ADP N . -1.99 34.24 19.48
N7 ADP N . -2.94 35.20 19.40
C5 ADP N . -2.92 35.67 18.15
C6 ADP N . -3.68 36.71 17.41
N6 ADP N . -4.66 37.43 18.03
N1 ADP N . -3.36 36.90 16.12
C2 ADP N . -2.39 36.17 15.52
N3 ADP N . -1.64 35.21 16.11
C4 ADP N . -1.87 34.93 17.40
MG MG O . -3.32 24.46 21.29
PB ADP P . -30.44 -12.30 -4.74
O1B ADP P . -29.29 -11.91 -3.84
O2B ADP P . -30.44 -13.76 -5.17
O3B ADP P . -31.81 -11.81 -4.33
PA ADP P . -30.34 -9.90 -6.11
O1A ADP P . -30.10 -9.39 -4.72
O2A ADP P . -31.61 -9.60 -6.85
O3A ADP P . -30.10 -11.48 -6.07
O5' ADP P . -29.14 -9.42 -7.05
C5' ADP P . -28.65 -8.11 -6.86
C4' ADP P . -27.37 -7.99 -7.66
O4' ADP P . -27.66 -7.81 -9.04
C3' ADP P . -26.51 -6.83 -7.18
O3' ADP P . -25.53 -7.19 -6.23
C2' ADP P . -25.87 -6.38 -8.47
O2' ADP P . -24.63 -7.09 -8.64
C1' ADP P . -26.87 -6.75 -9.55
N9 ADP P . -27.76 -5.63 -9.83
C8 ADP P . -28.69 -5.12 -8.98
N7 ADP P . -29.35 -4.09 -9.56
C5 ADP P . -28.86 -3.94 -10.79
C6 ADP P . -29.13 -3.02 -11.92
N6 ADP P . -30.09 -2.06 -11.83
N1 ADP P . -28.40 -3.19 -13.03
C2 ADP P . -27.45 -4.14 -13.13
N3 ADP P . -27.14 -5.02 -12.15
C4 ADP P . -27.82 -4.96 -10.97
MG MG Q . -32.43 -13.91 -5.84
C35 9UE R . -7.57 8.53 -12.94
C34 9UE R . -1.15 6.17 -12.93
C33 9UE R . -0.76 5.88 -14.22
C32 9UE R . -1.71 5.79 -15.23
C31 9UE R . -3.06 5.98 -14.93
C30 9UE R . -3.44 6.24 -13.62
C29 9UE R . -2.50 6.37 -12.61
C28 9UE R . -2.12 1.54 -6.14
C27 9UE R . -2.70 0.03 -7.64
C26 9UE R . -2.96 -1.15 -8.34
C25 9UE R . -3.28 -1.06 -9.68
C24 9UE R . -3.36 0.17 -10.32
O2 9UE R . -1.87 6.06 -8.78
C1 9UE R . -7.97 8.45 -9.02
O1 9UE R . -4.76 8.78 -12.93
C2 9UE R . -8.23 8.25 -10.53
C3 9UE R . -7.17 8.71 -11.51
O3 9UE R . -5.06 2.98 -6.60
C4 9UE R . -4.84 8.28 -11.84
C5 9UE R . -3.67 8.05 -10.92
O4 9UE R . -8.67 4.10 -4.25
C6 9UE R . -2.85 6.75 -11.18
C23 9UE R . -3.07 1.34 -9.62
C22 9UE R . -2.74 1.28 -8.28
C21 9UE R . -2.38 2.25 -7.29
C20 9UE R . -2.31 3.74 -7.50
C19 9UE R . -4.81 6.40 -7.67
C18 9UE R . -5.83 3.99 -4.12
C17 9UE R . -9.68 6.93 -5.34
N3 9UE R . -2.31 0.21 -6.33
C16 9UE R . -10.79 7.08 -8.92
C15 9UE R . -8.40 7.23 -8.25
N2 9UE R . -7.35 4.72 -5.99
C14 9UE R . -9.58 6.60 -8.18
C13 9UE R . -9.78 5.35 -7.36
C12 9UE R . -9.71 5.48 -5.83
N1 9UE R . -4.51 4.98 -7.45
C11 9UE R . -8.50 4.73 -5.29
C10 9UE R . -6.00 4.79 -5.42
C9 9UE R . -5.10 4.19 -6.52
C8 9UE R . -3.46 4.38 -8.30
C7 9UE R . -2.84 5.43 -9.19
O5 9UE R . -1.30 5.54 -16.50
BR 9UE R . -1.55 2.18 -4.49
N 9UE R . -3.40 5.66 -10.38
O 9UE R . -5.98 7.89 -11.27
C 9UE R . -8.69 9.69 -8.51
#